data_6FFU
#
_entry.id   6FFU
#
_entity_poly.entity_id   1
_entity_poly.type   'polypeptide(L)'
_entity_poly.pdbx_seq_one_letter_code
;SGEYTEIALPFSYDGAGEYYWKTDQFSTDPNDWSRYVNSWNLDLLEINGTDYTNVWVAQHQIPAASDGYWYIHYKSGVSW
GHVEIK
;
_entity_poly.pdbx_strand_id   A
#
# COMPACT_ATOMS: atom_id res chain seq x y z
N SER A 1 10.46 9.34 6.50
CA SER A 1 10.94 8.02 6.03
C SER A 1 11.22 8.01 4.52
N GLY A 2 11.84 6.94 4.00
CA GLY A 2 12.22 6.79 2.58
C GLY A 2 13.07 5.54 2.30
N GLU A 3 13.56 5.40 1.06
CA GLU A 3 14.38 4.27 0.55
C GLU A 3 13.66 2.91 0.64
N TYR A 4 12.74 2.64 -0.28
CA TYR A 4 11.98 1.39 -0.34
C TYR A 4 12.72 0.07 -0.62
N THR A 5 12.30 -0.98 0.10
CA THR A 5 12.50 -2.42 -0.20
C THR A 5 11.34 -3.05 -0.99
N GLU A 6 11.59 -4.13 -1.72
CA GLU A 6 10.55 -5.01 -2.30
C GLU A 6 9.72 -5.75 -1.23
N ILE A 7 8.42 -5.95 -1.49
CA ILE A 7 7.53 -6.82 -0.70
C ILE A 7 6.82 -7.89 -1.56
N ALA A 8 6.19 -8.86 -0.90
CA ALA A 8 5.49 -10.01 -1.50
C ALA A 8 4.03 -10.13 -1.02
N LEU A 9 3.11 -10.50 -1.92
CA LEU A 9 1.66 -10.55 -1.67
C LEU A 9 1.21 -11.96 -1.19
N PRO A 10 0.18 -12.08 -0.34
CA PRO A 10 -0.46 -11.00 0.41
C PRO A 10 0.50 -10.43 1.47
N PHE A 11 0.39 -9.12 1.72
CA PHE A 11 1.23 -8.39 2.66
C PHE A 11 0.44 -7.77 3.83
N SER A 12 1.04 -7.70 5.01
CA SER A 12 0.50 -6.97 6.16
C SER A 12 1.59 -6.39 7.05
N TYR A 13 1.30 -5.20 7.59
CA TYR A 13 2.16 -4.38 8.45
C TYR A 13 1.48 -3.94 9.75
N ASP A 14 2.21 -3.85 10.87
CA ASP A 14 1.67 -3.45 12.17
C ASP A 14 2.62 -2.65 13.08
N GLY A 15 2.08 -1.98 14.09
CA GLY A 15 2.82 -1.32 15.16
C GLY A 15 3.32 0.07 14.80
N ALA A 16 3.21 0.99 15.76
CA ALA A 16 3.59 2.38 15.66
C ALA A 16 4.99 2.61 15.04
N GLY A 17 5.01 3.25 13.87
CA GLY A 17 6.19 3.57 13.07
C GLY A 17 5.85 3.98 11.64
N GLU A 18 6.80 4.56 10.90
CA GLU A 18 6.59 5.19 9.59
C GLU A 18 7.53 4.62 8.50
N TYR A 19 6.99 4.24 7.34
CA TYR A 19 7.68 3.49 6.29
C TYR A 19 7.34 3.81 4.82
N TYR A 20 8.27 3.48 3.93
CA TYR A 20 8.01 3.13 2.53
C TYR A 20 8.28 1.64 2.18
N TRP A 21 7.57 1.07 1.19
CA TRP A 21 7.91 -0.20 0.51
C TRP A 21 7.50 -0.17 -0.98
N LYS A 22 8.08 -1.01 -1.85
CA LYS A 22 7.70 -1.13 -3.28
C LYS A 22 7.22 -2.53 -3.67
N THR A 23 6.45 -2.61 -4.76
CA THR A 23 6.12 -3.88 -5.43
C THR A 23 5.82 -3.74 -6.92
N ASP A 24 5.88 -4.86 -7.64
CA ASP A 24 5.52 -5.03 -9.06
C ASP A 24 4.55 -6.19 -9.35
N GLN A 25 4.17 -6.94 -8.30
CA GLN A 25 3.23 -8.08 -8.37
C GLN A 25 1.76 -7.65 -8.46
N PHE A 26 1.46 -6.39 -8.11
CA PHE A 26 0.15 -5.75 -8.39
C PHE A 26 -0.56 -6.16 -9.68
N SER A 27 -1.79 -6.67 -9.59
CA SER A 27 -2.58 -6.97 -10.79
C SER A 27 -2.98 -5.69 -11.53
N THR A 28 -3.00 -5.72 -12.86
CA THR A 28 -3.47 -4.63 -13.73
C THR A 28 -4.89 -4.80 -14.28
N ASP A 29 -5.49 -5.98 -14.09
CA ASP A 29 -6.70 -6.42 -14.77
C ASP A 29 -8.02 -5.75 -14.33
N PRO A 30 -8.89 -5.29 -15.25
CA PRO A 30 -10.14 -4.59 -14.91
C PRO A 30 -11.17 -5.46 -14.18
N ASN A 31 -10.96 -6.78 -14.11
CA ASN A 31 -11.76 -7.74 -13.36
C ASN A 31 -11.42 -7.79 -11.86
N ASP A 32 -10.18 -7.41 -11.51
CA ASP A 32 -9.53 -7.65 -10.22
C ASP A 32 -9.90 -6.70 -9.06
N TRP A 33 -11.20 -6.50 -8.83
CA TRP A 33 -11.76 -5.78 -7.67
C TRP A 33 -11.47 -6.42 -6.30
N SER A 34 -11.27 -7.74 -6.27
CA SER A 34 -10.88 -8.51 -5.07
C SER A 34 -9.40 -8.40 -4.66
N ARG A 35 -8.59 -7.61 -5.37
CA ARG A 35 -7.20 -7.29 -5.00
C ARG A 35 -7.08 -5.80 -4.65
N TYR A 36 -6.82 -5.48 -3.38
CA TYR A 36 -6.88 -4.10 -2.88
C TYR A 36 -6.01 -3.81 -1.64
N VAL A 37 -5.71 -2.53 -1.41
CA VAL A 37 -5.35 -1.96 -0.10
C VAL A 37 -6.59 -1.42 0.62
N ASN A 38 -6.68 -1.60 1.94
CA ASN A 38 -7.68 -0.95 2.79
C ASN A 38 -7.18 -0.75 4.24
N SER A 39 -7.51 0.39 4.84
CA SER A 39 -7.01 0.85 6.14
C SER A 39 -8.07 1.60 6.96
N TRP A 40 -7.86 1.60 8.28
CA TRP A 40 -8.80 2.13 9.29
C TRP A 40 -8.10 2.86 10.44
N ASN A 41 -7.06 2.26 11.01
CA ASN A 41 -6.30 2.79 12.15
C ASN A 41 -5.11 3.70 11.77
N LEU A 42 -4.59 3.60 10.53
CA LEU A 42 -3.38 4.28 10.07
C LEU A 42 -3.57 5.79 9.95
N ASP A 43 -2.60 6.55 10.47
CA ASP A 43 -2.49 8.00 10.35
C ASP A 43 -2.26 8.48 8.90
N LEU A 44 -1.57 7.65 8.10
CA LEU A 44 -1.33 7.89 6.67
C LEU A 44 -1.09 6.60 5.89
N LEU A 45 -1.65 6.57 4.69
CA LEU A 45 -1.37 5.62 3.63
C LEU A 45 -1.42 6.38 2.30
N GLU A 46 -0.30 6.42 1.59
CA GLU A 46 -0.21 6.93 0.20
C GLU A 46 0.35 5.89 -0.77
N ILE A 47 -0.18 5.82 -2.00
CA ILE A 47 0.33 4.98 -3.09
C ILE A 47 0.60 5.85 -4.31
N ASN A 48 1.88 5.90 -4.72
CA ASN A 48 2.39 6.76 -5.79
C ASN A 48 1.94 8.22 -5.67
N GLY A 49 1.93 8.75 -4.45
CA GLY A 49 1.66 10.15 -4.18
C GLY A 49 0.17 10.52 -4.20
N THR A 50 -0.73 9.56 -3.99
CA THR A 50 -2.15 9.77 -3.66
C THR A 50 -2.51 9.13 -2.31
N ASP A 51 -3.14 9.88 -1.41
CA ASP A 51 -3.63 9.37 -0.11
C ASP A 51 -4.93 8.54 -0.15
N TYR A 52 -4.95 7.43 0.60
CA TYR A 52 -6.05 6.46 0.70
C TYR A 52 -6.31 5.94 2.14
N THR A 53 -5.70 6.54 3.16
CA THR A 53 -5.76 6.07 4.57
C THR A 53 -7.14 5.81 5.16
N ASN A 54 -8.12 6.61 4.79
CA ASN A 54 -9.51 6.51 5.26
C ASN A 54 -10.44 5.75 4.26
N VAL A 55 -9.90 5.06 3.26
CA VAL A 55 -10.68 4.35 2.22
C VAL A 55 -10.08 2.99 1.78
N TRP A 56 -10.59 2.40 0.69
CA TRP A 56 -9.97 1.28 -0.03
C TRP A 56 -9.56 1.72 -1.45
N VAL A 57 -8.58 1.03 -2.04
CA VAL A 57 -8.19 1.19 -3.47
C VAL A 57 -7.72 -0.14 -4.06
N ALA A 58 -8.14 -0.45 -5.29
CA ALA A 58 -7.78 -1.70 -5.95
C ALA A 58 -6.42 -1.59 -6.66
N GLN A 59 -5.64 -2.67 -6.74
CA GLN A 59 -4.32 -2.61 -7.39
C GLN A 59 -4.47 -2.25 -8.88
N HIS A 60 -5.50 -2.78 -9.53
CA HIS A 60 -5.79 -2.53 -10.94
C HIS A 60 -6.14 -1.06 -11.23
N GLN A 61 -6.50 -0.28 -10.20
CA GLN A 61 -6.82 1.15 -10.36
C GLN A 61 -5.60 2.04 -10.59
N ILE A 62 -4.38 1.61 -10.24
CA ILE A 62 -3.22 2.51 -10.11
C ILE A 62 -2.19 2.26 -11.24
N PRO A 63 -1.71 3.31 -11.95
CA PRO A 63 -0.63 3.16 -12.93
C PRO A 63 0.75 2.95 -12.28
N ALA A 64 1.60 2.13 -12.89
CA ALA A 64 2.99 1.90 -12.45
C ALA A 64 3.91 3.13 -12.67
N ALA A 65 5.06 3.15 -12.01
CA ALA A 65 6.18 4.06 -12.29
C ALA A 65 6.86 3.77 -13.64
N SER A 66 7.66 4.71 -14.16
CA SER A 66 8.36 4.56 -15.45
C SER A 66 9.37 3.41 -15.46
N ASP A 67 10.04 3.13 -14.33
CA ASP A 67 10.87 1.94 -14.11
C ASP A 67 10.10 0.62 -13.80
N GLY A 68 8.78 0.69 -13.64
CA GLY A 68 7.85 -0.44 -13.79
C GLY A 68 7.20 -1.00 -12.52
N TYR A 69 7.15 -0.23 -11.43
CA TYR A 69 6.70 -0.69 -10.12
C TYR A 69 5.88 0.38 -9.37
N TRP A 70 5.21 0.00 -8.27
CA TRP A 70 4.41 0.87 -7.40
C TRP A 70 5.14 1.22 -6.10
N TYR A 71 4.94 2.42 -5.57
CA TYR A 71 5.55 2.90 -4.31
C TYR A 71 4.39 3.00 -3.30
N ILE A 72 4.58 2.44 -2.10
CA ILE A 72 3.59 2.50 -1.01
C ILE A 72 4.23 3.14 0.24
N HIS A 73 3.50 4.04 0.91
CA HIS A 73 3.88 4.75 2.12
C HIS A 73 2.85 4.50 3.21
N TYR A 74 3.31 4.32 4.46
CA TYR A 74 2.50 3.96 5.63
C TYR A 74 2.99 4.80 6.82
N LYS A 75 2.07 5.17 7.71
CA LYS A 75 2.38 5.67 9.07
C LYS A 75 1.38 5.15 10.09
N SER A 76 1.91 4.63 11.20
CA SER A 76 1.13 4.18 12.35
C SER A 76 1.57 4.90 13.63
N GLY A 77 0.62 5.14 14.53
CA GLY A 77 0.80 5.85 15.80
C GLY A 77 0.50 5.00 17.04
N VAL A 78 0.16 3.72 16.86
CA VAL A 78 -0.46 2.87 17.90
C VAL A 78 0.00 1.41 17.75
N SER A 79 0.05 0.70 18.86
CA SER A 79 0.42 -0.73 18.98
C SER A 79 -0.60 -1.70 18.38
N TRP A 80 -1.85 -1.25 18.21
CA TRP A 80 -2.94 -2.03 17.61
C TRP A 80 -3.13 -1.75 16.11
N GLY A 81 -2.46 -0.71 15.59
CA GLY A 81 -2.52 -0.30 14.19
C GLY A 81 -1.92 -1.33 13.26
N HIS A 82 -2.72 -1.79 12.30
CA HIS A 82 -2.37 -2.80 11.29
C HIS A 82 -2.90 -2.41 9.90
N VAL A 83 -2.37 -3.00 8.83
CA VAL A 83 -2.90 -2.91 7.45
C VAL A 83 -2.72 -4.17 6.61
N GLU A 84 -3.48 -4.31 5.52
CA GLU A 84 -3.48 -5.49 4.66
C GLU A 84 -3.55 -5.14 3.17
N ILE A 85 -2.78 -5.85 2.36
CA ILE A 85 -2.71 -5.73 0.89
C ILE A 85 -2.85 -7.12 0.23
N LYS A 86 -3.73 -7.25 -0.77
CA LYS A 86 -3.97 -8.47 -1.56
C LYS A 86 -3.46 -8.39 -3.01
N SER A 1 12.62 6.95 7.21
CA SER A 1 12.46 5.73 6.43
C SER A 1 12.47 6.05 4.93
N GLY A 2 13.21 5.28 4.14
CA GLY A 2 13.42 5.52 2.71
C GLY A 2 14.20 4.41 1.99
N GLU A 3 14.59 4.66 0.73
CA GLU A 3 15.32 3.71 -0.14
C GLU A 3 14.56 2.38 -0.31
N TYR A 4 13.30 2.46 -0.75
CA TYR A 4 12.31 1.37 -0.71
C TYR A 4 12.64 0.03 -1.39
N THR A 5 12.37 -1.06 -0.69
CA THR A 5 12.66 -2.45 -1.10
C THR A 5 11.43 -3.21 -1.61
N GLU A 6 11.63 -4.18 -2.50
CA GLU A 6 10.57 -5.03 -3.05
C GLU A 6 9.94 -5.99 -2.03
N ILE A 7 8.61 -5.99 -1.95
CA ILE A 7 7.79 -6.91 -1.14
C ILE A 7 6.95 -7.86 -2.00
N ALA A 8 6.49 -8.94 -1.37
CA ALA A 8 5.72 -10.03 -1.98
C ALA A 8 4.32 -10.19 -1.34
N LEU A 9 3.31 -10.57 -2.13
CA LEU A 9 1.89 -10.61 -1.72
C LEU A 9 1.44 -12.04 -1.31
N PRO A 10 0.38 -12.18 -0.49
CA PRO A 10 -0.29 -11.14 0.29
C PRO A 10 0.59 -10.65 1.45
N PHE A 11 0.43 -9.37 1.83
CA PHE A 11 1.32 -8.64 2.73
C PHE A 11 0.64 -8.02 3.96
N SER A 12 1.40 -7.70 5.02
CA SER A 12 0.91 -7.14 6.28
C SER A 12 1.93 -6.19 6.93
N TYR A 13 1.44 -5.19 7.66
CA TYR A 13 2.21 -4.24 8.49
C TYR A 13 1.51 -3.82 9.79
N ASP A 14 2.23 -3.56 10.88
CA ASP A 14 1.65 -3.17 12.18
C ASP A 14 2.52 -2.30 13.11
N GLY A 15 1.92 -1.57 14.05
CA GLY A 15 2.60 -0.82 15.10
C GLY A 15 2.87 0.64 14.74
N ALA A 16 2.86 1.50 15.75
CA ALA A 16 3.10 2.93 15.67
C ALA A 16 4.50 3.24 15.10
N GLY A 17 4.55 3.79 13.89
CA GLY A 17 5.78 4.14 13.18
C GLY A 17 5.55 4.47 11.70
N GLU A 18 6.56 5.03 11.05
CA GLU A 18 6.53 5.42 9.63
C GLU A 18 7.47 4.54 8.78
N TYR A 19 6.98 4.02 7.66
CA TYR A 19 7.60 2.99 6.81
C TYR A 19 7.44 3.19 5.28
N TYR A 20 8.29 2.55 4.48
CA TYR A 20 8.25 2.65 3.01
C TYR A 20 8.66 1.31 2.36
N TRP A 21 7.97 0.90 1.30
CA TRP A 21 8.24 -0.30 0.47
C TRP A 21 7.87 -0.13 -1.02
N LYS A 22 8.25 -1.07 -1.90
CA LYS A 22 7.79 -1.14 -3.31
C LYS A 22 7.33 -2.54 -3.73
N THR A 23 6.57 -2.67 -4.83
CA THR A 23 6.18 -3.96 -5.44
C THR A 23 5.83 -3.89 -6.94
N ASP A 24 5.79 -5.06 -7.59
CA ASP A 24 5.49 -5.24 -9.03
C ASP A 24 4.40 -6.29 -9.36
N GLN A 25 3.85 -6.91 -8.31
CA GLN A 25 2.83 -7.99 -8.40
C GLN A 25 1.39 -7.47 -8.39
N PHE A 26 1.19 -6.18 -8.10
CA PHE A 26 -0.10 -5.48 -8.25
C PHE A 26 -0.95 -5.89 -9.45
N SER A 27 -2.13 -6.48 -9.19
CA SER A 27 -3.00 -6.93 -10.29
C SER A 27 -3.72 -5.76 -10.96
N THR A 28 -3.38 -5.52 -12.23
CA THR A 28 -3.96 -4.47 -13.08
C THR A 28 -5.27 -4.81 -13.80
N ASP A 29 -5.75 -6.05 -13.65
CA ASP A 29 -6.90 -6.58 -14.34
C ASP A 29 -8.28 -6.04 -13.89
N PRO A 30 -9.21 -5.69 -14.80
CA PRO A 30 -10.54 -5.17 -14.44
C PRO A 30 -11.46 -6.20 -13.74
N ASN A 31 -11.02 -7.45 -13.60
CA ASN A 31 -11.68 -8.51 -12.84
C ASN A 31 -11.23 -8.61 -11.37
N ASP A 32 -10.14 -7.93 -11.02
CA ASP A 32 -9.38 -8.11 -9.77
C ASP A 32 -9.63 -7.08 -8.64
N TRP A 33 -10.83 -6.52 -8.58
CA TRP A 33 -11.28 -5.54 -7.58
C TRP A 33 -11.17 -5.98 -6.11
N SER A 34 -11.28 -7.29 -5.85
CA SER A 34 -11.09 -7.88 -4.52
C SER A 34 -9.62 -7.98 -4.09
N ARG A 35 -8.65 -7.77 -4.99
CA ARG A 35 -7.21 -7.63 -4.69
C ARG A 35 -6.92 -6.18 -4.26
N TYR A 36 -7.51 -5.75 -3.14
CA TYR A 36 -7.43 -4.36 -2.69
C TYR A 36 -6.13 -3.93 -2.00
N VAL A 37 -5.96 -2.61 -1.86
CA VAL A 37 -5.42 -1.97 -0.66
C VAL A 37 -6.53 -1.31 0.16
N ASN A 38 -6.51 -1.43 1.49
CA ASN A 38 -7.53 -0.83 2.37
C ASN A 38 -7.05 -0.65 3.82
N SER A 39 -7.53 0.37 4.53
CA SER A 39 -7.15 0.71 5.90
C SER A 39 -8.24 1.42 6.72
N TRP A 40 -8.11 1.32 8.04
CA TRP A 40 -9.11 1.73 9.05
C TRP A 40 -8.52 2.43 10.28
N ASN A 41 -7.33 2.02 10.73
CA ASN A 41 -6.58 2.64 11.84
C ASN A 41 -5.48 3.62 11.41
N LEU A 42 -4.94 3.47 10.18
CA LEU A 42 -3.71 4.15 9.74
C LEU A 42 -3.87 5.67 9.71
N ASP A 43 -2.83 6.37 10.17
CA ASP A 43 -2.72 7.83 10.06
C ASP A 43 -2.54 8.31 8.63
N LEU A 44 -1.81 7.52 7.82
CA LEU A 44 -1.49 7.79 6.41
C LEU A 44 -1.11 6.50 5.67
N LEU A 45 -1.57 6.44 4.42
CA LEU A 45 -1.25 5.43 3.43
C LEU A 45 -1.28 6.11 2.06
N GLU A 46 -0.13 6.22 1.40
CA GLU A 46 -0.02 6.68 0.01
C GLU A 46 0.60 5.62 -0.89
N ILE A 47 0.14 5.55 -2.15
CA ILE A 47 0.65 4.64 -3.19
C ILE A 47 0.95 5.46 -4.43
N ASN A 48 2.22 5.44 -4.90
CA ASN A 48 2.71 6.28 -5.99
C ASN A 48 2.34 7.77 -5.83
N GLY A 49 2.36 8.25 -4.58
CA GLY A 49 2.12 9.65 -4.21
C GLY A 49 0.66 10.02 -4.01
N THR A 50 -0.29 9.08 -4.14
CA THR A 50 -1.73 9.31 -3.96
C THR A 50 -2.24 8.70 -2.67
N ASP A 51 -2.90 9.52 -1.84
CA ASP A 51 -3.43 9.15 -0.53
C ASP A 51 -4.76 8.35 -0.51
N TYR A 52 -4.75 7.20 0.18
CA TYR A 52 -5.85 6.24 0.28
C TYR A 52 -6.18 5.73 1.71
N THR A 53 -5.55 6.31 2.73
CA THR A 53 -5.69 5.92 4.15
C THR A 53 -7.09 5.80 4.72
N ASN A 54 -8.01 6.69 4.31
CA ASN A 54 -9.40 6.67 4.76
C ASN A 54 -10.25 5.57 4.10
N VAL A 55 -9.77 4.92 3.02
CA VAL A 55 -10.64 4.28 2.01
C VAL A 55 -10.12 2.92 1.48
N TRP A 56 -10.89 2.28 0.61
CA TRP A 56 -10.49 1.13 -0.20
C TRP A 56 -10.02 1.61 -1.59
N VAL A 57 -9.10 0.86 -2.20
CA VAL A 57 -8.64 1.08 -3.59
C VAL A 57 -8.21 -0.24 -4.23
N ALA A 58 -8.54 -0.47 -5.50
CA ALA A 58 -8.08 -1.64 -6.24
C ALA A 58 -6.65 -1.41 -6.76
N GLN A 59 -5.81 -2.46 -6.78
CA GLN A 59 -4.49 -2.40 -7.45
C GLN A 59 -4.59 -1.98 -8.94
N HIS A 60 -5.70 -2.32 -9.60
CA HIS A 60 -6.09 -1.90 -10.96
C HIS A 60 -6.34 -0.38 -11.13
N GLN A 61 -6.65 0.34 -10.05
CA GLN A 61 -6.96 1.79 -10.10
C GLN A 61 -5.73 2.72 -10.08
N ILE A 62 -4.51 2.20 -9.86
CA ILE A 62 -3.32 3.02 -9.62
C ILE A 62 -2.25 2.83 -10.71
N PRO A 63 -1.76 3.90 -11.38
CA PRO A 63 -0.69 3.80 -12.37
C PRO A 63 0.67 3.47 -11.76
N ALA A 64 1.54 2.79 -12.52
CA ALA A 64 2.92 2.50 -12.15
C ALA A 64 3.86 3.73 -12.14
N ALA A 65 5.07 3.55 -11.62
CA ALA A 65 6.14 4.54 -11.60
C ALA A 65 6.84 4.70 -12.97
N SER A 66 7.77 5.64 -13.07
CA SER A 66 8.59 5.86 -14.27
C SER A 66 9.47 4.64 -14.60
N ASP A 67 10.06 4.01 -13.58
CA ASP A 67 10.70 2.68 -13.63
C ASP A 67 9.78 1.45 -13.38
N GLY A 68 8.46 1.66 -13.40
CA GLY A 68 7.48 0.60 -13.69
C GLY A 68 6.87 -0.17 -12.51
N TYR A 69 7.28 0.12 -11.27
CA TYR A 69 6.71 -0.45 -10.03
C TYR A 69 5.70 0.42 -9.28
N TRP A 70 5.21 -0.01 -8.12
CA TRP A 70 4.48 0.84 -7.18
C TRP A 70 5.22 0.99 -5.85
N TYR A 71 5.50 2.22 -5.43
CA TYR A 71 5.91 2.56 -4.08
C TYR A 71 4.72 2.77 -3.13
N ILE A 72 4.87 2.32 -1.87
CA ILE A 72 3.85 2.33 -0.83
C ILE A 72 4.46 2.93 0.45
N HIS A 73 3.81 3.96 0.99
CA HIS A 73 4.19 4.71 2.19
C HIS A 73 3.13 4.51 3.27
N TYR A 74 3.57 4.26 4.50
CA TYR A 74 2.71 3.90 5.63
C TYR A 74 3.09 4.78 6.82
N LYS A 75 2.09 5.23 7.58
CA LYS A 75 2.27 5.78 8.94
C LYS A 75 1.17 5.30 9.88
N SER A 76 1.60 4.93 11.07
CA SER A 76 0.74 4.52 12.19
C SER A 76 1.15 5.23 13.48
N GLY A 77 0.23 5.35 14.44
CA GLY A 77 0.41 6.06 15.71
C GLY A 77 0.06 5.25 16.95
N VAL A 78 -0.36 3.98 16.78
CA VAL A 78 -0.89 3.10 17.84
C VAL A 78 -0.37 1.68 17.62
N SER A 79 -0.23 0.89 18.69
CA SER A 79 0.34 -0.46 18.62
C SER A 79 -0.57 -1.48 17.92
N TRP A 80 -1.88 -1.28 17.99
CA TRP A 80 -2.88 -2.13 17.31
C TRP A 80 -3.12 -1.79 15.84
N GLY A 81 -2.62 -0.62 15.43
CA GLY A 81 -2.70 -0.12 14.08
C GLY A 81 -1.96 -1.00 13.10
N HIS A 82 -2.73 -1.67 12.23
CA HIS A 82 -2.24 -2.61 11.23
C HIS A 82 -2.82 -2.32 9.84
N VAL A 83 -2.25 -2.96 8.82
CA VAL A 83 -2.80 -3.01 7.46
C VAL A 83 -2.49 -4.30 6.73
N GLU A 84 -3.28 -4.61 5.71
CA GLU A 84 -3.18 -5.82 4.90
C GLU A 84 -3.40 -5.52 3.41
N ILE A 85 -2.59 -6.15 2.54
CA ILE A 85 -2.66 -6.02 1.07
C ILE A 85 -2.77 -7.41 0.41
N LYS A 86 -3.59 -7.52 -0.64
CA LYS A 86 -4.16 -8.79 -1.14
C LYS A 86 -3.63 -9.27 -2.50
N SER A 1 14.43 11.72 4.70
CA SER A 1 15.11 10.94 3.66
C SER A 1 14.71 9.47 3.72
N GLY A 2 14.54 8.83 2.55
CA GLY A 2 14.31 7.39 2.43
C GLY A 2 14.46 6.85 1.00
N GLU A 3 14.56 5.53 0.87
CA GLU A 3 14.62 4.78 -0.39
C GLU A 3 14.14 3.33 -0.15
N TYR A 4 13.35 2.80 -1.07
CA TYR A 4 12.56 1.57 -0.91
C TYR A 4 13.16 0.20 -1.24
N THR A 5 12.79 -0.79 -0.42
CA THR A 5 12.97 -2.24 -0.65
C THR A 5 11.79 -2.90 -1.35
N GLU A 6 12.05 -3.86 -2.24
CA GLU A 6 11.00 -4.69 -2.87
C GLU A 6 10.40 -5.71 -1.91
N ILE A 7 9.05 -5.73 -1.83
CA ILE A 7 8.25 -6.70 -1.04
C ILE A 7 7.55 -7.73 -1.95
N ALA A 8 6.77 -8.64 -1.37
CA ALA A 8 5.97 -9.64 -2.08
C ALA A 8 4.53 -9.72 -1.52
N LEU A 9 3.58 -10.26 -2.29
CA LEU A 9 2.17 -10.40 -1.90
C LEU A 9 1.86 -11.84 -1.41
N PRO A 10 0.81 -12.04 -0.58
CA PRO A 10 0.08 -11.00 0.16
C PRO A 10 0.95 -10.37 1.25
N PHE A 11 0.62 -9.14 1.66
CA PHE A 11 1.39 -8.34 2.60
C PHE A 11 0.54 -7.74 3.73
N SER A 12 1.11 -7.57 4.92
CA SER A 12 0.46 -6.87 6.02
C SER A 12 1.46 -6.16 6.94
N TYR A 13 0.97 -5.13 7.64
CA TYR A 13 1.71 -4.23 8.51
C TYR A 13 0.95 -3.79 9.76
N ASP A 14 1.59 -3.68 10.93
CA ASP A 14 0.94 -3.31 12.19
C ASP A 14 1.81 -2.60 13.26
N GLY A 15 1.18 -1.85 14.19
CA GLY A 15 1.86 -1.10 15.23
C GLY A 15 2.34 0.28 14.75
N ALA A 16 2.40 1.21 15.70
CA ALA A 16 2.87 2.56 15.53
C ALA A 16 4.33 2.59 15.03
N GLY A 17 4.55 3.24 13.88
CA GLY A 17 5.83 3.33 13.17
C GLY A 17 5.67 3.82 11.73
N GLU A 18 6.77 4.14 11.05
CA GLU A 18 6.78 4.79 9.73
C GLU A 18 7.74 4.11 8.73
N TYR A 19 7.26 3.76 7.53
CA TYR A 19 7.92 2.87 6.57
C TYR A 19 7.74 3.23 5.08
N TYR A 20 8.60 2.70 4.20
CA TYR A 20 8.52 2.93 2.75
C TYR A 20 9.00 1.63 2.08
N TRP A 21 8.22 1.11 1.12
CA TRP A 21 8.48 -0.12 0.36
C TRP A 21 8.02 0.00 -1.11
N LYS A 22 8.51 -0.87 -2.01
CA LYS A 22 8.02 -0.97 -3.40
C LYS A 22 7.54 -2.38 -3.77
N THR A 23 6.70 -2.49 -4.80
CA THR A 23 6.15 -3.77 -5.27
C THR A 23 5.96 -3.79 -6.78
N ASP A 24 6.17 -4.96 -7.36
CA ASP A 24 6.09 -5.27 -8.80
C ASP A 24 4.98 -6.30 -9.14
N GLN A 25 4.07 -6.57 -8.19
CA GLN A 25 3.13 -7.70 -8.24
C GLN A 25 1.65 -7.30 -8.29
N PHE A 26 1.32 -6.02 -8.07
CA PHE A 26 -0.03 -5.46 -8.20
C PHE A 26 -0.90 -5.91 -9.38
N SER A 27 -2.20 -6.17 -9.13
CA SER A 27 -3.20 -6.45 -10.17
C SER A 27 -3.41 -5.28 -11.15
N THR A 28 -3.79 -5.59 -12.39
CA THR A 28 -3.93 -4.66 -13.53
C THR A 28 -5.12 -4.91 -14.48
N ASP A 29 -5.93 -5.93 -14.23
CA ASP A 29 -7.18 -6.21 -14.95
C ASP A 29 -8.42 -5.57 -14.30
N PRO A 30 -9.22 -4.74 -15.00
CA PRO A 30 -10.41 -4.06 -14.45
C PRO A 30 -11.54 -4.96 -13.90
N ASN A 31 -11.38 -6.29 -13.91
CA ASN A 31 -12.27 -7.28 -13.29
C ASN A 31 -11.71 -7.94 -12.02
N ASP A 32 -10.42 -7.80 -11.73
CA ASP A 32 -9.72 -8.39 -10.56
C ASP A 32 -9.99 -7.74 -9.18
N TRP A 33 -11.24 -7.35 -8.91
CA TRP A 33 -11.69 -6.60 -7.73
C TRP A 33 -11.37 -7.25 -6.37
N SER A 34 -11.07 -8.56 -6.34
CA SER A 34 -10.65 -9.29 -5.14
C SER A 34 -9.21 -9.00 -4.69
N ARG A 35 -8.44 -8.17 -5.42
CA ARG A 35 -7.13 -7.64 -5.01
C ARG A 35 -7.20 -6.17 -4.60
N TYR A 36 -7.14 -5.92 -3.28
CA TYR A 36 -7.32 -4.60 -2.67
C TYR A 36 -6.30 -4.29 -1.55
N VAL A 37 -6.18 -3.02 -1.16
CA VAL A 37 -5.65 -2.56 0.13
C VAL A 37 -6.81 -2.28 1.08
N ASN A 38 -6.73 -2.67 2.36
CA ASN A 38 -7.76 -2.32 3.36
C ASN A 38 -7.18 -1.56 4.56
N SER A 39 -7.70 -0.34 4.75
CA SER A 39 -7.14 0.72 5.57
C SER A 39 -8.21 1.57 6.27
N TRP A 40 -7.99 1.82 7.56
CA TRP A 40 -8.89 2.58 8.45
C TRP A 40 -8.11 3.39 9.49
N ASN A 41 -7.30 2.70 10.33
CA ASN A 41 -6.60 3.27 11.50
C ASN A 41 -5.34 4.10 11.19
N LEU A 42 -4.78 3.98 9.99
CA LEU A 42 -3.47 4.52 9.62
C LEU A 42 -3.43 6.06 9.66
N ASP A 43 -2.34 6.63 10.15
CA ASP A 43 -2.05 8.06 10.06
C ASP A 43 -1.62 8.57 8.68
N LEU A 44 -1.01 7.68 7.89
CA LEU A 44 -0.71 7.89 6.48
C LEU A 44 -0.63 6.57 5.73
N LEU A 45 -1.27 6.53 4.57
CA LEU A 45 -0.99 5.58 3.50
C LEU A 45 -1.05 6.35 2.20
N GLU A 46 0.04 6.33 1.43
CA GLU A 46 0.05 6.81 0.04
C GLU A 46 0.66 5.77 -0.91
N ILE A 47 0.12 5.68 -2.12
CA ILE A 47 0.62 4.83 -3.20
C ILE A 47 0.90 5.69 -4.44
N ASN A 48 2.17 5.78 -4.84
CA ASN A 48 2.69 6.72 -5.84
C ASN A 48 2.23 8.18 -5.59
N GLY A 49 2.19 8.58 -4.31
CA GLY A 49 1.92 9.95 -3.88
C GLY A 49 0.44 10.29 -3.66
N THR A 50 -0.49 9.34 -3.88
CA THR A 50 -1.94 9.51 -3.66
C THR A 50 -2.46 8.80 -2.42
N ASP A 51 -3.16 9.53 -1.56
CA ASP A 51 -3.55 9.09 -0.21
C ASP A 51 -4.78 8.16 -0.08
N TYR A 52 -4.62 7.08 0.70
CA TYR A 52 -5.62 6.04 0.98
C TYR A 52 -5.71 5.61 2.46
N THR A 53 -5.23 6.47 3.37
CA THR A 53 -5.11 6.20 4.82
C THR A 53 -6.36 5.75 5.58
N ASN A 54 -7.51 6.30 5.19
CA ASN A 54 -8.81 6.02 5.81
C ASN A 54 -9.86 5.48 4.81
N VAL A 55 -9.44 5.10 3.60
CA VAL A 55 -10.30 4.49 2.57
C VAL A 55 -9.54 3.49 1.69
N TRP A 56 -10.13 2.31 1.57
CA TRP A 56 -9.65 1.17 0.78
C TRP A 56 -9.50 1.51 -0.71
N VAL A 57 -8.68 0.75 -1.43
CA VAL A 57 -8.42 0.92 -2.88
C VAL A 57 -8.14 -0.43 -3.56
N ALA A 58 -8.52 -0.59 -4.83
CA ALA A 58 -8.20 -1.78 -5.64
C ALA A 58 -6.84 -1.63 -6.35
N GLN A 59 -6.07 -2.71 -6.48
CA GLN A 59 -4.74 -2.63 -7.13
C GLN A 59 -4.81 -2.24 -8.61
N HIS A 60 -5.82 -2.73 -9.34
CA HIS A 60 -6.07 -2.35 -10.74
C HIS A 60 -6.60 -0.91 -10.92
N GLN A 61 -6.79 -0.16 -9.82
CA GLN A 61 -7.11 1.28 -9.86
C GLN A 61 -5.88 2.19 -9.87
N ILE A 62 -4.66 1.67 -9.67
CA ILE A 62 -3.45 2.49 -9.49
C ILE A 62 -2.43 2.30 -10.63
N PRO A 63 -1.96 3.38 -11.28
CA PRO A 63 -0.88 3.34 -12.28
C PRO A 63 0.52 3.18 -11.65
N ALA A 64 1.39 2.40 -12.31
CA ALA A 64 2.78 2.17 -11.90
C ALA A 64 3.70 3.39 -12.13
N ALA A 65 4.96 3.29 -11.69
CA ALA A 65 6.01 4.26 -12.02
C ALA A 65 6.59 4.06 -13.43
N SER A 66 7.43 5.00 -13.90
CA SER A 66 8.17 4.88 -15.16
C SER A 66 9.05 3.63 -15.19
N ASP A 67 9.71 3.31 -14.08
CA ASP A 67 10.49 2.07 -13.91
C ASP A 67 9.68 0.75 -13.88
N GLY A 68 8.37 0.85 -13.66
CA GLY A 68 7.39 -0.25 -13.83
C GLY A 68 6.93 -0.94 -12.54
N TYR A 69 7.10 -0.29 -11.40
CA TYR A 69 6.67 -0.73 -10.06
C TYR A 69 5.86 0.34 -9.32
N TRP A 70 5.21 -0.04 -8.21
CA TRP A 70 4.47 0.87 -7.33
C TRP A 70 5.28 1.18 -6.05
N TYR A 71 5.22 2.42 -5.55
CA TYR A 71 5.83 2.81 -4.27
C TYR A 71 4.67 2.84 -3.26
N ILE A 72 4.91 2.39 -2.02
CA ILE A 72 3.96 2.44 -0.92
C ILE A 72 4.61 3.07 0.32
N HIS A 73 3.93 4.05 0.93
CA HIS A 73 4.35 4.76 2.13
C HIS A 73 3.32 4.56 3.24
N TYR A 74 3.77 4.30 4.46
CA TYR A 74 2.96 3.87 5.61
C TYR A 74 3.37 4.71 6.83
N LYS A 75 2.39 5.15 7.63
CA LYS A 75 2.59 5.67 8.99
C LYS A 75 1.44 5.28 9.91
N SER A 76 1.78 4.92 11.13
CA SER A 76 0.86 4.54 12.21
C SER A 76 1.29 5.18 13.52
N GLY A 77 0.33 5.48 14.40
CA GLY A 77 0.54 6.11 15.71
C GLY A 77 0.04 5.26 16.88
N VAL A 78 -0.52 4.07 16.61
CA VAL A 78 -1.29 3.26 17.57
C VAL A 78 -0.89 1.79 17.48
N SER A 79 -0.92 1.10 18.62
CA SER A 79 -0.64 -0.34 18.76
C SER A 79 -1.74 -1.26 18.23
N TRP A 80 -2.94 -0.71 17.95
CA TRP A 80 -4.06 -1.39 17.29
C TRP A 80 -4.07 -1.19 15.76
N GLY A 81 -3.21 -0.29 15.25
CA GLY A 81 -3.04 0.01 13.83
C GLY A 81 -2.61 -1.19 13.01
N HIS A 82 -3.40 -1.52 11.97
CA HIS A 82 -3.14 -2.60 11.01
C HIS A 82 -3.43 -2.15 9.57
N VAL A 83 -2.75 -2.75 8.59
CA VAL A 83 -3.10 -2.71 7.15
C VAL A 83 -2.81 -4.02 6.41
N GLU A 84 -3.52 -4.29 5.32
CA GLU A 84 -3.41 -5.53 4.51
C GLU A 84 -3.47 -5.20 3.02
N ILE A 85 -2.71 -5.96 2.22
CA ILE A 85 -2.57 -5.81 0.76
C ILE A 85 -2.54 -7.18 0.07
N LYS A 86 -3.29 -7.36 -1.03
CA LYS A 86 -3.47 -8.63 -1.75
C LYS A 86 -2.89 -8.64 -3.16
N SER A 1 15.71 7.93 4.41
CA SER A 1 14.25 7.83 4.43
C SER A 1 13.70 7.76 3.03
N GLY A 2 12.69 6.92 2.76
CA GLY A 2 12.09 6.76 1.42
C GLY A 2 12.88 5.89 0.43
N GLU A 3 13.66 4.94 0.93
CA GLU A 3 14.65 4.15 0.18
C GLU A 3 14.21 2.69 0.00
N TYR A 4 13.11 2.53 -0.73
CA TYR A 4 12.25 1.34 -0.74
C TYR A 4 12.81 -0.03 -1.15
N THR A 5 12.46 -1.05 -0.37
CA THR A 5 12.65 -2.49 -0.63
C THR A 5 11.47 -3.15 -1.36
N GLU A 6 11.71 -4.16 -2.20
CA GLU A 6 10.63 -4.94 -2.82
C GLU A 6 9.93 -5.89 -1.85
N ILE A 7 8.59 -5.91 -1.87
CA ILE A 7 7.71 -6.83 -1.14
C ILE A 7 6.89 -7.73 -2.08
N ALA A 8 6.35 -8.81 -1.51
CA ALA A 8 5.57 -9.83 -2.21
C ALA A 8 4.16 -10.02 -1.58
N LEU A 9 3.16 -10.34 -2.39
CA LEU A 9 1.73 -10.32 -2.01
C LEU A 9 1.18 -11.72 -1.63
N PRO A 10 0.17 -11.82 -0.75
CA PRO A 10 -0.39 -10.75 0.08
C PRO A 10 0.58 -10.29 1.18
N PHE A 11 0.35 -9.08 1.70
CA PHE A 11 1.24 -8.38 2.64
C PHE A 11 0.48 -7.74 3.82
N SER A 12 1.15 -7.53 4.96
CA SER A 12 0.62 -6.79 6.12
C SER A 12 1.69 -6.01 6.88
N TYR A 13 1.23 -4.99 7.59
CA TYR A 13 2.00 -4.13 8.48
C TYR A 13 1.22 -3.73 9.72
N ASP A 14 1.85 -3.69 10.90
CA ASP A 14 1.22 -3.34 12.17
C ASP A 14 2.14 -2.68 13.21
N GLY A 15 1.61 -1.84 14.09
CA GLY A 15 2.33 -1.21 15.18
C GLY A 15 2.92 0.16 14.82
N ALA A 16 2.68 1.13 15.70
CA ALA A 16 3.09 2.53 15.61
C ALA A 16 4.51 2.74 15.07
N GLY A 17 4.62 3.46 13.96
CA GLY A 17 5.87 3.80 13.28
C GLY A 17 5.68 4.14 11.80
N GLU A 18 6.70 4.73 11.17
CA GLU A 18 6.69 5.19 9.78
C GLU A 18 7.62 4.36 8.88
N TYR A 19 7.13 3.90 7.72
CA TYR A 19 7.76 2.92 6.82
C TYR A 19 7.52 3.15 5.31
N TYR A 20 8.35 2.59 4.41
CA TYR A 20 8.19 2.74 2.95
C TYR A 20 8.69 1.45 2.27
N TRP A 21 7.94 0.97 1.27
CA TRP A 21 8.23 -0.23 0.46
C TRP A 21 7.80 -0.08 -1.03
N LYS A 22 8.22 -1.00 -1.91
CA LYS A 22 7.74 -1.08 -3.32
C LYS A 22 7.34 -2.50 -3.77
N THR A 23 6.66 -2.62 -4.90
CA THR A 23 6.33 -3.91 -5.54
C THR A 23 6.09 -3.84 -7.06
N ASP A 24 6.14 -4.99 -7.74
CA ASP A 24 5.79 -5.13 -9.17
C ASP A 24 4.86 -6.31 -9.52
N GLN A 25 4.28 -6.95 -8.48
CA GLN A 25 3.37 -8.11 -8.58
C GLN A 25 1.87 -7.73 -8.54
N PHE A 26 1.56 -6.44 -8.45
CA PHE A 26 0.21 -5.90 -8.66
C PHE A 26 -0.58 -6.44 -9.87
N SER A 27 -1.89 -6.64 -9.68
CA SER A 27 -2.86 -6.88 -10.77
C SER A 27 -3.10 -5.60 -11.60
N THR A 28 -3.59 -5.75 -12.83
CA THR A 28 -3.86 -4.65 -13.78
C THR A 28 -5.18 -4.72 -14.54
N ASP A 29 -5.82 -5.88 -14.64
CA ASP A 29 -7.17 -6.03 -15.16
C ASP A 29 -8.27 -5.56 -14.19
N PRO A 30 -9.26 -4.73 -14.60
CA PRO A 30 -10.45 -4.40 -13.80
C PRO A 30 -11.45 -5.58 -13.65
N ASN A 31 -10.89 -6.77 -13.47
CA ASN A 31 -11.53 -8.03 -13.12
C ASN A 31 -10.91 -8.60 -11.83
N ASP A 32 -9.64 -8.31 -11.55
CA ASP A 32 -8.88 -8.76 -10.37
C ASP A 32 -9.19 -8.03 -9.04
N TRP A 33 -10.48 -7.77 -8.80
CA TRP A 33 -10.99 -7.00 -7.65
C TRP A 33 -10.62 -7.60 -6.27
N SER A 34 -10.34 -8.90 -6.20
CA SER A 34 -9.82 -9.58 -5.00
C SER A 34 -8.37 -9.20 -4.64
N ARG A 35 -7.75 -8.24 -5.34
CA ARG A 35 -6.53 -7.54 -4.91
C ARG A 35 -6.82 -6.07 -4.62
N TYR A 36 -7.03 -5.77 -3.34
CA TYR A 36 -7.30 -4.42 -2.82
C TYR A 36 -6.39 -4.04 -1.64
N VAL A 37 -6.30 -2.74 -1.36
CA VAL A 37 -5.88 -2.16 -0.08
C VAL A 37 -7.05 -1.52 0.66
N ASN A 38 -7.08 -1.67 1.98
CA ASN A 38 -8.00 -0.88 2.83
C ASN A 38 -7.42 -0.62 4.23
N SER A 39 -7.64 0.58 4.77
CA SER A 39 -7.15 1.01 6.07
C SER A 39 -8.12 1.98 6.76
N TRP A 40 -7.99 2.10 8.09
CA TRP A 40 -8.84 2.95 8.95
C TRP A 40 -8.06 3.54 10.14
N ASN A 41 -7.31 2.71 10.87
CA ASN A 41 -6.54 3.11 12.05
C ASN A 41 -5.24 3.89 11.71
N LEU A 42 -4.72 3.76 10.48
CA LEU A 42 -3.47 4.38 10.06
C LEU A 42 -3.57 5.91 10.02
N ASP A 43 -2.51 6.59 10.47
CA ASP A 43 -2.38 8.04 10.29
C ASP A 43 -2.33 8.46 8.81
N LEU A 44 -1.60 7.67 8.02
CA LEU A 44 -1.36 7.88 6.60
C LEU A 44 -1.04 6.55 5.89
N LEU A 45 -1.62 6.37 4.71
CA LEU A 45 -1.25 5.37 3.73
C LEU A 45 -1.30 6.03 2.36
N GLU A 46 -0.17 6.13 1.67
CA GLU A 46 -0.10 6.56 0.27
C GLU A 46 0.40 5.47 -0.68
N ILE A 47 -0.12 5.45 -1.91
CA ILE A 47 0.38 4.62 -3.02
C ILE A 47 0.56 5.49 -4.27
N ASN A 48 1.79 5.56 -4.77
CA ASN A 48 2.23 6.42 -5.89
C ASN A 48 1.77 7.88 -5.72
N GLY A 49 1.98 8.43 -4.52
CA GLY A 49 1.85 9.87 -4.24
C GLY A 49 0.44 10.32 -3.88
N THR A 50 -0.51 9.39 -3.81
CA THR A 50 -1.90 9.65 -3.43
C THR A 50 -2.23 8.95 -2.13
N ASP A 51 -2.85 9.68 -1.19
CA ASP A 51 -3.32 9.11 0.07
C ASP A 51 -4.65 8.34 -0.06
N TYR A 52 -4.75 7.22 0.66
CA TYR A 52 -5.92 6.33 0.72
C TYR A 52 -6.23 5.89 2.16
N THR A 53 -5.69 6.57 3.18
CA THR A 53 -5.68 6.12 4.60
C THR A 53 -7.02 5.79 5.26
N ASN A 54 -8.11 6.39 4.78
CA ASN A 54 -9.49 6.17 5.23
C ASN A 54 -10.45 5.70 4.12
N VAL A 55 -9.90 5.12 3.04
CA VAL A 55 -10.67 4.52 1.93
C VAL A 55 -10.24 3.08 1.58
N TRP A 56 -10.87 2.46 0.58
CA TRP A 56 -10.35 1.28 -0.10
C TRP A 56 -9.93 1.63 -1.54
N VAL A 57 -8.99 0.88 -2.09
CA VAL A 57 -8.48 1.00 -3.46
C VAL A 57 -8.16 -0.38 -4.05
N ALA A 58 -8.45 -0.62 -5.32
CA ALA A 58 -8.07 -1.87 -6.00
C ALA A 58 -6.69 -1.74 -6.67
N GLN A 59 -5.88 -2.80 -6.69
CA GLN A 59 -4.52 -2.75 -7.26
C GLN A 59 -4.50 -2.41 -8.75
N HIS A 60 -5.48 -2.90 -9.52
CA HIS A 60 -5.67 -2.56 -10.93
C HIS A 60 -6.08 -1.09 -11.20
N GLN A 61 -6.38 -0.31 -10.15
CA GLN A 61 -6.77 1.12 -10.29
C GLN A 61 -5.56 2.07 -10.33
N ILE A 62 -4.36 1.59 -9.96
CA ILE A 62 -3.21 2.46 -9.63
C ILE A 62 -2.16 2.47 -10.77
N PRO A 63 -1.65 3.64 -11.21
CA PRO A 63 -0.57 3.71 -12.19
C PRO A 63 0.77 3.23 -11.60
N ALA A 64 1.56 2.52 -12.39
CA ALA A 64 2.98 2.25 -12.11
C ALA A 64 3.87 3.46 -12.48
N ALA A 65 5.14 3.39 -12.11
CA ALA A 65 6.20 4.28 -12.60
C ALA A 65 6.52 4.11 -14.10
N SER A 66 7.37 4.98 -14.64
CA SER A 66 7.99 4.77 -15.96
C SER A 66 8.90 3.52 -15.97
N ASP A 67 9.55 3.23 -14.84
CA ASP A 67 10.30 1.98 -14.61
C ASP A 67 9.46 0.75 -14.15
N GLY A 68 8.15 0.93 -13.98
CA GLY A 68 7.18 -0.18 -14.00
C GLY A 68 6.98 -0.90 -12.67
N TYR A 69 7.08 -0.16 -11.56
CA TYR A 69 6.80 -0.63 -10.20
C TYR A 69 5.92 0.39 -9.46
N TRP A 70 5.36 -0.01 -8.32
CA TRP A 70 4.50 0.81 -7.44
C TRP A 70 5.18 1.10 -6.09
N TYR A 71 5.12 2.34 -5.60
CA TYR A 71 5.68 2.77 -4.31
C TYR A 71 4.56 2.91 -3.26
N ILE A 72 4.81 2.48 -2.02
CA ILE A 72 3.84 2.40 -0.92
C ILE A 72 4.45 2.96 0.38
N HIS A 73 3.72 3.85 1.06
CA HIS A 73 4.14 4.64 2.21
C HIS A 73 3.14 4.47 3.35
N TYR A 74 3.62 4.20 4.57
CA TYR A 74 2.80 3.84 5.73
C TYR A 74 3.22 4.70 6.94
N LYS A 75 2.26 5.18 7.73
CA LYS A 75 2.50 5.77 9.06
C LYS A 75 1.40 5.39 10.05
N SER A 76 1.81 5.03 11.26
CA SER A 76 0.90 4.63 12.36
C SER A 76 1.30 5.24 13.70
N GLY A 77 0.32 5.53 14.56
CA GLY A 77 0.50 6.16 15.89
C GLY A 77 0.15 5.27 17.08
N VAL A 78 -0.33 4.04 16.86
CA VAL A 78 -0.85 3.13 17.91
C VAL A 78 -0.29 1.72 17.71
N SER A 79 -0.09 0.98 18.80
CA SER A 79 0.47 -0.38 18.78
C SER A 79 -0.43 -1.40 18.08
N TRP A 80 -1.76 -1.22 18.10
CA TRP A 80 -2.71 -2.12 17.44
C TRP A 80 -2.93 -1.85 15.94
N GLY A 81 -2.76 -0.58 15.53
CA GLY A 81 -2.97 -0.09 14.18
C GLY A 81 -2.28 -0.93 13.12
N HIS A 82 -3.07 -1.55 12.25
CA HIS A 82 -2.66 -2.55 11.28
C HIS A 82 -3.21 -2.24 9.87
N VAL A 83 -2.65 -2.89 8.85
CA VAL A 83 -3.14 -2.88 7.46
C VAL A 83 -2.87 -4.18 6.68
N GLU A 84 -3.53 -4.32 5.54
CA GLU A 84 -3.41 -5.46 4.62
C GLU A 84 -3.43 -5.02 3.15
N ILE A 85 -2.59 -5.64 2.32
CA ILE A 85 -2.61 -5.52 0.86
C ILE A 85 -2.75 -6.93 0.26
N LYS A 86 -3.70 -7.12 -0.67
CA LYS A 86 -3.92 -8.41 -1.37
C LYS A 86 -3.19 -8.56 -2.71
N SER A 1 11.88 12.41 4.14
CA SER A 1 12.61 11.56 3.18
C SER A 1 12.23 10.09 3.38
N GLY A 2 12.74 9.19 2.54
CA GLY A 2 12.56 7.74 2.66
C GLY A 2 13.46 6.92 1.72
N GLU A 3 13.44 5.60 1.89
CA GLU A 3 14.03 4.63 0.96
C GLU A 3 13.20 3.33 0.94
N TYR A 4 12.80 2.88 -0.26
CA TYR A 4 12.04 1.64 -0.46
C TYR A 4 12.79 0.32 -0.65
N THR A 5 12.27 -0.74 -0.04
CA THR A 5 12.62 -2.16 -0.22
C THR A 5 11.53 -2.93 -0.97
N GLU A 6 11.86 -3.97 -1.75
CA GLU A 6 10.84 -4.83 -2.38
C GLU A 6 10.06 -5.67 -1.35
N ILE A 7 8.73 -5.70 -1.46
CA ILE A 7 7.81 -6.56 -0.70
C ILE A 7 7.04 -7.52 -1.61
N ALA A 8 6.39 -8.52 -1.02
CA ALA A 8 5.72 -9.63 -1.71
C ALA A 8 4.26 -9.81 -1.27
N LEU A 9 3.34 -10.03 -2.23
CA LEU A 9 1.89 -10.04 -1.99
C LEU A 9 1.34 -11.47 -1.77
N PRO A 10 0.33 -11.68 -0.88
CA PRO A 10 -0.29 -10.69 -0.01
C PRO A 10 0.62 -10.26 1.16
N PHE A 11 0.48 -9.00 1.56
CA PHE A 11 1.32 -8.29 2.53
C PHE A 11 0.56 -7.78 3.77
N SER A 12 1.25 -7.62 4.92
CA SER A 12 0.68 -7.21 6.20
C SER A 12 1.69 -6.42 7.03
N TYR A 13 1.22 -5.39 7.74
CA TYR A 13 1.99 -4.46 8.59
C TYR A 13 1.31 -4.14 9.93
N ASP A 14 2.07 -3.86 10.99
CA ASP A 14 1.52 -3.54 12.33
C ASP A 14 2.49 -2.80 13.27
N GLY A 15 1.96 -1.95 14.17
CA GLY A 15 2.73 -1.21 15.17
C GLY A 15 2.96 0.24 14.77
N ALA A 16 3.08 1.11 15.78
CA ALA A 16 3.45 2.51 15.68
C ALA A 16 4.84 2.68 15.02
N GLY A 17 4.86 3.28 13.83
CA GLY A 17 6.08 3.50 13.03
C GLY A 17 5.78 4.01 11.61
N GLU A 18 6.81 4.38 10.86
CA GLU A 18 6.72 4.99 9.53
C GLU A 18 7.64 4.28 8.51
N TYR A 19 7.11 3.88 7.36
CA TYR A 19 7.82 3.05 6.36
C TYR A 19 7.53 3.36 4.89
N TYR A 20 8.39 2.91 3.98
CA TYR A 20 8.27 3.11 2.54
C TYR A 20 8.73 1.78 1.91
N TRP A 21 7.90 1.17 1.07
CA TRP A 21 8.16 -0.10 0.39
C TRP A 21 7.72 -0.07 -1.08
N LYS A 22 8.26 -0.95 -1.93
CA LYS A 22 7.83 -1.08 -3.34
C LYS A 22 7.42 -2.51 -3.70
N THR A 23 6.65 -2.64 -4.78
CA THR A 23 6.17 -3.93 -5.32
C THR A 23 6.09 -3.80 -6.83
N ASP A 24 6.45 -4.88 -7.52
CA ASP A 24 6.33 -5.04 -8.98
C ASP A 24 5.23 -6.04 -9.39
N GLN A 25 4.35 -6.38 -8.42
CA GLN A 25 3.47 -7.57 -8.43
C GLN A 25 1.97 -7.27 -8.35
N PHE A 26 1.57 -5.99 -8.25
CA PHE A 26 0.16 -5.59 -8.43
C PHE A 26 -0.59 -6.24 -9.60
N SER A 27 -1.85 -6.63 -9.40
CA SER A 27 -2.73 -7.03 -10.52
C SER A 27 -3.18 -5.80 -11.30
N THR A 28 -3.28 -5.91 -12.63
CA THR A 28 -3.62 -4.78 -13.55
C THR A 28 -4.79 -5.03 -14.50
N ASP A 29 -5.34 -6.25 -14.54
CA ASP A 29 -6.57 -6.60 -15.27
C ASP A 29 -7.83 -5.97 -14.62
N PRO A 30 -8.62 -5.13 -15.32
CA PRO A 30 -9.86 -4.52 -14.79
C PRO A 30 -10.98 -5.50 -14.41
N ASN A 31 -10.80 -6.81 -14.59
CA ASN A 31 -11.67 -7.83 -14.02
C ASN A 31 -11.43 -8.11 -12.53
N ASP A 32 -10.22 -7.87 -12.01
CA ASP A 32 -9.83 -8.23 -10.64
C ASP A 32 -10.28 -7.25 -9.55
N TRP A 33 -11.59 -7.22 -9.27
CA TRP A 33 -12.21 -6.41 -8.21
C TRP A 33 -11.93 -6.89 -6.78
N SER A 34 -11.62 -8.17 -6.61
CA SER A 34 -11.39 -8.84 -5.32
C SER A 34 -9.97 -8.65 -4.73
N ARG A 35 -9.20 -7.65 -5.20
CA ARG A 35 -7.80 -7.40 -4.79
C ARG A 35 -7.55 -5.91 -4.52
N TYR A 36 -7.35 -5.54 -3.25
CA TYR A 36 -7.31 -4.14 -2.78
C TYR A 36 -6.34 -3.81 -1.64
N VAL A 37 -6.15 -2.52 -1.36
CA VAL A 37 -5.74 -1.97 -0.06
C VAL A 37 -6.93 -1.39 0.70
N ASN A 38 -7.01 -1.59 2.02
CA ASN A 38 -7.99 -0.93 2.90
C ASN A 38 -7.47 -0.67 4.33
N SER A 39 -7.82 0.48 4.94
CA SER A 39 -7.35 0.91 6.26
C SER A 39 -8.37 1.69 7.08
N TRP A 40 -8.10 1.72 8.40
CA TRP A 40 -9.01 2.20 9.47
C TRP A 40 -8.31 2.96 10.62
N ASN A 41 -7.12 2.51 11.03
CA ASN A 41 -6.29 3.09 12.10
C ASN A 41 -5.11 3.95 11.60
N LEU A 42 -4.64 3.74 10.37
CA LEU A 42 -3.45 4.36 9.82
C LEU A 42 -3.60 5.89 9.75
N ASP A 43 -2.63 6.61 10.32
CA ASP A 43 -2.51 8.06 10.19
C ASP A 43 -2.30 8.55 8.76
N LEU A 44 -1.59 7.74 7.96
CA LEU A 44 -1.28 7.99 6.55
C LEU A 44 -0.98 6.69 5.80
N LEU A 45 -1.54 6.62 4.58
CA LEU A 45 -1.29 5.60 3.59
C LEU A 45 -1.34 6.29 2.22
N GLU A 46 -0.22 6.31 1.51
CA GLU A 46 -0.14 6.76 0.12
C GLU A 46 0.40 5.65 -0.80
N ILE A 47 -0.09 5.60 -2.04
CA ILE A 47 0.40 4.73 -3.10
C ILE A 47 0.77 5.61 -4.30
N ASN A 48 2.04 5.53 -4.70
CA ASN A 48 2.69 6.41 -5.67
C ASN A 48 2.51 7.91 -5.36
N GLY A 49 2.42 8.26 -4.07
CA GLY A 49 2.30 9.63 -3.58
C GLY A 49 0.89 10.20 -3.50
N THR A 50 -0.14 9.38 -3.75
CA THR A 50 -1.56 9.72 -3.61
C THR A 50 -2.25 8.93 -2.50
N ASP A 51 -3.02 9.62 -1.66
CA ASP A 51 -3.51 9.16 -0.35
C ASP A 51 -4.84 8.41 -0.30
N TYR A 52 -4.85 7.30 0.45
CA TYR A 52 -6.00 6.38 0.58
C TYR A 52 -6.28 5.90 2.02
N THR A 53 -5.66 6.52 3.03
CA THR A 53 -5.72 6.10 4.44
C THR A 53 -7.11 5.95 5.08
N ASN A 54 -8.03 6.82 4.65
CA ASN A 54 -9.42 6.83 5.10
C ASN A 54 -10.36 5.86 4.33
N VAL A 55 -9.87 5.16 3.30
CA VAL A 55 -10.72 4.49 2.30
C VAL A 55 -10.22 3.08 1.88
N TRP A 56 -10.70 2.58 0.75
CA TRP A 56 -10.11 1.44 0.04
C TRP A 56 -9.87 1.80 -1.44
N VAL A 57 -8.93 1.08 -2.06
CA VAL A 57 -8.55 1.21 -3.48
C VAL A 57 -8.10 -0.13 -4.08
N ALA A 58 -8.50 -0.42 -5.32
CA ALA A 58 -8.14 -1.67 -6.01
C ALA A 58 -6.70 -1.66 -6.58
N GLN A 59 -6.01 -2.81 -6.56
CA GLN A 59 -4.69 -2.92 -7.19
C GLN A 59 -4.71 -2.63 -8.69
N HIS A 60 -5.77 -3.04 -9.39
CA HIS A 60 -5.92 -2.77 -10.83
C HIS A 60 -6.19 -1.29 -11.16
N GLN A 61 -6.45 -0.43 -10.15
CA GLN A 61 -6.85 0.96 -10.42
C GLN A 61 -5.66 1.92 -10.58
N ILE A 62 -4.52 1.64 -9.94
CA ILE A 62 -3.40 2.58 -9.83
C ILE A 62 -2.35 2.32 -10.93
N PRO A 63 -1.94 3.34 -11.71
CA PRO A 63 -0.90 3.18 -12.73
C PRO A 63 0.49 2.92 -12.14
N ALA A 64 1.25 2.01 -12.77
CA ALA A 64 2.66 1.79 -12.44
C ALA A 64 3.54 3.02 -12.73
N ALA A 65 4.71 3.09 -12.09
CA ALA A 65 5.80 3.96 -12.53
C ALA A 65 6.23 3.62 -13.97
N SER A 66 6.91 4.53 -14.66
CA SER A 66 7.48 4.24 -15.98
C SER A 66 8.60 3.18 -15.91
N ASP A 67 9.32 3.13 -14.78
CA ASP A 67 10.17 1.99 -14.38
C ASP A 67 9.46 0.67 -14.00
N GLY A 68 8.12 0.69 -13.88
CA GLY A 68 7.28 -0.51 -13.89
C GLY A 68 6.80 -1.03 -12.54
N TYR A 69 6.94 -0.25 -11.47
CA TYR A 69 6.57 -0.64 -10.10
C TYR A 69 5.69 0.38 -9.37
N TRP A 70 5.19 -0.02 -8.19
CA TRP A 70 4.41 0.83 -7.30
C TRP A 70 5.18 1.10 -6.00
N TYR A 71 5.09 2.33 -5.48
CA TYR A 71 5.70 2.76 -4.22
C TYR A 71 4.53 2.86 -3.23
N ILE A 72 4.71 2.39 -1.99
CA ILE A 72 3.70 2.40 -0.94
C ILE A 72 4.31 2.99 0.34
N HIS A 73 3.61 3.95 0.95
CA HIS A 73 4.01 4.65 2.18
C HIS A 73 2.97 4.43 3.26
N TYR A 74 3.44 4.20 4.49
CA TYR A 74 2.63 3.83 5.65
C TYR A 74 3.12 4.68 6.83
N LYS A 75 2.18 5.15 7.67
CA LYS A 75 2.46 5.76 8.97
C LYS A 75 1.42 5.34 9.98
N SER A 76 1.91 4.92 11.14
CA SER A 76 1.12 4.45 12.28
C SER A 76 1.65 5.04 13.59
N GLY A 77 0.80 5.15 14.61
CA GLY A 77 1.10 5.80 15.89
C GLY A 77 0.58 5.05 17.13
N VAL A 78 0.17 3.79 16.97
CA VAL A 78 -0.48 2.98 18.01
C VAL A 78 -0.14 1.50 17.78
N SER A 79 -0.07 0.74 18.87
CA SER A 79 0.29 -0.69 18.89
C SER A 79 -0.77 -1.63 18.27
N TRP A 80 -2.00 -1.15 18.10
CA TRP A 80 -3.08 -1.80 17.33
C TRP A 80 -3.08 -1.46 15.84
N GLY A 81 -2.35 -0.42 15.46
CA GLY A 81 -2.36 0.12 14.12
C GLY A 81 -1.71 -0.80 13.11
N HIS A 82 -2.54 -1.42 12.28
CA HIS A 82 -2.18 -2.43 11.30
C HIS A 82 -2.81 -2.16 9.92
N VAL A 83 -2.33 -2.86 8.90
CA VAL A 83 -2.91 -2.90 7.55
C VAL A 83 -2.61 -4.19 6.80
N GLU A 84 -3.39 -4.48 5.77
CA GLU A 84 -3.25 -5.66 4.90
C GLU A 84 -3.46 -5.28 3.43
N ILE A 85 -2.69 -5.90 2.53
CA ILE A 85 -2.76 -5.72 1.06
C ILE A 85 -2.86 -7.11 0.43
N LYS A 86 -3.82 -7.34 -0.46
CA LYS A 86 -3.95 -8.60 -1.23
C LYS A 86 -3.02 -8.69 -2.44
N SER A 1 11.35 5.26 8.27
CA SER A 1 12.10 4.41 7.33
C SER A 1 11.89 4.88 5.90
N GLY A 2 12.51 6.01 5.55
CA GLY A 2 12.24 6.80 4.33
C GLY A 2 12.83 6.29 3.02
N GLU A 3 13.12 4.99 2.89
CA GLU A 3 13.75 4.38 1.71
C GLU A 3 13.16 2.99 1.47
N TYR A 4 12.61 2.78 0.28
CA TYR A 4 11.96 1.51 -0.05
C TYR A 4 12.83 0.26 -0.22
N THR A 5 12.31 -0.87 0.23
CA THR A 5 12.77 -2.23 -0.11
C THR A 5 11.60 -2.98 -0.79
N GLU A 6 11.89 -4.00 -1.59
CA GLU A 6 10.89 -4.81 -2.30
C GLU A 6 10.07 -5.71 -1.34
N ILE A 7 8.75 -5.73 -1.52
CA ILE A 7 7.81 -6.62 -0.83
C ILE A 7 7.05 -7.51 -1.83
N ALA A 8 6.51 -8.60 -1.31
CA ALA A 8 5.71 -9.61 -2.02
C ALA A 8 4.33 -9.79 -1.36
N LEU A 9 3.33 -10.25 -2.13
CA LEU A 9 1.92 -10.27 -1.70
C LEU A 9 1.46 -11.71 -1.32
N PRO A 10 0.44 -11.88 -0.46
CA PRO A 10 -0.20 -10.85 0.37
C PRO A 10 0.74 -10.32 1.47
N PHE A 11 0.62 -9.03 1.76
CA PHE A 11 1.50 -8.26 2.65
C PHE A 11 0.74 -7.63 3.81
N SER A 12 1.36 -7.51 4.98
CA SER A 12 0.76 -6.87 6.15
C SER A 12 1.78 -6.20 7.07
N TYR A 13 1.33 -5.17 7.77
CA TYR A 13 2.11 -4.27 8.64
C TYR A 13 1.42 -3.86 9.93
N ASP A 14 2.15 -3.75 11.04
CA ASP A 14 1.60 -3.41 12.36
C ASP A 14 2.51 -2.58 13.28
N GLY A 15 1.95 -1.90 14.29
CA GLY A 15 2.68 -1.05 15.23
C GLY A 15 2.82 0.39 14.74
N ALA A 16 3.00 1.30 15.68
CA ALA A 16 3.33 2.70 15.48
C ALA A 16 4.74 2.87 14.87
N GLY A 17 4.81 3.56 13.74
CA GLY A 17 6.04 3.89 12.99
C GLY A 17 5.75 4.33 11.55
N GLU A 18 6.77 4.77 10.83
CA GLU A 18 6.69 5.32 9.45
C GLU A 18 7.60 4.57 8.47
N TYR A 19 7.07 4.17 7.31
CA TYR A 19 7.75 3.37 6.27
C TYR A 19 7.48 3.74 4.82
N TYR A 20 8.49 3.58 3.95
CA TYR A 20 8.31 3.24 2.54
C TYR A 20 8.63 1.77 2.17
N TRP A 21 7.85 1.18 1.25
CA TRP A 21 8.16 -0.07 0.55
C TRP A 21 7.81 0.02 -0.95
N LYS A 22 8.35 -0.88 -1.80
CA LYS A 22 8.00 -0.95 -3.23
C LYS A 22 7.54 -2.35 -3.64
N THR A 23 6.72 -2.43 -4.70
CA THR A 23 6.22 -3.71 -5.23
C THR A 23 5.88 -3.71 -6.72
N ASP A 24 5.86 -4.88 -7.35
CA ASP A 24 5.52 -5.06 -8.78
C ASP A 24 4.52 -6.21 -9.07
N GLN A 25 3.94 -6.78 -8.01
CA GLN A 25 3.02 -7.94 -8.06
C GLN A 25 1.52 -7.55 -7.97
N PHE A 26 1.24 -6.24 -7.92
CA PHE A 26 -0.11 -5.69 -8.10
C PHE A 26 -0.96 -6.26 -9.25
N SER A 27 -2.26 -6.42 -9.03
CA SER A 27 -3.23 -6.64 -10.13
C SER A 27 -3.37 -5.39 -11.03
N THR A 28 -3.68 -5.60 -12.32
CA THR A 28 -3.84 -4.49 -13.30
C THR A 28 -4.84 -4.68 -14.46
N ASP A 29 -5.48 -5.84 -14.58
CA ASP A 29 -6.69 -6.01 -15.37
C ASP A 29 -7.89 -5.32 -14.68
N PRO A 30 -8.72 -4.51 -15.37
CA PRO A 30 -9.88 -3.85 -14.77
C PRO A 30 -11.01 -4.82 -14.35
N ASN A 31 -10.87 -6.12 -14.64
CA ASN A 31 -11.70 -7.20 -14.13
C ASN A 31 -11.33 -7.66 -12.70
N ASP A 32 -10.09 -7.46 -12.25
CA ASP A 32 -9.58 -7.89 -10.95
C ASP A 32 -10.06 -7.05 -9.75
N TRP A 33 -11.36 -7.10 -9.46
CA TRP A 33 -11.99 -6.37 -8.34
C TRP A 33 -11.68 -6.89 -6.93
N SER A 34 -11.53 -8.21 -6.79
CA SER A 34 -11.35 -8.86 -5.48
C SER A 34 -9.96 -8.72 -4.86
N ARG A 35 -9.03 -7.96 -5.45
CA ARG A 35 -7.63 -7.81 -4.97
C ARG A 35 -7.22 -6.34 -4.83
N TYR A 36 -6.92 -5.94 -3.59
CA TYR A 36 -7.01 -4.55 -3.12
C TYR A 36 -5.97 -4.10 -2.10
N VAL A 37 -6.04 -2.83 -1.72
CA VAL A 37 -5.44 -2.19 -0.53
C VAL A 37 -6.59 -1.60 0.30
N ASN A 38 -6.53 -1.68 1.64
CA ASN A 38 -7.50 -1.03 2.54
C ASN A 38 -6.93 -0.80 3.95
N SER A 39 -7.28 0.31 4.60
CA SER A 39 -6.85 0.68 5.95
C SER A 39 -7.88 1.56 6.67
N TRP A 40 -7.80 1.60 8.00
CA TRP A 40 -8.72 2.34 8.87
C TRP A 40 -8.03 3.06 10.04
N ASN A 41 -7.16 2.37 10.78
CA ASN A 41 -6.40 2.94 11.91
C ASN A 41 -5.23 3.87 11.49
N LEU A 42 -4.73 3.73 10.26
CA LEU A 42 -3.50 4.39 9.82
C LEU A 42 -3.66 5.93 9.74
N ASP A 43 -2.66 6.65 10.23
CA ASP A 43 -2.53 8.09 10.01
C ASP A 43 -2.19 8.48 8.56
N LEU A 44 -1.49 7.60 7.84
CA LEU A 44 -1.26 7.74 6.39
C LEU A 44 -1.06 6.38 5.70
N LEU A 45 -1.65 6.24 4.51
CA LEU A 45 -1.28 5.26 3.51
C LEU A 45 -1.37 5.92 2.13
N GLU A 46 -0.26 6.07 1.43
CA GLU A 46 -0.22 6.55 0.03
C GLU A 46 0.36 5.52 -0.95
N ILE A 47 -0.14 5.55 -2.18
CA ILE A 47 0.34 4.72 -3.30
C ILE A 47 0.59 5.61 -4.52
N ASN A 48 1.84 5.65 -4.98
CA ASN A 48 2.34 6.52 -6.05
C ASN A 48 1.96 8.00 -5.85
N GLY A 49 1.98 8.46 -4.59
CA GLY A 49 1.80 9.87 -4.19
C GLY A 49 0.36 10.29 -3.83
N THR A 50 -0.62 9.37 -3.86
CA THR A 50 -2.02 9.61 -3.51
C THR A 50 -2.51 8.81 -2.31
N ASP A 51 -3.15 9.47 -1.35
CA ASP A 51 -3.59 8.88 -0.08
C ASP A 51 -4.90 8.07 -0.16
N TYR A 52 -4.93 6.94 0.54
CA TYR A 52 -6.06 6.01 0.68
C TYR A 52 -6.29 5.53 2.14
N THR A 53 -5.71 6.25 3.10
CA THR A 53 -5.61 5.88 4.54
C THR A 53 -6.89 5.49 5.30
N ASN A 54 -8.03 6.02 4.85
CA ASN A 54 -9.35 5.74 5.42
C ASN A 54 -10.30 5.01 4.45
N VAL A 55 -9.81 4.48 3.32
CA VAL A 55 -10.66 3.88 2.29
C VAL A 55 -10.13 2.55 1.72
N TRP A 56 -10.89 1.92 0.82
CA TRP A 56 -10.42 0.80 -0.01
C TRP A 56 -9.97 1.35 -1.38
N VAL A 57 -9.04 0.66 -2.03
CA VAL A 57 -8.69 0.88 -3.44
C VAL A 57 -8.25 -0.42 -4.11
N ALA A 58 -8.74 -0.68 -5.32
CA ALA A 58 -8.32 -1.84 -6.10
C ALA A 58 -6.89 -1.63 -6.63
N GLN A 59 -6.04 -2.66 -6.61
CA GLN A 59 -4.70 -2.55 -7.19
C GLN A 59 -4.71 -2.18 -8.70
N HIS A 60 -5.73 -2.60 -9.45
CA HIS A 60 -5.91 -2.21 -10.84
C HIS A 60 -6.23 -0.71 -11.04
N GLN A 61 -6.69 0.00 -10.00
CA GLN A 61 -7.12 1.40 -10.08
C GLN A 61 -6.00 2.45 -9.93
N ILE A 62 -4.73 2.01 -9.90
CA ILE A 62 -3.56 2.87 -9.69
C ILE A 62 -2.44 2.54 -10.70
N PRO A 63 -1.88 3.53 -11.44
CA PRO A 63 -0.76 3.31 -12.36
C PRO A 63 0.56 2.99 -11.65
N ALA A 64 1.38 2.14 -12.28
CA ALA A 64 2.77 1.90 -11.88
C ALA A 64 3.70 3.07 -12.26
N ALA A 65 4.91 3.11 -11.72
CA ALA A 65 5.97 4.00 -12.17
C ALA A 65 6.44 3.67 -13.61
N SER A 66 7.20 4.56 -14.25
CA SER A 66 7.77 4.29 -15.58
C SER A 66 8.72 3.08 -15.59
N ASP A 67 9.45 2.82 -14.49
CA ASP A 67 10.25 1.58 -14.34
C ASP A 67 9.43 0.39 -13.77
N GLY A 68 8.11 0.55 -13.60
CA GLY A 68 7.16 -0.57 -13.61
C GLY A 68 6.81 -1.15 -12.24
N TYR A 69 7.06 -0.41 -11.17
CA TYR A 69 6.70 -0.75 -9.79
C TYR A 69 5.86 0.34 -9.13
N TRP A 70 5.13 0.00 -8.07
CA TRP A 70 4.39 0.95 -7.25
C TRP A 70 5.19 1.32 -5.99
N TYR A 71 5.21 2.60 -5.63
CA TYR A 71 5.79 3.09 -4.38
C TYR A 71 4.62 3.06 -3.38
N ILE A 72 4.83 2.54 -2.17
CA ILE A 72 3.83 2.48 -1.09
C ILE A 72 4.43 3.10 0.18
N HIS A 73 3.64 3.91 0.89
CA HIS A 73 4.06 4.78 1.99
C HIS A 73 3.07 4.66 3.15
N TYR A 74 3.54 4.39 4.36
CA TYR A 74 2.75 3.94 5.50
C TYR A 74 3.14 4.82 6.72
N LYS A 75 2.15 5.20 7.55
CA LYS A 75 2.38 5.88 8.83
C LYS A 75 1.34 5.45 9.86
N SER A 76 1.83 5.08 11.03
CA SER A 76 1.04 4.62 12.18
C SER A 76 1.53 5.28 13.46
N GLY A 77 0.66 5.43 14.46
CA GLY A 77 0.88 6.22 15.68
C GLY A 77 0.35 5.58 16.96
N VAL A 78 -0.03 4.30 16.88
CA VAL A 78 -0.69 3.50 17.93
C VAL A 78 -0.19 2.06 17.82
N SER A 79 0.02 1.37 18.95
CA SER A 79 0.52 -0.02 18.96
C SER A 79 -0.45 -1.03 18.33
N TRP A 80 -1.74 -0.72 18.25
CA TRP A 80 -2.79 -1.58 17.69
C TRP A 80 -3.05 -1.36 16.18
N GLY A 81 -2.44 -0.33 15.59
CA GLY A 81 -2.50 -0.02 14.16
C GLY A 81 -1.98 -1.18 13.31
N HIS A 82 -2.78 -1.58 12.32
CA HIS A 82 -2.54 -2.71 11.43
C HIS A 82 -3.00 -2.38 9.99
N VAL A 83 -2.36 -2.98 8.98
CA VAL A 83 -2.81 -2.96 7.58
C VAL A 83 -2.51 -4.25 6.81
N GLU A 84 -3.21 -4.48 5.69
CA GLU A 84 -3.05 -5.65 4.83
C GLU A 84 -3.36 -5.34 3.36
N ILE A 85 -2.59 -5.96 2.46
CA ILE A 85 -2.63 -5.83 0.99
C ILE A 85 -2.61 -7.23 0.35
N LYS A 86 -3.42 -7.48 -0.68
CA LYS A 86 -3.70 -8.84 -1.19
C LYS A 86 -2.93 -9.33 -2.43
N SER A 1 11.31 4.88 8.51
CA SER A 1 12.21 4.57 7.38
C SER A 1 11.68 5.20 6.10
N GLY A 2 12.46 6.07 5.47
CA GLY A 2 12.06 6.90 4.32
C GLY A 2 12.64 6.49 2.97
N GLU A 3 13.03 5.23 2.78
CA GLU A 3 13.60 4.73 1.51
C GLU A 3 13.19 3.27 1.29
N TYR A 4 12.57 2.98 0.15
CA TYR A 4 11.90 1.70 -0.11
C TYR A 4 12.76 0.46 -0.40
N THR A 5 12.20 -0.72 -0.07
CA THR A 5 12.68 -2.06 -0.45
C THR A 5 11.49 -2.84 -1.04
N GLU A 6 11.76 -3.86 -1.85
CA GLU A 6 10.72 -4.69 -2.48
C GLU A 6 10.00 -5.63 -1.48
N ILE A 7 8.72 -5.92 -1.75
CA ILE A 7 7.88 -6.87 -0.97
C ILE A 7 7.24 -7.98 -1.85
N ALA A 8 6.59 -8.94 -1.18
CA ALA A 8 5.86 -10.07 -1.77
C ALA A 8 4.42 -10.19 -1.22
N LEU A 9 3.43 -10.31 -2.12
CA LEU A 9 1.99 -10.32 -1.81
C LEU A 9 1.43 -11.75 -1.56
N PRO A 10 0.38 -11.93 -0.74
CA PRO A 10 -0.33 -10.93 0.06
C PRO A 10 0.50 -10.44 1.25
N PHE A 11 0.32 -9.17 1.63
CA PHE A 11 1.16 -8.43 2.56
C PHE A 11 0.39 -7.81 3.75
N SER A 12 1.07 -7.56 4.87
CA SER A 12 0.54 -6.76 5.97
C SER A 12 1.65 -6.07 6.77
N TYR A 13 1.28 -4.97 7.41
CA TYR A 13 2.09 -4.15 8.31
C TYR A 13 1.36 -3.77 9.59
N ASP A 14 2.05 -3.75 10.73
CA ASP A 14 1.47 -3.48 12.05
C ASP A 14 2.37 -2.80 13.10
N GLY A 15 1.78 -2.00 13.99
CA GLY A 15 2.43 -1.30 15.09
C GLY A 15 2.74 0.16 14.75
N ALA A 16 2.57 1.05 15.72
CA ALA A 16 2.98 2.44 15.70
C ALA A 16 4.44 2.57 15.19
N GLY A 17 4.59 3.29 14.09
CA GLY A 17 5.84 3.42 13.33
C GLY A 17 5.59 3.84 11.89
N GLU A 18 6.66 4.02 11.12
CA GLU A 18 6.61 4.67 9.80
C GLU A 18 7.60 4.05 8.80
N TYR A 19 7.12 3.67 7.61
CA TYR A 19 7.85 2.86 6.62
C TYR A 19 7.56 3.17 5.16
N TYR A 20 8.44 2.73 4.26
CA TYR A 20 8.29 2.83 2.79
C TYR A 20 8.67 1.46 2.16
N TRP A 21 7.85 0.94 1.24
CA TRP A 21 8.10 -0.30 0.49
C TRP A 21 7.67 -0.20 -0.98
N LYS A 22 8.12 -1.10 -1.88
CA LYS A 22 7.68 -1.15 -3.29
C LYS A 22 7.30 -2.55 -3.80
N THR A 23 6.55 -2.61 -4.90
CA THR A 23 6.22 -3.85 -5.61
C THR A 23 5.83 -3.67 -7.08
N ASP A 24 5.88 -4.74 -7.88
CA ASP A 24 5.30 -4.81 -9.23
C ASP A 24 4.35 -6.01 -9.44
N GLN A 25 4.07 -6.77 -8.37
CA GLN A 25 3.13 -7.91 -8.37
C GLN A 25 1.66 -7.46 -8.45
N PHE A 26 1.37 -6.22 -8.08
CA PHE A 26 0.08 -5.55 -8.31
C PHE A 26 -0.74 -5.98 -9.53
N SER A 27 -2.00 -6.36 -9.28
CA SER A 27 -2.98 -6.67 -10.33
C SER A 27 -3.27 -5.47 -11.24
N THR A 28 -3.61 -5.72 -12.52
CA THR A 28 -3.85 -4.69 -13.56
C THR A 28 -5.12 -4.83 -14.40
N ASP A 29 -5.73 -6.01 -14.45
CA ASP A 29 -6.98 -6.29 -15.13
C ASP A 29 -8.26 -5.94 -14.34
N PRO A 30 -9.29 -5.30 -14.94
CA PRO A 30 -10.60 -5.03 -14.31
C PRO A 30 -11.45 -6.26 -13.89
N ASN A 31 -10.86 -7.45 -13.84
CA ASN A 31 -11.40 -8.65 -13.19
C ASN A 31 -11.03 -8.76 -11.70
N ASP A 32 -9.84 -8.27 -11.32
CA ASP A 32 -9.17 -8.51 -10.04
C ASP A 32 -9.61 -7.68 -8.81
N TRP A 33 -10.91 -7.44 -8.66
CA TRP A 33 -11.51 -6.64 -7.55
C TRP A 33 -11.20 -7.18 -6.14
N SER A 34 -10.80 -8.45 -6.01
CA SER A 34 -10.29 -9.08 -4.78
C SER A 34 -8.89 -8.60 -4.36
N ARG A 35 -8.16 -7.92 -5.25
CA ARG A 35 -6.82 -7.38 -4.99
C ARG A 35 -6.85 -5.89 -4.67
N TYR A 36 -6.96 -5.60 -3.37
CA TYR A 36 -7.10 -4.25 -2.81
C TYR A 36 -5.99 -3.82 -1.85
N VAL A 37 -5.95 -2.53 -1.54
CA VAL A 37 -5.31 -1.90 -0.38
C VAL A 37 -6.45 -1.26 0.43
N ASN A 38 -6.47 -1.43 1.75
CA ASN A 38 -7.53 -0.85 2.60
C ASN A 38 -7.11 -0.58 4.05
N SER A 39 -7.45 0.60 4.59
CA SER A 39 -7.08 1.06 5.92
C SER A 39 -8.15 1.88 6.64
N TRP A 40 -7.98 1.97 7.96
CA TRP A 40 -8.96 2.51 8.93
C TRP A 40 -8.33 3.17 10.17
N ASN A 41 -7.23 2.59 10.70
CA ASN A 41 -6.48 3.12 11.86
C ASN A 41 -5.27 4.00 11.48
N LEU A 42 -4.73 3.87 10.25
CA LEU A 42 -3.48 4.50 9.85
C LEU A 42 -3.56 6.04 9.86
N ASP A 43 -2.50 6.67 10.33
CA ASP A 43 -2.31 8.11 10.26
C ASP A 43 -2.02 8.66 8.85
N LEU A 44 -1.40 7.83 8.00
CA LEU A 44 -1.10 8.10 6.59
C LEU A 44 -0.93 6.79 5.81
N LEU A 45 -1.46 6.78 4.59
CA LEU A 45 -1.16 5.77 3.59
C LEU A 45 -1.22 6.39 2.19
N GLU A 46 -0.07 6.50 1.52
CA GLU A 46 0.02 6.96 0.13
C GLU A 46 0.65 5.91 -0.79
N ILE A 47 0.16 5.85 -2.03
CA ILE A 47 0.63 4.94 -3.09
C ILE A 47 0.99 5.79 -4.31
N ASN A 48 2.27 5.77 -4.71
CA ASN A 48 2.84 6.66 -5.71
C ASN A 48 2.64 8.16 -5.42
N GLY A 49 2.53 8.52 -4.14
CA GLY A 49 2.22 9.87 -3.64
C GLY A 49 0.72 10.18 -3.54
N THR A 50 -0.14 9.20 -3.83
CA THR A 50 -1.60 9.28 -3.84
C THR A 50 -2.25 8.74 -2.58
N ASP A 51 -2.93 9.59 -1.80
CA ASP A 51 -3.48 9.23 -0.49
C ASP A 51 -4.73 8.33 -0.53
N TYR A 52 -4.75 7.28 0.30
CA TYR A 52 -5.84 6.31 0.49
C TYR A 52 -6.11 5.87 1.94
N THR A 53 -5.47 6.52 2.91
CA THR A 53 -5.54 6.16 4.36
C THR A 53 -6.93 5.96 4.97
N ASN A 54 -7.89 6.76 4.54
CA ASN A 54 -9.27 6.73 5.02
C ASN A 54 -10.22 5.82 4.21
N VAL A 55 -9.72 5.05 3.23
CA VAL A 55 -10.57 4.36 2.24
C VAL A 55 -10.05 2.98 1.77
N TRP A 56 -10.70 2.39 0.75
CA TRP A 56 -10.22 1.25 -0.02
C TRP A 56 -9.82 1.70 -1.43
N VAL A 57 -8.90 0.96 -2.08
CA VAL A 57 -8.54 1.11 -3.50
C VAL A 57 -8.15 -0.26 -4.08
N ALA A 58 -8.44 -0.53 -5.36
CA ALA A 58 -8.02 -1.77 -6.02
C ALA A 58 -6.71 -1.59 -6.79
N GLN A 59 -5.87 -2.63 -6.85
CA GLN A 59 -4.56 -2.58 -7.51
C GLN A 59 -4.64 -2.23 -9.00
N HIS A 60 -5.65 -2.73 -9.69
CA HIS A 60 -5.90 -2.41 -11.10
C HIS A 60 -6.36 -0.96 -11.35
N GLN A 61 -6.64 -0.20 -10.28
CA GLN A 61 -7.06 1.21 -10.36
C GLN A 61 -5.89 2.21 -10.21
N ILE A 62 -4.71 1.78 -9.76
CA ILE A 62 -3.56 2.66 -9.51
C ILE A 62 -2.56 2.60 -10.67
N PRO A 63 -2.13 3.74 -11.24
CA PRO A 63 -1.11 3.76 -12.29
C PRO A 63 0.29 3.38 -11.80
N ALA A 64 1.02 2.59 -12.59
CA ALA A 64 2.42 2.24 -12.32
C ALA A 64 3.37 3.46 -12.44
N ALA A 65 4.52 3.40 -11.78
CA ALA A 65 5.60 4.35 -11.99
C ALA A 65 6.27 4.13 -13.35
N SER A 66 7.12 5.07 -13.80
CA SER A 66 7.83 4.95 -15.07
C SER A 66 8.86 3.80 -15.08
N ASP A 67 9.47 3.47 -13.93
CA ASP A 67 10.22 2.22 -13.72
C ASP A 67 9.39 0.92 -13.63
N GLY A 68 8.06 1.02 -13.58
CA GLY A 68 7.12 -0.09 -13.77
C GLY A 68 6.56 -0.71 -12.48
N TYR A 69 6.81 -0.05 -11.35
CA TYR A 69 6.40 -0.47 -10.01
C TYR A 69 5.47 0.50 -9.27
N TRP A 70 5.00 0.10 -8.10
CA TRP A 70 4.23 0.93 -7.17
C TRP A 70 4.98 1.04 -5.84
N TYR A 71 5.24 2.26 -5.38
CA TYR A 71 5.71 2.57 -4.03
C TYR A 71 4.56 2.87 -3.05
N ILE A 72 4.72 2.41 -1.81
CA ILE A 72 3.71 2.50 -0.74
C ILE A 72 4.39 3.07 0.52
N HIS A 73 3.75 4.06 1.15
CA HIS A 73 4.26 4.85 2.27
C HIS A 73 3.24 4.77 3.41
N TYR A 74 3.68 4.37 4.61
CA TYR A 74 2.82 3.94 5.72
C TYR A 74 3.16 4.73 6.99
N LYS A 75 2.16 5.15 7.76
CA LYS A 75 2.33 5.74 9.10
C LYS A 75 1.23 5.29 10.08
N SER A 76 1.64 4.88 11.27
CA SER A 76 0.76 4.40 12.36
C SER A 76 1.15 5.04 13.69
N GLY A 77 0.17 5.32 14.55
CA GLY A 77 0.34 6.07 15.82
C GLY A 77 -0.13 5.32 17.07
N VAL A 78 -0.44 4.03 16.92
CA VAL A 78 -1.01 3.15 17.95
C VAL A 78 -0.48 1.73 17.74
N SER A 79 -0.24 0.99 18.82
CA SER A 79 0.41 -0.34 18.78
C SER A 79 -0.42 -1.40 18.04
N TRP A 80 -1.75 -1.21 17.92
CA TRP A 80 -2.67 -2.06 17.18
C TRP A 80 -2.90 -1.70 15.70
N GLY A 81 -2.52 -0.47 15.32
CA GLY A 81 -2.71 0.07 14.00
C GLY A 81 -1.97 -0.73 12.92
N HIS A 82 -2.75 -1.32 12.01
CA HIS A 82 -2.31 -2.26 11.00
C HIS A 82 -2.91 -1.97 9.61
N VAL A 83 -2.41 -2.66 8.59
CA VAL A 83 -2.93 -2.65 7.21
C VAL A 83 -2.67 -3.95 6.44
N GLU A 84 -3.40 -4.14 5.33
CA GLU A 84 -3.37 -5.36 4.51
C GLU A 84 -3.38 -5.00 3.01
N ILE A 85 -2.66 -5.79 2.20
CA ILE A 85 -2.58 -5.65 0.73
C ILE A 85 -2.65 -7.03 0.06
N LYS A 86 -3.37 -7.15 -1.07
CA LYS A 86 -3.66 -8.42 -1.76
C LYS A 86 -3.07 -8.59 -3.16
N SER A 1 7.95 10.38 2.26
CA SER A 1 8.80 9.58 1.36
C SER A 1 9.73 8.70 2.21
N GLY A 2 10.84 8.21 1.66
CA GLY A 2 11.83 7.40 2.39
C GLY A 2 12.77 6.62 1.46
N GLU A 3 13.24 5.47 1.92
CA GLU A 3 14.01 4.49 1.14
C GLU A 3 13.28 3.14 1.10
N TYR A 4 12.77 2.74 -0.06
CA TYR A 4 12.04 1.49 -0.26
C TYR A 4 12.81 0.20 -0.60
N THR A 5 12.27 -0.94 -0.16
CA THR A 5 12.66 -2.31 -0.58
C THR A 5 11.50 -3.06 -1.24
N GLU A 6 11.77 -4.01 -2.14
CA GLU A 6 10.76 -4.84 -2.80
C GLU A 6 10.07 -5.86 -1.86
N ILE A 7 8.73 -5.82 -1.83
CA ILE A 7 7.85 -6.72 -1.06
C ILE A 7 7.00 -7.61 -1.98
N ALA A 8 6.40 -8.65 -1.40
CA ALA A 8 5.63 -9.70 -2.11
C ALA A 8 4.26 -9.98 -1.46
N LEU A 9 3.27 -10.37 -2.27
CA LEU A 9 1.84 -10.41 -1.88
C LEU A 9 1.35 -11.81 -1.41
N PRO A 10 0.26 -11.88 -0.63
CA PRO A 10 -0.36 -10.79 0.12
C PRO A 10 0.55 -10.31 1.26
N PHE A 11 0.41 -9.04 1.62
CA PHE A 11 1.28 -8.31 2.55
C PHE A 11 0.53 -7.69 3.74
N SER A 12 1.21 -7.50 4.85
CA SER A 12 0.68 -6.79 6.03
C SER A 12 1.78 -6.00 6.74
N TYR A 13 1.36 -4.96 7.45
CA TYR A 13 2.17 -4.09 8.31
C TYR A 13 1.40 -3.60 9.53
N ASP A 14 2.05 -3.46 10.68
CA ASP A 14 1.41 -3.03 11.93
C ASP A 14 2.40 -2.44 12.95
N GLY A 15 1.88 -1.68 13.93
CA GLY A 15 2.63 -1.12 15.05
C GLY A 15 3.09 0.32 14.79
N ALA A 16 3.05 1.15 15.83
CA ALA A 16 3.37 2.57 15.81
C ALA A 16 4.77 2.85 15.20
N GLY A 17 4.80 3.41 14.01
CA GLY A 17 6.01 3.69 13.22
C GLY A 17 5.70 4.05 11.77
N GLU A 18 6.71 4.52 11.04
CA GLU A 18 6.58 5.10 9.69
C GLU A 18 7.57 4.46 8.70
N TYR A 19 7.09 3.99 7.55
CA TYR A 19 7.82 3.12 6.62
C TYR A 19 7.56 3.36 5.12
N TYR A 20 8.43 2.84 4.24
CA TYR A 20 8.31 3.01 2.79
C TYR A 20 8.75 1.68 2.15
N TRP A 21 7.95 1.13 1.23
CA TRP A 21 8.21 -0.11 0.47
C TRP A 21 7.78 0.00 -1.00
N LYS A 22 8.21 -0.92 -1.86
CA LYS A 22 7.81 -0.97 -3.28
C LYS A 22 7.40 -2.38 -3.75
N THR A 23 6.62 -2.47 -4.82
CA THR A 23 6.18 -3.76 -5.41
C THR A 23 5.83 -3.71 -6.90
N ASP A 24 5.75 -4.87 -7.55
CA ASP A 24 5.45 -5.02 -8.99
C ASP A 24 4.48 -6.17 -9.35
N GLN A 25 4.03 -6.92 -8.32
CA GLN A 25 3.12 -8.07 -8.41
C GLN A 25 1.63 -7.68 -8.36
N PHE A 26 1.32 -6.39 -8.27
CA PHE A 26 -0.04 -5.85 -8.41
C PHE A 26 -0.94 -6.44 -9.50
N SER A 27 -2.24 -6.60 -9.21
CA SER A 27 -3.26 -6.91 -10.23
C SER A 27 -3.34 -5.83 -11.32
N THR A 28 -3.78 -6.20 -12.51
CA THR A 28 -3.79 -5.39 -13.74
C THR A 28 -5.09 -5.49 -14.56
N ASP A 29 -5.85 -6.57 -14.40
CA ASP A 29 -7.10 -6.83 -15.08
C ASP A 29 -8.31 -6.08 -14.46
N PRO A 30 -9.22 -5.48 -15.25
CA PRO A 30 -10.35 -4.68 -14.76
C PRO A 30 -11.45 -5.49 -14.03
N ASN A 31 -11.25 -6.80 -13.95
CA ASN A 31 -12.06 -7.75 -13.18
C ASN A 31 -11.63 -7.83 -11.70
N ASP A 32 -10.35 -7.60 -11.40
CA ASP A 32 -9.69 -7.95 -10.13
C ASP A 32 -9.96 -7.00 -8.94
N TRP A 33 -11.22 -6.89 -8.52
CA TRP A 33 -11.66 -6.11 -7.35
C TRP A 33 -11.35 -6.76 -6.00
N SER A 34 -11.25 -8.09 -5.96
CA SER A 34 -10.89 -8.90 -4.78
C SER A 34 -9.40 -8.76 -4.39
N ARG A 35 -8.61 -8.04 -5.20
CA ARG A 35 -7.23 -7.62 -4.91
C ARG A 35 -7.21 -6.12 -4.58
N TYR A 36 -7.09 -5.76 -3.30
CA TYR A 36 -7.24 -4.39 -2.81
C TYR A 36 -6.23 -3.98 -1.71
N VAL A 37 -6.24 -2.70 -1.38
CA VAL A 37 -5.76 -2.10 -0.12
C VAL A 37 -6.91 -1.45 0.65
N ASN A 38 -6.97 -1.63 1.97
CA ASN A 38 -7.94 -0.92 2.82
C ASN A 38 -7.44 -0.71 4.26
N SER A 39 -7.68 0.49 4.80
CA SER A 39 -7.24 0.93 6.13
C SER A 39 -8.30 1.72 6.91
N TRP A 40 -8.05 1.83 8.22
CA TRP A 40 -8.97 2.31 9.25
C TRP A 40 -8.27 3.05 10.41
N ASN A 41 -7.13 2.53 10.87
CA ASN A 41 -6.33 3.09 11.96
C ASN A 41 -5.16 3.98 11.51
N LEU A 42 -4.65 3.82 10.30
CA LEU A 42 -3.42 4.45 9.81
C LEU A 42 -3.56 5.99 9.71
N ASP A 43 -2.59 6.71 10.27
CA ASP A 43 -2.44 8.16 10.09
C ASP A 43 -2.10 8.59 8.65
N LEU A 44 -1.43 7.72 7.89
CA LEU A 44 -1.14 7.87 6.46
C LEU A 44 -1.03 6.53 5.75
N LEU A 45 -1.61 6.46 4.55
CA LEU A 45 -1.33 5.46 3.53
C LEU A 45 -1.37 6.17 2.18
N GLU A 46 -0.25 6.16 1.47
CA GLU A 46 -0.12 6.71 0.12
C GLU A 46 0.54 5.71 -0.83
N ILE A 47 0.09 5.69 -2.09
CA ILE A 47 0.60 4.84 -3.17
C ILE A 47 1.00 5.75 -4.34
N ASN A 48 2.27 5.71 -4.71
CA ASN A 48 2.92 6.67 -5.61
C ASN A 48 2.71 8.15 -5.24
N GLY A 49 2.50 8.42 -3.95
CA GLY A 49 2.23 9.75 -3.40
C GLY A 49 0.76 10.17 -3.45
N THR A 50 -0.15 9.26 -3.82
CA THR A 50 -1.61 9.42 -3.82
C THR A 50 -2.29 8.73 -2.64
N ASP A 51 -3.05 9.49 -1.85
CA ASP A 51 -3.58 9.14 -0.53
C ASP A 51 -4.87 8.30 -0.46
N TYR A 52 -4.85 7.25 0.35
CA TYR A 52 -5.98 6.31 0.56
C TYR A 52 -6.27 5.90 2.02
N THR A 53 -5.63 6.56 3.00
CA THR A 53 -5.63 6.17 4.42
C THR A 53 -6.96 5.89 5.12
N ASN A 54 -7.99 6.65 4.75
CA ASN A 54 -9.35 6.50 5.28
C ASN A 54 -10.33 5.79 4.33
N VAL A 55 -9.86 5.16 3.25
CA VAL A 55 -10.70 4.49 2.24
C VAL A 55 -10.15 3.12 1.77
N TRP A 56 -10.69 2.58 0.66
CA TRP A 56 -10.18 1.39 -0.03
C TRP A 56 -9.83 1.73 -1.49
N VAL A 57 -8.96 0.93 -2.10
CA VAL A 57 -8.53 1.02 -3.52
C VAL A 57 -8.16 -0.35 -4.08
N ALA A 58 -8.37 -0.62 -5.37
CA ALA A 58 -7.96 -1.88 -6.03
C ALA A 58 -6.59 -1.74 -6.71
N GLN A 59 -5.76 -2.78 -6.70
CA GLN A 59 -4.39 -2.68 -7.29
C GLN A 59 -4.44 -2.41 -8.81
N HIS A 60 -5.46 -2.94 -9.50
CA HIS A 60 -5.68 -2.71 -10.93
C HIS A 60 -6.13 -1.27 -11.27
N GLN A 61 -6.53 -0.45 -10.28
CA GLN A 61 -6.90 0.96 -10.49
C GLN A 61 -5.68 1.90 -10.64
N ILE A 62 -4.52 1.55 -10.09
CA ILE A 62 -3.39 2.48 -9.90
C ILE A 62 -2.30 2.33 -10.98
N PRO A 63 -1.85 3.40 -11.65
CA PRO A 63 -0.72 3.35 -12.59
C PRO A 63 0.65 3.22 -11.88
N ALA A 64 1.58 2.46 -12.48
CA ALA A 64 2.94 2.27 -11.98
C ALA A 64 3.85 3.51 -12.15
N ALA A 65 5.05 3.46 -11.57
CA ALA A 65 6.15 4.39 -11.85
C ALA A 65 6.75 4.19 -13.24
N SER A 66 7.57 5.12 -13.73
CA SER A 66 8.23 5.04 -15.04
C SER A 66 9.25 3.89 -15.14
N ASP A 67 9.98 3.60 -14.04
CA ASP A 67 10.77 2.38 -13.91
C ASP A 67 9.97 1.06 -13.89
N GLY A 68 8.67 1.12 -13.58
CA GLY A 68 7.71 0.00 -13.74
C GLY A 68 7.21 -0.68 -12.46
N TYR A 69 7.24 0.00 -11.32
CA TYR A 69 6.82 -0.50 -10.00
C TYR A 69 5.97 0.52 -9.22
N TRP A 70 5.26 0.09 -8.19
CA TRP A 70 4.51 0.96 -7.28
C TRP A 70 5.30 1.31 -6.01
N TYR A 71 5.20 2.56 -5.53
CA TYR A 71 5.76 2.99 -4.23
C TYR A 71 4.59 2.91 -3.25
N ILE A 72 4.87 2.55 -2.00
CA ILE A 72 3.88 2.46 -0.91
C ILE A 72 4.48 3.09 0.36
N HIS A 73 3.71 3.97 1.01
CA HIS A 73 4.09 4.70 2.20
C HIS A 73 3.01 4.54 3.28
N TYR A 74 3.46 4.34 4.52
CA TYR A 74 2.61 3.91 5.63
C TYR A 74 3.07 4.71 6.86
N LYS A 75 2.11 5.21 7.64
CA LYS A 75 2.35 5.73 9.01
C LYS A 75 1.27 5.23 9.96
N SER A 76 1.72 4.70 11.10
CA SER A 76 0.88 4.18 12.19
C SER A 76 1.34 4.79 13.52
N GLY A 77 0.43 5.00 14.46
CA GLY A 77 0.67 5.71 15.72
C GLY A 77 0.36 4.89 16.97
N VAL A 78 -0.02 3.63 16.82
CA VAL A 78 -0.57 2.78 17.88
C VAL A 78 -0.14 1.33 17.64
N SER A 79 -0.02 0.54 18.70
CA SER A 79 0.39 -0.88 18.63
C SER A 79 -0.57 -1.78 17.85
N TRP A 80 -1.87 -1.47 17.84
CA TRP A 80 -2.90 -2.23 17.12
C TRP A 80 -3.13 -1.73 15.69
N GLY A 81 -2.52 -0.61 15.31
CA GLY A 81 -2.63 0.01 14.00
C GLY A 81 -1.97 -0.81 12.91
N HIS A 82 -2.79 -1.52 12.14
CA HIS A 82 -2.41 -2.49 11.11
C HIS A 82 -2.95 -2.13 9.71
N VAL A 83 -2.46 -2.80 8.67
CA VAL A 83 -3.02 -2.81 7.31
C VAL A 83 -2.78 -4.12 6.53
N GLU A 84 -3.56 -4.31 5.47
CA GLU A 84 -3.43 -5.42 4.51
C GLU A 84 -3.36 -4.92 3.07
N ILE A 85 -2.55 -5.60 2.24
CA ILE A 85 -2.55 -5.46 0.77
C ILE A 85 -2.69 -6.86 0.16
N LYS A 86 -3.73 -7.10 -0.64
CA LYS A 86 -4.08 -8.44 -1.15
C LYS A 86 -3.37 -8.84 -2.45
N SER A 1 11.56 7.62 4.86
CA SER A 1 11.73 6.63 5.95
C SER A 1 11.73 5.22 5.40
N GLY A 2 12.74 4.43 5.76
CA GLY A 2 12.84 3.00 5.46
C GLY A 2 13.45 2.63 4.09
N GLU A 3 13.58 3.59 3.17
CA GLU A 3 14.23 3.52 1.84
C GLU A 3 13.92 2.25 1.04
N TYR A 4 12.92 2.34 0.17
CA TYR A 4 12.08 1.17 -0.10
C TYR A 4 12.73 -0.16 -0.48
N THR A 5 12.33 -1.19 0.26
CA THR A 5 12.52 -2.60 0.00
C THR A 5 11.43 -3.22 -0.85
N GLU A 6 11.76 -4.22 -1.66
CA GLU A 6 10.76 -5.05 -2.33
C GLU A 6 9.92 -5.89 -1.34
N ILE A 7 8.60 -5.94 -1.56
CA ILE A 7 7.67 -6.83 -0.86
C ILE A 7 6.94 -7.76 -1.85
N ALA A 8 6.45 -8.86 -1.31
CA ALA A 8 5.70 -9.91 -2.01
C ALA A 8 4.28 -10.06 -1.42
N LEU A 9 3.30 -10.35 -2.27
CA LEU A 9 1.87 -10.27 -1.97
C LEU A 9 1.25 -11.68 -1.75
N PRO A 10 0.12 -11.83 -1.02
CA PRO A 10 -0.48 -10.83 -0.13
C PRO A 10 0.46 -10.42 1.00
N PHE A 11 0.34 -9.17 1.44
CA PHE A 11 1.23 -8.49 2.41
C PHE A 11 0.52 -7.96 3.66
N SER A 12 1.25 -7.69 4.73
CA SER A 12 0.72 -7.24 6.03
C SER A 12 1.73 -6.36 6.79
N TYR A 13 1.22 -5.36 7.53
CA TYR A 13 1.97 -4.45 8.40
C TYR A 13 1.31 -4.17 9.75
N ASP A 14 2.09 -3.87 10.80
CA ASP A 14 1.61 -3.63 12.17
C ASP A 14 2.47 -2.67 13.02
N GLY A 15 1.86 -2.01 14.01
CA GLY A 15 2.54 -1.28 15.07
C GLY A 15 2.86 0.15 14.69
N ALA A 16 2.82 1.05 15.69
CA ALA A 16 3.24 2.43 15.59
C ALA A 16 4.65 2.55 14.97
N GLY A 17 4.73 3.23 13.83
CA GLY A 17 5.94 3.41 13.05
C GLY A 17 5.67 3.95 11.64
N GLU A 18 6.75 4.29 10.92
CA GLU A 18 6.67 5.03 9.64
C GLU A 18 7.61 4.43 8.59
N TYR A 19 7.08 4.03 7.43
CA TYR A 19 7.79 3.24 6.42
C TYR A 19 7.48 3.51 4.95
N TYR A 20 8.44 3.23 4.07
CA TYR A 20 8.25 2.92 2.66
C TYR A 20 8.59 1.48 2.23
N TRP A 21 7.78 0.91 1.34
CA TRP A 21 8.06 -0.34 0.60
C TRP A 21 7.65 -0.23 -0.88
N LYS A 22 8.22 -1.06 -1.77
CA LYS A 22 7.83 -1.10 -3.20
C LYS A 22 7.36 -2.48 -3.65
N THR A 23 6.56 -2.50 -4.73
CA THR A 23 6.14 -3.72 -5.41
C THR A 23 5.89 -3.58 -6.91
N ASP A 24 5.96 -4.70 -7.63
CA ASP A 24 5.53 -4.81 -9.04
C ASP A 24 4.60 -6.00 -9.31
N GLN A 25 4.13 -6.69 -8.27
CA GLN A 25 3.18 -7.82 -8.36
C GLN A 25 1.70 -7.42 -8.33
N PHE A 26 1.41 -6.12 -8.13
CA PHE A 26 0.10 -5.51 -8.37
C PHE A 26 -0.69 -6.03 -9.59
N SER A 27 -1.88 -6.58 -9.35
CA SER A 27 -2.70 -7.22 -10.40
C SER A 27 -3.42 -6.23 -11.31
N THR A 28 -3.55 -6.60 -12.59
CA THR A 28 -4.20 -5.82 -13.67
C THR A 28 -5.34 -6.53 -14.42
N ASP A 29 -5.87 -7.61 -13.87
CA ASP A 29 -7.03 -8.33 -14.43
C ASP A 29 -8.34 -7.52 -14.25
N PRO A 30 -9.17 -7.30 -15.29
CA PRO A 30 -10.50 -6.65 -15.16
C PRO A 30 -11.51 -7.41 -14.28
N ASN A 31 -11.18 -8.62 -13.84
CA ASN A 31 -11.99 -9.42 -12.91
C ASN A 31 -11.64 -9.23 -11.42
N ASP A 32 -10.41 -8.79 -11.12
CA ASP A 32 -9.83 -8.70 -9.78
C ASP A 32 -10.15 -7.46 -8.90
N TRP A 33 -11.19 -6.65 -9.20
CA TRP A 33 -11.45 -5.38 -8.48
C TRP A 33 -11.70 -5.48 -6.97
N SER A 34 -12.02 -6.66 -6.44
CA SER A 34 -12.11 -6.96 -5.00
C SER A 34 -10.74 -7.17 -4.31
N ARG A 35 -9.65 -7.25 -5.08
CA ARG A 35 -8.27 -7.24 -4.60
C ARG A 35 -7.83 -5.79 -4.37
N TYR A 36 -7.69 -5.41 -3.10
CA TYR A 36 -7.45 -4.02 -2.68
C TYR A 36 -6.33 -3.79 -1.66
N VAL A 37 -5.86 -2.54 -1.56
CA VAL A 37 -5.42 -1.97 -0.28
C VAL A 37 -6.62 -1.35 0.44
N ASN A 38 -6.78 -1.59 1.73
CA ASN A 38 -7.79 -0.92 2.55
C ASN A 38 -7.35 -0.77 4.02
N SER A 39 -7.69 0.36 4.65
CA SER A 39 -7.23 0.73 5.99
C SER A 39 -8.23 1.63 6.74
N TRP A 40 -8.07 1.66 8.07
CA TRP A 40 -9.01 2.25 9.02
C TRP A 40 -8.31 2.93 10.21
N ASN A 41 -7.33 2.25 10.85
CA ASN A 41 -6.54 2.79 11.96
C ASN A 41 -5.36 3.70 11.55
N LEU A 42 -4.87 3.58 10.31
CA LEU A 42 -3.64 4.22 9.87
C LEU A 42 -3.73 5.76 9.87
N ASP A 43 -2.67 6.38 10.42
CA ASP A 43 -2.46 7.82 10.37
C ASP A 43 -2.17 8.37 8.96
N LEU A 44 -1.55 7.55 8.10
CA LEU A 44 -1.31 7.81 6.69
C LEU A 44 -1.06 6.52 5.91
N LEU A 45 -1.64 6.45 4.72
CA LEU A 45 -1.28 5.53 3.65
C LEU A 45 -1.29 6.34 2.35
N GLU A 46 -0.16 6.37 1.65
CA GLU A 46 -0.05 6.91 0.28
C GLU A 46 0.46 5.87 -0.73
N ILE A 47 -0.04 5.92 -1.97
CA ILE A 47 0.46 5.11 -3.10
C ILE A 47 0.67 6.02 -4.33
N ASN A 48 1.92 6.08 -4.83
CA ASN A 48 2.39 7.00 -5.86
C ASN A 48 1.99 8.47 -5.57
N GLY A 49 2.14 8.89 -4.30
CA GLY A 49 2.04 10.30 -3.89
C GLY A 49 0.63 10.78 -3.56
N THR A 50 -0.38 9.90 -3.63
CA THR A 50 -1.78 10.17 -3.25
C THR A 50 -2.25 9.36 -2.05
N ASP A 51 -2.91 10.03 -1.11
CA ASP A 51 -3.37 9.47 0.16
C ASP A 51 -4.69 8.68 0.09
N TYR A 52 -4.75 7.53 0.79
CA TYR A 52 -5.87 6.57 0.84
C TYR A 52 -6.16 5.99 2.24
N THR A 53 -5.58 6.58 3.30
CA THR A 53 -5.57 6.06 4.68
C THR A 53 -6.88 5.59 5.31
N ASN A 54 -8.00 6.16 4.89
CA ASN A 54 -9.34 5.82 5.35
C ASN A 54 -10.32 5.52 4.20
N VAL A 55 -9.81 4.97 3.08
CA VAL A 55 -10.62 4.43 1.98
C VAL A 55 -10.11 3.07 1.46
N TRP A 56 -10.77 2.48 0.46
CA TRP A 56 -10.28 1.33 -0.30
C TRP A 56 -9.69 1.83 -1.63
N VAL A 57 -8.70 1.09 -2.17
CA VAL A 57 -8.19 1.28 -3.55
C VAL A 57 -7.78 -0.04 -4.20
N ALA A 58 -8.20 -0.26 -5.44
CA ALA A 58 -7.83 -1.46 -6.21
C ALA A 58 -6.47 -1.30 -6.88
N GLN A 59 -5.70 -2.39 -6.95
CA GLN A 59 -4.33 -2.40 -7.50
C GLN A 59 -4.30 -1.95 -8.97
N HIS A 60 -5.29 -2.41 -9.75
CA HIS A 60 -5.52 -2.08 -11.17
C HIS A 60 -5.87 -0.58 -11.38
N GLN A 61 -6.33 0.15 -10.34
CA GLN A 61 -6.67 1.56 -10.44
C GLN A 61 -5.44 2.46 -10.69
N ILE A 62 -4.27 2.10 -10.15
CA ILE A 62 -3.16 3.05 -9.92
C ILE A 62 -2.05 2.94 -11.00
N PRO A 63 -1.56 4.05 -11.57
CA PRO A 63 -0.41 4.04 -12.47
C PRO A 63 0.92 3.79 -11.75
N ALA A 64 1.84 3.08 -12.42
CA ALA A 64 3.19 2.79 -11.92
C ALA A 64 4.16 3.96 -12.14
N ALA A 65 5.35 3.87 -11.54
CA ALA A 65 6.49 4.71 -11.87
C ALA A 65 6.95 4.52 -13.31
N SER A 66 7.75 5.45 -13.85
CA SER A 66 8.34 5.28 -15.19
C SER A 66 9.21 4.01 -15.27
N ASP A 67 9.98 3.69 -14.22
CA ASP A 67 10.75 2.43 -14.12
C ASP A 67 9.88 1.17 -13.88
N GLY A 68 8.58 1.31 -13.58
CA GLY A 68 7.56 0.26 -13.79
C GLY A 68 7.04 -0.46 -12.55
N TYR A 69 7.17 0.16 -11.36
CA TYR A 69 6.79 -0.39 -10.06
C TYR A 69 6.00 0.67 -9.26
N TRP A 70 5.34 0.25 -8.18
CA TRP A 70 4.58 1.11 -7.26
C TRP A 70 5.31 1.32 -5.93
N TYR A 71 5.36 2.57 -5.44
CA TYR A 71 5.84 2.88 -4.08
C TYR A 71 4.61 2.93 -3.18
N ILE A 72 4.72 2.37 -1.98
CA ILE A 72 3.69 2.37 -0.94
C ILE A 72 4.28 2.93 0.36
N HIS A 73 3.61 3.91 0.96
CA HIS A 73 3.98 4.57 2.21
C HIS A 73 2.92 4.29 3.28
N TYR A 74 3.39 4.04 4.50
CA TYR A 74 2.57 3.65 5.64
C TYR A 74 3.05 4.48 6.85
N LYS A 75 2.10 4.95 7.67
CA LYS A 75 2.36 5.47 9.01
C LYS A 75 1.28 5.04 9.99
N SER A 76 1.73 4.67 11.18
CA SER A 76 0.91 4.30 12.33
C SER A 76 1.41 5.01 13.59
N GLY A 77 0.51 5.29 14.53
CA GLY A 77 0.78 6.06 15.76
C GLY A 77 0.21 5.43 17.04
N VAL A 78 -0.23 4.17 16.93
CA VAL A 78 -0.87 3.38 17.98
C VAL A 78 -0.30 1.97 17.91
N SER A 79 -0.15 1.33 19.06
CA SER A 79 0.53 0.03 19.19
C SER A 79 -0.15 -1.12 18.43
N TRP A 80 -1.44 -0.99 18.10
CA TRP A 80 -2.23 -1.99 17.36
C TRP A 80 -2.49 -1.68 15.88
N GLY A 81 -2.25 -0.44 15.41
CA GLY A 81 -2.51 -0.04 14.02
C GLY A 81 -1.88 -0.97 12.99
N HIS A 82 -2.71 -1.65 12.21
CA HIS A 82 -2.33 -2.67 11.23
C HIS A 82 -3.00 -2.45 9.87
N VAL A 83 -2.44 -3.08 8.83
CA VAL A 83 -2.95 -3.08 7.45
C VAL A 83 -2.61 -4.33 6.65
N GLU A 84 -3.31 -4.54 5.54
CA GLU A 84 -3.22 -5.71 4.66
C GLU A 84 -3.36 -5.33 3.17
N ILE A 85 -2.67 -6.05 2.30
CA ILE A 85 -2.72 -5.88 0.83
C ILE A 85 -2.85 -7.25 0.14
N LYS A 86 -3.70 -7.38 -0.89
CA LYS A 86 -4.01 -8.66 -1.58
C LYS A 86 -3.48 -8.82 -3.02
N SER A 1 16.62 9.91 1.75
CA SER A 1 15.21 9.51 1.92
C SER A 1 14.60 8.91 0.66
N GLY A 2 13.45 8.25 0.77
CA GLY A 2 12.76 7.60 -0.35
C GLY A 2 13.43 6.33 -0.88
N GLU A 3 14.29 5.70 -0.08
CA GLU A 3 15.07 4.54 -0.49
C GLU A 3 14.33 3.22 -0.18
N TYR A 4 13.17 3.06 -0.81
CA TYR A 4 12.26 1.93 -0.65
C TYR A 4 12.80 0.52 -0.94
N THR A 5 12.34 -0.48 -0.17
CA THR A 5 12.61 -1.92 -0.39
C THR A 5 11.43 -2.68 -0.98
N GLU A 6 11.67 -3.71 -1.79
CA GLU A 6 10.60 -4.56 -2.34
C GLU A 6 9.91 -5.44 -1.28
N ILE A 7 8.60 -5.66 -1.44
CA ILE A 7 7.76 -6.57 -0.63
C ILE A 7 7.04 -7.64 -1.48
N ALA A 8 6.53 -8.66 -0.81
CA ALA A 8 5.86 -9.83 -1.41
C ALA A 8 4.36 -9.89 -1.03
N LEU A 9 3.48 -10.17 -1.99
CA LEU A 9 2.02 -10.22 -1.80
C LEU A 9 1.51 -11.67 -1.58
N PRO A 10 0.45 -11.90 -0.78
CA PRO A 10 -0.24 -10.90 0.06
C PRO A 10 0.64 -10.42 1.23
N PHE A 11 0.43 -9.16 1.62
CA PHE A 11 1.23 -8.41 2.60
C PHE A 11 0.43 -7.87 3.79
N SER A 12 1.10 -7.65 4.92
CA SER A 12 0.53 -6.97 6.10
C SER A 12 1.59 -6.24 6.91
N TYR A 13 1.19 -5.15 7.57
CA TYR A 13 1.97 -4.33 8.51
C TYR A 13 1.23 -3.98 9.80
N ASP A 14 1.93 -3.90 10.95
CA ASP A 14 1.36 -3.65 12.28
C ASP A 14 2.25 -2.89 13.29
N GLY A 15 1.64 -2.02 14.13
CA GLY A 15 2.31 -1.24 15.16
C GLY A 15 2.82 0.11 14.69
N ALA A 16 2.83 1.06 15.63
CA ALA A 16 3.20 2.45 15.48
C ALA A 16 4.61 2.66 14.90
N GLY A 17 4.69 3.06 13.63
CA GLY A 17 5.97 3.36 12.94
C GLY A 17 5.77 3.89 11.53
N GLU A 18 6.85 4.44 10.97
CA GLU A 18 6.96 4.95 9.60
C GLU A 18 7.79 4.04 8.71
N TYR A 19 7.22 3.63 7.56
CA TYR A 19 7.85 2.75 6.58
C TYR A 19 7.55 3.08 5.10
N TYR A 20 8.49 2.78 4.20
CA TYR A 20 8.34 3.03 2.75
C TYR A 20 8.79 1.72 2.05
N TRP A 21 7.95 1.19 1.17
CA TRP A 21 8.18 -0.06 0.42
C TRP A 21 7.77 0.03 -1.07
N LYS A 22 8.20 -0.92 -1.91
CA LYS A 22 7.77 -1.04 -3.33
C LYS A 22 7.27 -2.44 -3.69
N THR A 23 6.47 -2.54 -4.75
CA THR A 23 6.02 -3.83 -5.33
C THR A 23 5.64 -3.78 -6.81
N ASP A 24 5.61 -4.95 -7.47
CA ASP A 24 5.24 -5.18 -8.87
C ASP A 24 4.33 -6.40 -9.14
N GLN A 25 3.94 -7.11 -8.07
CA GLN A 25 2.89 -8.17 -8.07
C GLN A 25 1.46 -7.60 -8.04
N PHE A 26 1.37 -6.28 -7.83
CA PHE A 26 0.16 -5.47 -7.83
C PHE A 26 -0.63 -5.80 -9.13
N SER A 27 -1.90 -6.21 -9.01
CA SER A 27 -2.71 -6.52 -10.20
C SER A 27 -3.04 -5.26 -11.03
N THR A 28 -3.01 -5.39 -12.37
CA THR A 28 -3.46 -4.36 -13.32
C THR A 28 -4.74 -4.69 -14.13
N ASP A 29 -5.37 -5.83 -13.84
CA ASP A 29 -6.59 -6.30 -14.51
C ASP A 29 -7.89 -5.67 -13.94
N PRO A 30 -8.68 -4.86 -14.69
CA PRO A 30 -9.90 -4.20 -14.20
C PRO A 30 -11.06 -5.11 -13.73
N ASN A 31 -10.85 -6.43 -13.68
CA ASN A 31 -11.76 -7.42 -13.11
C ASN A 31 -11.39 -7.84 -11.66
N ASP A 32 -10.12 -7.66 -11.28
CA ASP A 32 -9.49 -7.96 -9.97
C ASP A 32 -9.91 -7.12 -8.75
N TRP A 33 -11.18 -6.68 -8.68
CA TRP A 33 -11.71 -5.90 -7.57
C TRP A 33 -11.45 -6.46 -6.16
N SER A 34 -11.37 -7.79 -5.99
CA SER A 34 -11.06 -8.44 -4.70
C SER A 34 -9.57 -8.38 -4.30
N ARG A 35 -8.66 -7.91 -5.18
CA ARG A 35 -7.27 -7.57 -4.83
C ARG A 35 -7.12 -6.10 -4.43
N TYR A 36 -7.53 -5.82 -3.20
CA TYR A 36 -7.49 -4.48 -2.61
C TYR A 36 -6.14 -4.04 -2.00
N VAL A 37 -6.04 -2.75 -1.71
CA VAL A 37 -5.33 -2.17 -0.56
C VAL A 37 -6.41 -1.55 0.35
N ASN A 38 -6.34 -1.73 1.67
CA ASN A 38 -7.31 -1.16 2.62
C ASN A 38 -6.69 -0.91 4.01
N SER A 39 -7.16 0.14 4.69
CA SER A 39 -6.65 0.62 5.98
C SER A 39 -7.77 1.25 6.83
N TRP A 40 -7.66 1.13 8.16
CA TRP A 40 -8.78 1.40 9.09
C TRP A 40 -8.40 2.29 10.28
N ASN A 41 -7.11 2.28 10.64
CA ASN A 41 -6.46 2.93 11.78
C ASN A 41 -5.30 3.88 11.38
N LEU A 42 -4.76 3.73 10.17
CA LEU A 42 -3.54 4.40 9.72
C LEU A 42 -3.68 5.92 9.61
N ASP A 43 -2.63 6.59 10.08
CA ASP A 43 -2.47 8.04 10.02
C ASP A 43 -2.00 8.60 8.67
N LEU A 44 -1.43 7.73 7.82
CA LEU A 44 -1.17 7.96 6.41
C LEU A 44 -0.97 6.63 5.66
N LEU A 45 -1.58 6.53 4.47
CA LEU A 45 -1.28 5.52 3.47
C LEU A 45 -1.36 6.16 2.08
N GLU A 46 -0.25 6.20 1.36
CA GLU A 46 -0.18 6.62 -0.05
C GLU A 46 0.37 5.53 -0.98
N ILE A 47 -0.14 5.48 -2.22
CA ILE A 47 0.31 4.58 -3.28
C ILE A 47 0.60 5.39 -4.55
N ASN A 48 1.86 5.33 -5.00
CA ASN A 48 2.43 6.18 -6.05
C ASN A 48 2.13 7.68 -5.81
N GLY A 49 2.22 8.12 -4.55
CA GLY A 49 2.09 9.51 -4.13
C GLY A 49 0.66 10.00 -3.91
N THR A 50 -0.33 9.12 -4.05
CA THR A 50 -1.77 9.40 -3.87
C THR A 50 -2.33 8.72 -2.62
N ASP A 51 -2.96 9.49 -1.73
CA ASP A 51 -3.53 9.00 -0.47
C ASP A 51 -4.84 8.18 -0.53
N TYR A 52 -4.90 7.10 0.23
CA TYR A 52 -6.03 6.16 0.37
C TYR A 52 -6.30 5.68 1.82
N THR A 53 -5.68 6.32 2.81
CA THR A 53 -5.75 5.94 4.24
C THR A 53 -7.15 5.76 4.85
N ASN A 54 -8.11 6.55 4.37
CA ASN A 54 -9.51 6.58 4.82
C ASN A 54 -10.41 5.56 4.08
N VAL A 55 -9.89 4.82 3.10
CA VAL A 55 -10.69 4.05 2.12
C VAL A 55 -10.14 2.65 1.78
N TRP A 56 -10.82 1.93 0.90
CA TRP A 56 -10.25 0.79 0.17
C TRP A 56 -10.10 1.17 -1.31
N VAL A 57 -9.07 0.63 -1.97
CA VAL A 57 -8.77 0.88 -3.38
C VAL A 57 -8.31 -0.39 -4.08
N ALA A 58 -8.71 -0.61 -5.33
CA ALA A 58 -8.31 -1.79 -6.09
C ALA A 58 -6.93 -1.58 -6.73
N GLN A 59 -6.08 -2.62 -6.78
CA GLN A 59 -4.74 -2.49 -7.36
C GLN A 59 -4.73 -2.05 -8.84
N HIS A 60 -5.74 -2.45 -9.62
CA HIS A 60 -5.89 -2.06 -11.03
C HIS A 60 -6.30 -0.59 -11.24
N GLN A 61 -6.72 0.12 -10.19
CA GLN A 61 -7.11 1.53 -10.22
C GLN A 61 -5.91 2.52 -10.18
N ILE A 62 -4.67 2.04 -10.02
CA ILE A 62 -3.50 2.88 -9.69
C ILE A 62 -2.35 2.74 -10.71
N PRO A 63 -1.79 3.83 -11.27
CA PRO A 63 -0.67 3.78 -12.21
C PRO A 63 0.67 3.36 -11.58
N ALA A 64 1.53 2.71 -12.35
CA ALA A 64 2.91 2.38 -11.96
C ALA A 64 3.89 3.57 -12.14
N ALA A 65 5.11 3.40 -11.59
CA ALA A 65 6.25 4.29 -11.83
C ALA A 65 6.85 4.11 -13.24
N SER A 66 7.76 5.01 -13.64
CA SER A 66 8.46 4.91 -14.93
C SER A 66 9.35 3.65 -15.03
N ASP A 67 9.97 3.21 -13.94
CA ASP A 67 10.66 1.92 -13.84
C ASP A 67 9.78 0.67 -13.64
N GLY A 68 8.47 0.84 -13.47
CA GLY A 68 7.47 -0.21 -13.71
C GLY A 68 6.92 -0.92 -12.47
N TYR A 69 7.02 -0.27 -11.31
CA TYR A 69 6.58 -0.74 -9.99
C TYR A 69 5.76 0.32 -9.25
N TRP A 70 5.07 -0.05 -8.17
CA TRP A 70 4.32 0.85 -7.29
C TRP A 70 5.07 1.18 -6.02
N TYR A 71 5.18 2.46 -5.65
CA TYR A 71 5.68 2.89 -4.34
C TYR A 71 4.48 2.79 -3.37
N ILE A 72 4.72 2.41 -2.11
CA ILE A 72 3.74 2.37 -1.03
C ILE A 72 4.34 2.94 0.26
N HIS A 73 3.60 3.83 0.94
CA HIS A 73 4.09 4.69 2.02
C HIS A 73 3.13 4.67 3.21
N TYR A 74 3.61 4.31 4.40
CA TYR A 74 2.76 3.93 5.54
C TYR A 74 3.18 4.71 6.80
N LYS A 75 2.20 5.10 7.64
CA LYS A 75 2.43 5.71 8.97
C LYS A 75 1.36 5.31 9.99
N SER A 76 1.78 4.99 11.21
CA SER A 76 0.89 4.76 12.36
C SER A 76 1.48 5.23 13.70
N GLY A 77 0.60 5.43 14.68
CA GLY A 77 0.87 5.98 16.02
C GLY A 77 0.22 5.21 17.16
N VAL A 78 -0.22 3.96 16.91
CA VAL A 78 -0.87 3.07 17.89
C VAL A 78 -0.33 1.65 17.67
N SER A 79 -0.13 0.89 18.75
CA SER A 79 0.25 -0.53 18.68
C SER A 79 -0.80 -1.43 18.03
N TRP A 80 -2.06 -0.98 18.01
CA TRP A 80 -3.21 -1.72 17.47
C TRP A 80 -3.49 -1.34 16.00
N GLY A 81 -2.71 -0.42 15.42
CA GLY A 81 -2.76 -0.07 14.00
C GLY A 81 -2.21 -1.19 13.13
N HIS A 82 -2.98 -1.61 12.11
CA HIS A 82 -2.56 -2.60 11.12
C HIS A 82 -3.09 -2.27 9.71
N VAL A 83 -2.53 -2.93 8.68
CA VAL A 83 -2.92 -2.82 7.26
C VAL A 83 -2.81 -4.13 6.49
N GLU A 84 -3.44 -4.25 5.31
CA GLU A 84 -3.42 -5.45 4.48
C GLU A 84 -3.49 -5.13 2.98
N ILE A 85 -2.75 -5.93 2.21
CA ILE A 85 -2.71 -5.87 0.72
C ILE A 85 -2.73 -7.29 0.14
N LYS A 86 -3.51 -7.53 -0.93
CA LYS A 86 -3.78 -8.88 -1.48
C LYS A 86 -3.02 -9.31 -2.73
N SER A 1 14.26 8.70 2.04
CA SER A 1 13.70 8.92 0.68
C SER A 1 14.31 7.98 -0.35
N GLY A 2 13.50 7.40 -1.25
CA GLY A 2 13.93 6.61 -2.41
C GLY A 2 14.47 5.19 -2.14
N GLU A 3 14.60 4.78 -0.89
CA GLU A 3 15.33 3.58 -0.47
C GLU A 3 14.41 2.43 -0.03
N TYR A 4 13.31 2.30 -0.75
CA TYR A 4 12.26 1.29 -0.58
C TYR A 4 12.60 -0.17 -0.96
N THR A 5 12.22 -1.11 -0.10
CA THR A 5 12.39 -2.56 -0.33
C THR A 5 11.23 -3.21 -1.09
N GLU A 6 11.48 -4.22 -1.91
CA GLU A 6 10.44 -5.02 -2.56
C GLU A 6 9.66 -5.91 -1.57
N ILE A 7 8.33 -5.83 -1.59
CA ILE A 7 7.41 -6.73 -0.89
C ILE A 7 6.67 -7.64 -1.88
N ALA A 8 6.23 -8.78 -1.36
CA ALA A 8 5.46 -9.83 -2.04
C ALA A 8 4.05 -9.97 -1.41
N LEU A 9 3.08 -10.49 -2.16
CA LEU A 9 1.65 -10.39 -1.84
C LEU A 9 1.01 -11.77 -1.56
N PRO A 10 -0.01 -11.90 -0.68
CA PRO A 10 -0.53 -10.86 0.22
C PRO A 10 0.49 -10.39 1.26
N PHE A 11 0.30 -9.19 1.79
CA PHE A 11 1.21 -8.50 2.72
C PHE A 11 0.52 -7.93 3.96
N SER A 12 1.25 -7.80 5.07
CA SER A 12 0.79 -7.11 6.28
C SER A 12 1.88 -6.27 6.94
N TYR A 13 1.45 -5.23 7.65
CA TYR A 13 2.28 -4.37 8.51
C TYR A 13 1.56 -3.97 9.81
N ASP A 14 2.27 -3.92 10.96
CA ASP A 14 1.69 -3.55 12.26
C ASP A 14 2.61 -2.84 13.29
N GLY A 15 2.05 -1.97 14.14
CA GLY A 15 2.75 -1.19 15.16
C GLY A 15 2.97 0.29 14.80
N ALA A 16 3.03 1.12 15.84
CA ALA A 16 3.08 2.58 15.85
C ALA A 16 4.36 3.23 15.26
N GLY A 17 4.56 3.08 13.95
CA GLY A 17 5.76 3.55 13.25
C GLY A 17 5.54 3.81 11.75
N GLU A 18 6.60 4.23 11.07
CA GLU A 18 6.56 4.87 9.74
C GLU A 18 7.50 4.19 8.73
N TYR A 19 7.01 3.95 7.51
CA TYR A 19 7.65 3.12 6.48
C TYR A 19 7.47 3.55 5.02
N TYR A 20 8.42 3.16 4.16
CA TYR A 20 8.27 3.10 2.71
C TYR A 20 8.63 1.70 2.18
N TRP A 21 7.82 1.16 1.26
CA TRP A 21 8.07 -0.10 0.53
C TRP A 21 7.71 0.03 -0.96
N LYS A 22 8.16 -0.91 -1.81
CA LYS A 22 7.75 -1.00 -3.23
C LYS A 22 7.31 -2.41 -3.63
N THR A 23 6.64 -2.55 -4.77
CA THR A 23 6.24 -3.85 -5.34
C THR A 23 6.06 -3.86 -6.86
N ASP A 24 6.12 -5.06 -7.47
CA ASP A 24 5.93 -5.29 -8.92
C ASP A 24 4.93 -6.45 -9.17
N GLN A 25 4.12 -6.82 -8.16
CA GLN A 25 3.13 -7.91 -8.20
C GLN A 25 1.66 -7.43 -8.13
N PHE A 26 1.44 -6.11 -8.07
CA PHE A 26 0.11 -5.52 -8.23
C PHE A 26 -0.76 -6.08 -9.38
N SER A 27 -2.03 -6.37 -9.10
CA SER A 27 -3.03 -6.60 -10.16
C SER A 27 -3.17 -5.37 -11.05
N THR A 28 -3.06 -5.55 -12.38
CA THR A 28 -3.08 -4.45 -13.36
C THR A 28 -3.77 -4.76 -14.70
N ASP A 29 -4.27 -5.98 -14.85
CA ASP A 29 -5.18 -6.43 -15.91
C ASP A 29 -6.62 -5.87 -15.81
N PRO A 30 -7.24 -5.33 -16.87
CA PRO A 30 -8.65 -4.88 -16.85
C PRO A 30 -9.71 -5.88 -16.38
N ASN A 31 -9.39 -7.18 -16.30
CA ASN A 31 -10.25 -8.22 -15.75
C ASN A 31 -9.95 -8.64 -14.29
N ASP A 32 -8.81 -8.24 -13.73
CA ASP A 32 -8.28 -8.72 -12.44
C ASP A 32 -8.53 -7.74 -11.27
N TRP A 33 -9.80 -7.65 -10.84
CA TRP A 33 -10.26 -6.62 -9.90
C TRP A 33 -10.15 -6.93 -8.40
N SER A 34 -10.11 -8.20 -8.00
CA SER A 34 -10.31 -8.64 -6.61
C SER A 34 -9.19 -8.26 -5.62
N ARG A 35 -8.04 -7.76 -6.08
CA ARG A 35 -6.89 -7.42 -5.22
C ARG A 35 -6.73 -5.91 -5.01
N TYR A 36 -6.63 -5.51 -3.74
CA TYR A 36 -6.78 -4.13 -3.30
C TYR A 36 -5.79 -3.72 -2.20
N VAL A 37 -5.85 -2.45 -1.79
CA VAL A 37 -5.34 -1.90 -0.53
C VAL A 37 -6.48 -1.31 0.31
N ASN A 38 -6.44 -1.46 1.64
CA ASN A 38 -7.47 -0.97 2.56
C ASN A 38 -6.96 -0.79 4.00
N SER A 39 -7.37 0.30 4.66
CA SER A 39 -6.90 0.71 5.97
C SER A 39 -7.99 1.42 6.80
N TRP A 40 -7.82 1.41 8.12
CA TRP A 40 -8.80 1.89 9.12
C TRP A 40 -8.17 2.76 10.22
N ASN A 41 -7.07 2.24 10.81
CA ASN A 41 -6.32 2.87 11.89
C ASN A 41 -5.19 3.82 11.42
N LEU A 42 -4.66 3.64 10.20
CA LEU A 42 -3.41 4.27 9.77
C LEU A 42 -3.52 5.80 9.69
N ASP A 43 -2.53 6.47 10.25
CA ASP A 43 -2.36 7.91 10.15
C ASP A 43 -2.09 8.44 8.72
N LEU A 44 -1.46 7.59 7.90
CA LEU A 44 -1.22 7.82 6.47
C LEU A 44 -1.15 6.49 5.71
N LEU A 45 -1.73 6.47 4.51
CA LEU A 45 -1.42 5.47 3.49
C LEU A 45 -1.47 6.11 2.10
N GLU A 46 -0.31 6.21 1.43
CA GLU A 46 -0.21 6.73 0.06
C GLU A 46 0.45 5.72 -0.89
N ILE A 47 -0.04 5.63 -2.13
CA ILE A 47 0.46 4.72 -3.17
C ILE A 47 0.68 5.51 -4.45
N ASN A 48 1.92 5.54 -4.96
CA ASN A 48 2.31 6.29 -6.15
C ASN A 48 1.85 7.76 -6.13
N GLY A 49 1.95 8.41 -4.97
CA GLY A 49 1.65 9.82 -4.81
C GLY A 49 0.16 10.16 -4.71
N THR A 50 -0.67 9.19 -4.32
CA THR A 50 -2.10 9.37 -3.97
C THR A 50 -2.50 8.77 -2.64
N ASP A 51 -3.20 9.54 -1.82
CA ASP A 51 -3.70 9.18 -0.48
C ASP A 51 -5.01 8.38 -0.43
N TYR A 52 -5.02 7.30 0.36
CA TYR A 52 -6.14 6.35 0.47
C TYR A 52 -6.41 5.83 1.89
N THR A 53 -5.78 6.42 2.93
CA THR A 53 -5.92 5.94 4.32
C THR A 53 -7.33 5.72 4.85
N ASN A 54 -8.25 6.62 4.50
CA ASN A 54 -9.66 6.54 4.92
C ASN A 54 -10.58 5.74 3.96
N VAL A 55 -10.03 5.02 2.97
CA VAL A 55 -10.82 4.30 1.94
C VAL A 55 -10.30 2.88 1.63
N TRP A 56 -10.77 2.27 0.55
CA TRP A 56 -10.13 1.13 -0.11
C TRP A 56 -9.86 1.50 -1.59
N VAL A 57 -8.88 0.86 -2.22
CA VAL A 57 -8.53 1.06 -3.64
C VAL A 57 -8.06 -0.23 -4.31
N ALA A 58 -8.53 -0.51 -5.54
CA ALA A 58 -8.06 -1.66 -6.31
C ALA A 58 -6.62 -1.43 -6.82
N GLN A 59 -5.77 -2.46 -6.83
CA GLN A 59 -4.42 -2.36 -7.41
C GLN A 59 -4.44 -1.93 -8.89
N HIS A 60 -5.47 -2.35 -9.66
CA HIS A 60 -5.68 -1.95 -11.06
C HIS A 60 -6.20 -0.50 -11.23
N GLN A 61 -6.65 0.18 -10.16
CA GLN A 61 -7.03 1.61 -10.23
C GLN A 61 -5.82 2.57 -10.23
N ILE A 62 -4.58 2.06 -10.04
CA ILE A 62 -3.38 2.87 -9.87
C ILE A 62 -2.33 2.59 -10.97
N PRO A 63 -1.90 3.61 -11.75
CA PRO A 63 -0.76 3.50 -12.66
C PRO A 63 0.56 3.08 -12.01
N ALA A 64 1.37 2.29 -12.71
CA ALA A 64 2.75 2.01 -12.33
C ALA A 64 3.66 3.25 -12.45
N ALA A 65 4.84 3.20 -11.84
CA ALA A 65 5.83 4.28 -11.85
C ALA A 65 6.61 4.40 -13.17
N SER A 66 7.46 5.43 -13.26
CA SER A 66 8.39 5.63 -14.39
C SER A 66 9.33 4.43 -14.60
N ASP A 67 9.82 3.84 -13.51
CA ASP A 67 10.53 2.54 -13.50
C ASP A 67 9.68 1.25 -13.41
N GLY A 68 8.34 1.39 -13.40
CA GLY A 68 7.38 0.30 -13.63
C GLY A 68 6.93 -0.47 -12.39
N TYR A 69 7.32 -0.03 -11.21
CA TYR A 69 6.85 -0.50 -9.91
C TYR A 69 5.72 0.34 -9.25
N TRP A 70 5.27 -0.05 -8.07
CA TRP A 70 4.43 0.79 -7.21
C TRP A 70 5.11 1.03 -5.86
N TYR A 71 5.32 2.29 -5.47
CA TYR A 71 5.70 2.71 -4.12
C TYR A 71 4.53 2.91 -3.16
N ILE A 72 4.71 2.49 -1.91
CA ILE A 72 3.70 2.53 -0.85
C ILE A 72 4.33 3.15 0.41
N HIS A 73 3.69 4.17 0.97
CA HIS A 73 4.07 4.88 2.19
C HIS A 73 3.01 4.64 3.27
N TYR A 74 3.45 4.42 4.50
CA TYR A 74 2.61 4.01 5.63
C TYR A 74 3.07 4.83 6.85
N LYS A 75 2.10 5.25 7.67
CA LYS A 75 2.38 5.72 9.05
C LYS A 75 1.31 5.26 10.01
N SER A 76 1.76 4.82 11.18
CA SER A 76 0.93 4.44 12.32
C SER A 76 1.41 5.17 13.59
N GLY A 77 0.56 5.20 14.61
CA GLY A 77 0.80 5.90 15.88
C GLY A 77 0.37 5.10 17.11
N VAL A 78 -0.19 3.90 16.89
CA VAL A 78 -0.82 3.02 17.89
C VAL A 78 -0.39 1.57 17.73
N SER A 79 -0.19 0.83 18.82
CA SER A 79 0.26 -0.58 18.77
C SER A 79 -0.77 -1.54 18.13
N TRP A 80 -2.03 -1.11 18.04
CA TRP A 80 -3.12 -1.83 17.34
C TRP A 80 -3.21 -1.47 15.85
N GLY A 81 -2.39 -0.52 15.40
CA GLY A 81 -2.40 0.02 14.05
C GLY A 81 -1.76 -0.95 13.08
N HIS A 82 -2.58 -1.56 12.23
CA HIS A 82 -2.19 -2.59 11.28
C HIS A 82 -2.77 -2.31 9.87
N VAL A 83 -2.28 -3.02 8.86
CA VAL A 83 -2.84 -3.01 7.50
C VAL A 83 -2.74 -4.35 6.75
N GLU A 84 -3.45 -4.48 5.64
CA GLU A 84 -3.44 -5.65 4.76
C GLU A 84 -3.40 -5.22 3.28
N ILE A 85 -2.65 -5.97 2.47
CA ILE A 85 -2.65 -5.88 0.99
C ILE A 85 -2.80 -7.27 0.36
N LYS A 86 -3.64 -7.42 -0.68
CA LYS A 86 -4.01 -8.73 -1.28
C LYS A 86 -3.11 -9.22 -2.41
N SER A 1 11.40 10.18 6.54
CA SER A 1 11.24 10.31 5.08
C SER A 1 11.15 8.95 4.39
N GLY A 2 12.12 8.06 4.60
CA GLY A 2 12.07 6.64 4.22
C GLY A 2 12.60 6.29 2.83
N GLU A 3 13.02 5.04 2.65
CA GLU A 3 13.56 4.47 1.40
C GLU A 3 13.10 3.01 1.24
N TYR A 4 12.63 2.67 0.04
CA TYR A 4 11.93 1.41 -0.25
C TYR A 4 12.74 0.16 -0.62
N THR A 5 12.20 -1.01 -0.28
CA THR A 5 12.65 -2.36 -0.68
C THR A 5 11.47 -3.16 -1.27
N GLU A 6 11.73 -4.16 -2.11
CA GLU A 6 10.69 -5.00 -2.72
C GLU A 6 10.02 -5.96 -1.72
N ILE A 7 8.69 -5.96 -1.71
CA ILE A 7 7.83 -6.83 -0.87
C ILE A 7 7.15 -7.94 -1.69
N ALA A 8 6.40 -8.81 -1.01
CA ALA A 8 5.64 -9.91 -1.60
C ALA A 8 4.17 -9.89 -1.15
N LEU A 9 3.24 -10.35 -2.00
CA LEU A 9 1.80 -10.34 -1.73
C LEU A 9 1.28 -11.72 -1.23
N PRO A 10 0.21 -11.76 -0.42
CA PRO A 10 -0.39 -10.63 0.29
C PRO A 10 0.59 -10.04 1.32
N PHE A 11 0.46 -8.75 1.61
CA PHE A 11 1.34 -8.01 2.53
C PHE A 11 0.69 -7.60 3.86
N SER A 12 1.46 -7.45 4.94
CA SER A 12 0.94 -7.09 6.27
C SER A 12 1.93 -6.22 7.06
N TYR A 13 1.40 -5.27 7.84
CA TYR A 13 2.15 -4.36 8.73
C TYR A 13 1.42 -4.04 10.04
N ASP A 14 2.14 -3.85 11.16
CA ASP A 14 1.56 -3.46 12.45
C ASP A 14 2.50 -2.68 13.40
N GLY A 15 1.94 -1.91 14.35
CA GLY A 15 2.68 -1.14 15.33
C GLY A 15 2.97 0.29 14.85
N ALA A 16 3.01 1.23 15.78
CA ALA A 16 3.34 2.62 15.55
C ALA A 16 4.74 2.78 14.93
N GLY A 17 4.81 3.56 13.86
CA GLY A 17 6.04 3.95 13.15
C GLY A 17 5.80 4.28 11.66
N GLU A 18 6.79 4.90 11.02
CA GLU A 18 6.84 5.16 9.58
C GLU A 18 7.60 4.08 8.80
N TYR A 19 7.11 3.77 7.60
CA TYR A 19 7.71 2.86 6.62
C TYR A 19 7.45 3.20 5.14
N TYR A 20 8.24 2.62 4.22
CA TYR A 20 8.12 2.84 2.78
C TYR A 20 8.61 1.53 2.11
N TRP A 21 7.86 0.98 1.15
CA TRP A 21 8.18 -0.26 0.41
C TRP A 21 7.75 -0.19 -1.06
N LYS A 22 8.19 -1.13 -1.93
CA LYS A 22 7.79 -1.19 -3.35
C LYS A 22 7.35 -2.59 -3.80
N THR A 23 6.61 -2.66 -4.91
CA THR A 23 6.15 -3.91 -5.53
C THR A 23 5.93 -3.76 -7.03
N ASP A 24 6.12 -4.85 -7.77
CA ASP A 24 5.77 -4.98 -9.20
C ASP A 24 4.67 -6.03 -9.47
N GLN A 25 4.25 -6.73 -8.42
CA GLN A 25 3.34 -7.90 -8.45
C GLN A 25 1.84 -7.54 -8.48
N PHE A 26 1.51 -6.26 -8.31
CA PHE A 26 0.15 -5.74 -8.47
C PHE A 26 -0.69 -6.26 -9.65
N SER A 27 -1.98 -6.49 -9.38
CA SER A 27 -3.00 -6.82 -10.41
C SER A 27 -3.20 -5.69 -11.43
N THR A 28 -3.67 -6.02 -12.63
CA THR A 28 -3.86 -5.09 -13.77
C THR A 28 -5.17 -5.27 -14.55
N ASP A 29 -5.79 -6.45 -14.49
CA ASP A 29 -7.04 -6.79 -15.18
C ASP A 29 -8.26 -5.98 -14.67
N PRO A 30 -8.95 -5.17 -15.51
CA PRO A 30 -10.10 -4.35 -15.09
C PRO A 30 -11.33 -5.14 -14.56
N ASN A 31 -11.29 -6.47 -14.57
CA ASN A 31 -12.27 -7.35 -13.94
C ASN A 31 -12.03 -7.60 -12.44
N ASP A 32 -10.80 -7.39 -11.94
CA ASP A 32 -10.36 -7.86 -10.63
C ASP A 32 -10.51 -6.87 -9.46
N TRP A 33 -11.47 -7.13 -8.57
CA TRP A 33 -11.73 -6.36 -7.34
C TRP A 33 -11.34 -7.12 -6.05
N SER A 34 -10.72 -8.30 -6.17
CA SER A 34 -10.26 -9.18 -5.08
C SER A 34 -8.85 -8.82 -4.60
N ARG A 35 -8.02 -8.28 -5.51
CA ARG A 35 -6.75 -7.62 -5.19
C ARG A 35 -6.99 -6.13 -4.87
N TYR A 36 -7.16 -5.81 -3.59
CA TYR A 36 -7.42 -4.45 -3.06
C TYR A 36 -6.41 -3.99 -1.99
N VAL A 37 -6.45 -2.70 -1.67
CA VAL A 37 -5.91 -2.06 -0.45
C VAL A 37 -7.03 -1.43 0.39
N ASN A 38 -6.92 -1.47 1.72
CA ASN A 38 -7.87 -0.83 2.65
C ASN A 38 -7.27 -0.59 4.04
N SER A 39 -7.61 0.53 4.70
CA SER A 39 -7.16 0.90 6.04
C SER A 39 -8.15 1.80 6.80
N TRP A 40 -7.92 1.96 8.11
CA TRP A 40 -8.84 2.63 9.06
C TRP A 40 -8.07 3.29 10.22
N ASN A 41 -7.21 2.54 10.91
CA ASN A 41 -6.41 3.07 12.03
C ASN A 41 -5.22 3.96 11.60
N LEU A 42 -4.71 3.76 10.37
CA LEU A 42 -3.47 4.41 9.90
C LEU A 42 -3.60 5.94 9.78
N ASP A 43 -2.59 6.65 10.30
CA ASP A 43 -2.43 8.10 10.15
C ASP A 43 -2.14 8.55 8.69
N LEU A 44 -1.52 7.67 7.89
CA LEU A 44 -1.26 7.87 6.47
C LEU A 44 -1.03 6.54 5.74
N LEU A 45 -1.64 6.41 4.56
CA LEU A 45 -1.34 5.39 3.56
C LEU A 45 -1.42 6.03 2.17
N GLU A 46 -0.30 6.07 1.46
CA GLU A 46 -0.20 6.54 0.07
C GLU A 46 0.40 5.47 -0.85
N ILE A 47 -0.11 5.38 -2.09
CA ILE A 47 0.41 4.51 -3.15
C ILE A 47 0.69 5.35 -4.39
N ASN A 48 1.96 5.35 -4.82
CA ASN A 48 2.51 6.18 -5.90
C ASN A 48 2.08 7.66 -5.79
N GLY A 49 2.14 8.20 -4.57
CA GLY A 49 1.85 9.59 -4.26
C GLY A 49 0.35 9.91 -4.19
N THR A 50 -0.51 8.90 -4.16
CA THR A 50 -1.97 9.04 -3.98
C THR A 50 -2.44 8.49 -2.64
N ASP A 51 -3.07 9.32 -1.80
CA ASP A 51 -3.59 8.92 -0.49
C ASP A 51 -4.87 8.06 -0.51
N TYR A 52 -4.91 7.04 0.34
CA TYR A 52 -6.04 6.11 0.54
C TYR A 52 -6.33 5.72 1.99
N THR A 53 -5.70 6.38 2.98
CA THR A 53 -5.73 5.99 4.41
C THR A 53 -7.09 5.71 5.05
N ASN A 54 -8.09 6.50 4.64
CA ASN A 54 -9.46 6.43 5.15
C ASN A 54 -10.38 5.46 4.37
N VAL A 55 -9.91 4.88 3.26
CA VAL A 55 -10.77 4.25 2.23
C VAL A 55 -10.23 2.91 1.71
N TRP A 56 -10.75 2.41 0.59
CA TRP A 56 -10.22 1.28 -0.17
C TRP A 56 -9.95 1.67 -1.63
N VAL A 57 -9.08 0.92 -2.30
CA VAL A 57 -8.67 1.06 -3.71
C VAL A 57 -8.35 -0.30 -4.32
N ALA A 58 -8.56 -0.51 -5.63
CA ALA A 58 -8.23 -1.77 -6.30
C ALA A 58 -6.83 -1.71 -6.96
N GLN A 59 -6.05 -2.80 -6.93
CA GLN A 59 -4.73 -2.81 -7.56
C GLN A 59 -4.76 -2.54 -9.07
N HIS A 60 -5.82 -2.95 -9.78
CA HIS A 60 -5.99 -2.64 -11.21
C HIS A 60 -6.18 -1.13 -11.49
N GLN A 61 -6.43 -0.30 -10.48
CA GLN A 61 -6.72 1.13 -10.66
C GLN A 61 -5.46 2.02 -10.72
N ILE A 62 -4.41 1.69 -9.95
CA ILE A 62 -3.35 2.65 -9.59
C ILE A 62 -2.23 2.72 -10.66
N PRO A 63 -1.76 3.91 -11.09
CA PRO A 63 -0.61 4.03 -11.98
C PRO A 63 0.70 3.56 -11.31
N ALA A 64 1.57 2.90 -12.07
CA ALA A 64 2.94 2.60 -11.66
C ALA A 64 3.87 3.84 -11.78
N ALA A 65 5.06 3.74 -11.20
CA ALA A 65 6.15 4.68 -11.44
C ALA A 65 6.72 4.52 -12.86
N SER A 66 7.50 5.49 -13.34
CA SER A 66 8.15 5.40 -14.66
C SER A 66 9.17 4.24 -14.73
N ASP A 67 9.76 3.89 -13.59
CA ASP A 67 10.51 2.63 -13.41
C ASP A 67 9.71 1.31 -13.49
N GLY A 68 8.37 1.37 -13.45
CA GLY A 68 7.48 0.23 -13.73
C GLY A 68 7.09 -0.60 -12.51
N TYR A 69 7.06 0.02 -11.33
CA TYR A 69 6.67 -0.54 -10.03
C TYR A 69 5.90 0.49 -9.21
N TRP A 70 5.20 0.05 -8.16
CA TRP A 70 4.44 0.91 -7.25
C TRP A 70 5.20 1.21 -5.96
N TYR A 71 5.23 2.48 -5.53
CA TYR A 71 5.75 2.87 -4.21
C TYR A 71 4.54 2.77 -3.25
N ILE A 72 4.75 2.33 -2.00
CA ILE A 72 3.75 2.32 -0.93
C ILE A 72 4.35 2.92 0.35
N HIS A 73 3.64 3.86 0.99
CA HIS A 73 4.07 4.63 2.15
C HIS A 73 3.08 4.46 3.30
N TYR A 74 3.57 4.17 4.50
CA TYR A 74 2.78 3.73 5.65
C TYR A 74 3.15 4.60 6.87
N LYS A 75 2.15 4.99 7.68
CA LYS A 75 2.34 5.68 8.96
C LYS A 75 1.31 5.26 10.01
N SER A 76 1.78 4.93 11.21
CA SER A 76 0.97 4.46 12.35
C SER A 76 1.43 5.11 13.66
N GLY A 77 0.51 5.31 14.61
CA GLY A 77 0.73 6.08 15.85
C GLY A 77 0.16 5.44 17.13
N VAL A 78 -0.13 4.15 17.07
CA VAL A 78 -0.81 3.36 18.13
C VAL A 78 -0.26 1.94 18.07
N SER A 79 -0.21 1.23 19.20
CA SER A 79 0.36 -0.13 19.28
C SER A 79 -0.48 -1.20 18.55
N TRP A 80 -1.78 -0.94 18.36
CA TRP A 80 -2.69 -1.83 17.62
C TRP A 80 -2.72 -1.60 16.11
N GLY A 81 -2.39 -0.38 15.65
CA GLY A 81 -2.49 0.07 14.25
C GLY A 81 -1.84 -0.88 13.26
N HIS A 82 -2.66 -1.51 12.42
CA HIS A 82 -2.25 -2.50 11.43
C HIS A 82 -2.82 -2.19 10.05
N VAL A 83 -2.28 -2.88 9.04
CA VAL A 83 -2.80 -2.92 7.68
C VAL A 83 -2.44 -4.21 6.95
N GLU A 84 -3.22 -4.52 5.93
CA GLU A 84 -3.08 -5.70 5.08
C GLU A 84 -3.40 -5.35 3.61
N ILE A 85 -2.65 -5.93 2.67
CA ILE A 85 -2.77 -5.72 1.20
C ILE A 85 -2.86 -7.06 0.46
N LYS A 86 -3.69 -7.13 -0.58
CA LYS A 86 -3.96 -8.35 -1.37
C LYS A 86 -3.05 -8.59 -2.58
N SER A 1 11.74 10.89 -2.21
CA SER A 1 10.54 10.75 -1.35
C SER A 1 10.70 9.69 -0.26
N GLY A 2 11.30 8.52 -0.54
CA GLY A 2 11.66 7.55 0.50
C GLY A 2 12.65 6.46 0.07
N GLU A 3 13.20 5.72 1.03
CA GLU A 3 14.16 4.61 0.79
C GLU A 3 13.49 3.22 0.93
N TYR A 4 12.91 2.73 -0.18
CA TYR A 4 12.09 1.52 -0.26
C TYR A 4 12.76 0.18 -0.60
N THR A 5 12.08 -0.94 -0.26
CA THR A 5 12.46 -2.33 -0.61
C THR A 5 11.26 -3.06 -1.21
N GLU A 6 11.48 -4.04 -2.08
CA GLU A 6 10.43 -4.82 -2.76
C GLU A 6 9.72 -5.80 -1.81
N ILE A 7 8.40 -5.62 -1.66
CA ILE A 7 7.50 -6.52 -0.92
C ILE A 7 6.70 -7.43 -1.87
N ALA A 8 6.14 -8.49 -1.31
CA ALA A 8 5.42 -9.56 -2.00
C ALA A 8 4.06 -9.86 -1.34
N LEU A 9 3.11 -10.43 -2.10
CA LEU A 9 1.68 -10.42 -1.77
C LEU A 9 1.13 -11.77 -1.28
N PRO A 10 0.08 -11.81 -0.42
CA PRO A 10 -0.56 -10.66 0.24
C PRO A 10 0.34 -10.08 1.34
N PHE A 11 0.49 -8.76 1.36
CA PHE A 11 1.38 -8.05 2.28
C PHE A 11 0.69 -7.61 3.57
N SER A 12 1.44 -7.41 4.66
CA SER A 12 0.91 -6.97 5.95
C SER A 12 1.95 -6.18 6.78
N TYR A 13 1.46 -5.23 7.56
CA TYR A 13 2.24 -4.34 8.45
C TYR A 13 1.51 -3.98 9.75
N ASP A 14 2.23 -3.74 10.85
CA ASP A 14 1.68 -3.44 12.18
C ASP A 14 2.61 -2.60 13.08
N GLY A 15 2.07 -1.97 14.13
CA GLY A 15 2.82 -1.20 15.12
C GLY A 15 2.98 0.27 14.72
N ALA A 16 3.06 1.14 15.72
CA ALA A 16 3.29 2.55 15.58
C ALA A 16 4.67 2.84 14.94
N GLY A 17 4.68 3.31 13.69
CA GLY A 17 5.91 3.67 12.97
C GLY A 17 5.70 4.21 11.55
N GLU A 18 6.67 4.98 11.05
CA GLU A 18 6.80 5.45 9.66
C GLU A 18 7.65 4.50 8.81
N TYR A 19 7.09 4.04 7.70
CA TYR A 19 7.64 3.01 6.81
C TYR A 19 7.44 3.23 5.31
N TYR A 20 8.29 2.64 4.47
CA TYR A 20 8.22 2.73 3.01
C TYR A 20 8.60 1.39 2.34
N TRP A 21 7.84 1.00 1.32
CA TRP A 21 8.11 -0.17 0.47
C TRP A 21 7.73 0.07 -1.01
N LYS A 22 8.18 -0.81 -1.91
CA LYS A 22 7.78 -0.84 -3.32
C LYS A 22 7.27 -2.24 -3.70
N THR A 23 6.50 -2.35 -4.79
CA THR A 23 6.08 -3.65 -5.33
C THR A 23 5.83 -3.65 -6.84
N ASP A 24 5.90 -4.82 -7.46
CA ASP A 24 5.63 -5.03 -8.89
C ASP A 24 4.70 -6.22 -9.20
N GLN A 25 4.04 -6.75 -8.17
CA GLN A 25 3.14 -7.92 -8.24
C GLN A 25 1.63 -7.56 -8.21
N PHE A 26 1.33 -6.26 -8.10
CA PHE A 26 -0.03 -5.71 -8.29
C PHE A 26 -0.80 -6.25 -9.51
N SER A 27 -2.07 -6.63 -9.32
CA SER A 27 -2.96 -7.00 -10.42
C SER A 27 -3.35 -5.81 -11.32
N THR A 28 -3.70 -6.12 -12.58
CA THR A 28 -4.11 -5.16 -13.62
C THR A 28 -5.33 -5.59 -14.44
N ASP A 29 -5.74 -6.85 -14.31
CA ASP A 29 -7.00 -7.38 -14.87
C ASP A 29 -8.28 -6.63 -14.43
N PRO A 30 -9.10 -6.08 -15.36
CA PRO A 30 -10.35 -5.38 -15.04
C PRO A 30 -11.39 -6.13 -14.19
N ASN A 31 -11.22 -7.43 -13.98
CA ASN A 31 -12.04 -8.28 -13.12
C ASN A 31 -11.57 -8.35 -11.65
N ASP A 32 -10.29 -8.10 -11.38
CA ASP A 32 -9.60 -8.59 -10.18
C ASP A 32 -9.76 -7.60 -9.00
N TRP A 33 -10.99 -7.16 -8.75
CA TRP A 33 -11.40 -6.29 -7.62
C TRP A 33 -11.27 -6.94 -6.24
N SER A 34 -11.06 -8.26 -6.19
CA SER A 34 -10.61 -8.97 -4.98
C SER A 34 -9.21 -8.56 -4.51
N ARG A 35 -8.40 -7.90 -5.37
CA ARG A 35 -7.09 -7.34 -5.02
C ARG A 35 -7.21 -5.85 -4.72
N TYR A 36 -6.90 -5.43 -3.48
CA TYR A 36 -7.03 -4.03 -3.05
C TYR A 36 -6.20 -3.68 -1.81
N VAL A 37 -5.94 -2.38 -1.66
CA VAL A 37 -5.53 -1.71 -0.42
C VAL A 37 -6.80 -1.23 0.30
N ASN A 38 -6.84 -1.34 1.63
CA ASN A 38 -7.84 -0.71 2.50
C ASN A 38 -7.28 -0.53 3.92
N SER A 39 -7.67 0.53 4.63
CA SER A 39 -7.22 0.83 5.98
C SER A 39 -8.21 1.69 6.78
N TRP A 40 -8.01 1.71 8.10
CA TRP A 40 -8.91 2.31 9.09
C TRP A 40 -8.16 3.06 10.20
N ASN A 41 -7.30 2.37 10.96
CA ASN A 41 -6.44 2.96 12.00
C ASN A 41 -5.32 3.86 11.44
N LEU A 42 -4.77 3.55 10.26
CA LEU A 42 -3.52 4.12 9.75
C LEU A 42 -3.58 5.65 9.69
N ASP A 43 -2.56 6.28 10.27
CA ASP A 43 -2.38 7.73 10.29
C ASP A 43 -1.97 8.37 8.97
N LEU A 44 -1.45 7.55 8.05
CA LEU A 44 -1.19 7.82 6.64
C LEU A 44 -1.02 6.51 5.87
N LEU A 45 -1.56 6.48 4.66
CA LEU A 45 -1.19 5.52 3.62
C LEU A 45 -1.26 6.21 2.26
N GLU A 46 -0.11 6.36 1.60
CA GLU A 46 -0.02 6.92 0.25
C GLU A 46 0.59 5.94 -0.75
N ILE A 47 0.07 5.93 -1.98
CA ILE A 47 0.55 5.10 -3.09
C ILE A 47 0.84 6.00 -4.29
N ASN A 48 2.10 5.98 -4.73
CA ASN A 48 2.67 6.88 -5.73
C ASN A 48 2.46 8.38 -5.42
N GLY A 49 2.36 8.72 -4.14
CA GLY A 49 2.17 10.09 -3.65
C GLY A 49 0.70 10.54 -3.49
N THR A 50 -0.25 9.62 -3.63
CA THR A 50 -1.70 9.84 -3.47
C THR A 50 -2.30 9.11 -2.26
N ASP A 51 -2.98 9.83 -1.37
CA ASP A 51 -3.47 9.28 -0.09
C ASP A 51 -4.77 8.46 -0.16
N TYR A 52 -4.79 7.31 0.53
CA TYR A 52 -5.90 6.37 0.63
C TYR A 52 -6.19 5.81 2.04
N THR A 53 -5.57 6.40 3.08
CA THR A 53 -5.65 5.96 4.49
C THR A 53 -7.03 5.76 5.10
N ASN A 54 -8.00 6.51 4.60
CA ASN A 54 -9.39 6.58 5.06
C ASN A 54 -10.39 5.85 4.14
N VAL A 55 -9.90 5.12 3.12
CA VAL A 55 -10.73 4.48 2.07
C VAL A 55 -10.23 3.09 1.62
N TRP A 56 -10.78 2.54 0.53
CA TRP A 56 -10.21 1.43 -0.22
C TRP A 56 -9.80 1.88 -1.63
N VAL A 57 -8.78 1.24 -2.21
CA VAL A 57 -8.35 1.42 -3.60
C VAL A 57 -7.87 0.10 -4.21
N ALA A 58 -8.30 -0.20 -5.42
CA ALA A 58 -7.95 -1.44 -6.12
C ALA A 58 -6.57 -1.31 -6.80
N GLN A 59 -5.81 -2.41 -6.88
CA GLN A 59 -4.49 -2.40 -7.53
C GLN A 59 -4.62 -2.02 -9.02
N HIS A 60 -5.66 -2.50 -9.69
CA HIS A 60 -6.02 -2.12 -11.06
C HIS A 60 -6.39 -0.63 -11.22
N GLN A 61 -6.73 0.11 -10.15
CA GLN A 61 -6.97 1.57 -10.25
C GLN A 61 -5.68 2.41 -10.44
N ILE A 62 -4.50 1.88 -10.07
CA ILE A 62 -3.28 2.69 -9.92
C ILE A 62 -2.27 2.39 -11.05
N PRO A 63 -1.74 3.41 -11.76
CA PRO A 63 -0.69 3.21 -12.75
C PRO A 63 0.67 2.84 -12.13
N ALA A 64 1.44 1.98 -12.79
CA ALA A 64 2.85 1.73 -12.45
C ALA A 64 3.76 2.90 -12.87
N ALA A 65 4.96 2.97 -12.28
CA ALA A 65 6.05 3.85 -12.73
C ALA A 65 6.65 3.43 -14.08
N SER A 66 7.47 4.29 -14.69
CA SER A 66 8.22 3.99 -15.92
C SER A 66 9.21 2.83 -15.75
N ASP A 67 9.84 2.68 -14.58
CA ASP A 67 10.69 1.51 -14.25
C ASP A 67 9.84 0.30 -13.78
N GLY A 68 8.51 0.42 -13.69
CA GLY A 68 7.57 -0.71 -13.74
C GLY A 68 6.98 -1.15 -12.41
N TYR A 69 7.04 -0.32 -11.36
CA TYR A 69 6.61 -0.65 -10.01
C TYR A 69 5.75 0.44 -9.37
N TRP A 70 5.14 0.13 -8.22
CA TRP A 70 4.36 1.05 -7.37
C TRP A 70 5.12 1.38 -6.08
N TYR A 71 5.03 2.63 -5.60
CA TYR A 71 5.70 3.09 -4.36
C TYR A 71 4.60 3.17 -3.29
N ILE A 72 4.85 2.72 -2.06
CA ILE A 72 3.87 2.70 -0.96
C ILE A 72 4.50 3.21 0.36
N HIS A 73 3.82 4.15 1.02
CA HIS A 73 4.23 4.80 2.27
C HIS A 73 3.16 4.63 3.35
N TYR A 74 3.59 4.33 4.57
CA TYR A 74 2.73 3.94 5.70
C TYR A 74 3.10 4.77 6.94
N LYS A 75 2.09 5.12 7.75
CA LYS A 75 2.25 5.63 9.12
C LYS A 75 1.20 5.08 10.06
N SER A 76 1.63 4.71 11.26
CA SER A 76 0.80 4.24 12.36
C SER A 76 1.26 4.87 13.68
N GLY A 77 0.37 4.94 14.69
CA GLY A 77 0.56 5.69 15.93
C GLY A 77 0.06 5.00 17.19
N VAL A 78 -0.17 3.69 17.08
CA VAL A 78 -0.72 2.79 18.11
C VAL A 78 -0.15 1.39 17.82
N SER A 79 0.15 0.64 18.88
CA SER A 79 0.51 -0.79 18.84
C SER A 79 -0.58 -1.70 18.25
N TRP A 80 -1.82 -1.21 18.18
CA TRP A 80 -3.00 -1.89 17.62
C TRP A 80 -3.14 -1.60 16.11
N GLY A 81 -2.47 -0.56 15.61
CA GLY A 81 -2.48 -0.14 14.21
C GLY A 81 -1.84 -1.17 13.29
N HIS A 82 -2.60 -1.62 12.29
CA HIS A 82 -2.22 -2.65 11.33
C HIS A 82 -2.87 -2.43 9.95
N VAL A 83 -2.39 -3.14 8.94
CA VAL A 83 -2.97 -3.20 7.59
C VAL A 83 -2.71 -4.51 6.83
N GLU A 84 -3.44 -4.72 5.75
CA GLU A 84 -3.24 -5.79 4.76
C GLU A 84 -3.40 -5.27 3.33
N ILE A 85 -2.60 -5.81 2.40
CA ILE A 85 -2.70 -5.54 0.95
C ILE A 85 -2.83 -6.86 0.18
N LYS A 86 -3.84 -6.98 -0.68
CA LYS A 86 -4.20 -8.22 -1.40
C LYS A 86 -3.59 -8.35 -2.81
N SER A 1 11.49 4.25 8.00
CA SER A 1 12.47 3.84 6.98
C SER A 1 12.34 4.69 5.72
N GLY A 2 13.42 4.71 4.92
CA GLY A 2 13.54 5.41 3.64
C GLY A 2 14.41 4.62 2.65
N GLU A 3 14.45 5.03 1.38
CA GLU A 3 14.95 4.25 0.23
C GLU A 3 14.28 2.87 0.16
N TYR A 4 13.12 2.82 -0.50
CA TYR A 4 12.22 1.68 -0.48
C TYR A 4 12.75 0.30 -0.92
N THR A 5 12.37 -0.73 -0.17
CA THR A 5 12.67 -2.15 -0.41
C THR A 5 11.51 -2.90 -1.08
N GLU A 6 11.80 -3.93 -1.86
CA GLU A 6 10.77 -4.77 -2.49
C GLU A 6 10.01 -5.69 -1.51
N ILE A 7 8.68 -5.64 -1.58
CA ILE A 7 7.76 -6.55 -0.89
C ILE A 7 6.99 -7.45 -1.87
N ALA A 8 6.48 -8.55 -1.33
CA ALA A 8 5.72 -9.61 -2.00
C ALA A 8 4.33 -9.76 -1.38
N LEU A 9 3.36 -10.23 -2.17
CA LEU A 9 1.93 -10.23 -1.81
C LEU A 9 1.41 -11.66 -1.50
N PRO A 10 0.34 -11.81 -0.70
CA PRO A 10 -0.33 -10.78 0.08
C PRO A 10 0.56 -10.27 1.22
N PHE A 11 0.40 -9.00 1.59
CA PHE A 11 1.25 -8.29 2.54
C PHE A 11 0.54 -7.84 3.82
N SER A 12 1.26 -7.63 4.92
CA SER A 12 0.73 -7.08 6.17
C SER A 12 1.76 -6.23 6.92
N TYR A 13 1.28 -5.22 7.64
CA TYR A 13 2.08 -4.32 8.50
C TYR A 13 1.35 -3.90 9.77
N ASP A 14 2.05 -3.79 10.90
CA ASP A 14 1.48 -3.34 12.18
C ASP A 14 2.44 -2.61 13.13
N GLY A 15 1.91 -1.80 14.05
CA GLY A 15 2.66 -1.13 15.11
C GLY A 15 3.00 0.33 14.77
N ALA A 16 3.04 1.16 15.81
CA ALA A 16 3.39 2.56 15.76
C ALA A 16 4.80 2.78 15.14
N GLY A 17 4.84 3.37 13.95
CA GLY A 17 6.07 3.67 13.21
C GLY A 17 5.82 4.09 11.75
N GLU A 18 6.79 4.76 11.14
CA GLU A 18 6.72 5.34 9.77
C GLU A 18 7.62 4.57 8.78
N TYR A 19 7.07 4.13 7.65
CA TYR A 19 7.68 3.16 6.74
C TYR A 19 7.44 3.40 5.24
N TYR A 20 8.27 2.81 4.38
CA TYR A 20 8.10 2.93 2.92
C TYR A 20 8.57 1.61 2.29
N TRP A 21 7.82 1.11 1.30
CA TRP A 21 8.14 -0.07 0.49
C TRP A 21 7.78 0.10 -1.00
N LYS A 22 8.29 -0.78 -1.88
CA LYS A 22 7.89 -0.87 -3.30
C LYS A 22 7.47 -2.29 -3.69
N THR A 23 6.75 -2.44 -4.79
CA THR A 23 6.33 -3.75 -5.33
C THR A 23 6.11 -3.79 -6.83
N ASP A 24 6.36 -4.95 -7.45
CA ASP A 24 6.19 -5.23 -8.89
C ASP A 24 5.10 -6.28 -9.21
N GLN A 25 4.27 -6.60 -8.20
CA GLN A 25 3.32 -7.73 -8.22
C GLN A 25 1.85 -7.32 -8.15
N PHE A 26 1.54 -6.04 -7.92
CA PHE A 26 0.18 -5.49 -8.10
C PHE A 26 -0.57 -5.94 -9.36
N SER A 27 -1.84 -6.34 -9.22
CA SER A 27 -2.69 -6.65 -10.37
C SER A 27 -3.00 -5.39 -11.23
N THR A 28 -3.21 -5.59 -12.52
CA THR A 28 -3.50 -4.54 -13.52
C THR A 28 -4.74 -4.76 -14.39
N ASP A 29 -5.37 -5.92 -14.28
CA ASP A 29 -6.57 -6.33 -15.01
C ASP A 29 -7.88 -5.73 -14.44
N PRO A 30 -8.69 -4.96 -15.20
CA PRO A 30 -10.00 -4.40 -14.77
C PRO A 30 -11.12 -5.38 -14.38
N ASN A 31 -10.77 -6.59 -13.94
CA ASN A 31 -11.64 -7.60 -13.35
C ASN A 31 -11.21 -8.05 -11.94
N ASP A 32 -9.98 -7.76 -11.51
CA ASP A 32 -9.42 -8.10 -10.18
C ASP A 32 -9.93 -7.30 -8.96
N TRP A 33 -11.21 -6.94 -8.95
CA TRP A 33 -11.84 -6.04 -7.96
C TRP A 33 -11.76 -6.50 -6.49
N SER A 34 -11.36 -7.75 -6.22
CA SER A 34 -11.11 -8.30 -4.89
C SER A 34 -9.68 -8.10 -4.36
N ARG A 35 -8.73 -7.71 -5.21
CA ARG A 35 -7.31 -7.46 -4.85
C ARG A 35 -7.10 -6.01 -4.46
N TYR A 36 -7.31 -5.70 -3.18
CA TYR A 36 -7.33 -4.33 -2.68
C TYR A 36 -6.18 -3.94 -1.73
N VAL A 37 -6.09 -2.64 -1.48
CA VAL A 37 -5.51 -2.00 -0.29
C VAL A 37 -6.67 -1.38 0.51
N ASN A 38 -6.74 -1.55 1.84
CA ASN A 38 -7.76 -0.91 2.68
C ASN A 38 -7.32 -0.73 4.15
N SER A 39 -7.56 0.46 4.70
CA SER A 39 -7.18 0.85 6.06
C SER A 39 -8.17 1.83 6.72
N TRP A 40 -7.96 2.04 8.02
CA TRP A 40 -8.71 2.98 8.86
C TRP A 40 -8.00 3.50 10.11
N ASN A 41 -7.30 2.62 10.82
CA ASN A 41 -6.44 3.00 11.97
C ASN A 41 -5.19 3.80 11.56
N LEU A 42 -4.74 3.67 10.30
CA LEU A 42 -3.49 4.27 9.83
C LEU A 42 -3.56 5.79 9.82
N ASP A 43 -2.48 6.43 10.29
CA ASP A 43 -2.31 7.88 10.22
C ASP A 43 -2.08 8.35 8.78
N LEU A 44 -1.46 7.51 7.95
CA LEU A 44 -1.21 7.75 6.53
C LEU A 44 -1.02 6.43 5.76
N LEU A 45 -1.61 6.36 4.57
CA LEU A 45 -1.25 5.42 3.53
C LEU A 45 -1.35 6.10 2.16
N GLU A 46 -0.24 6.25 1.46
CA GLU A 46 -0.18 6.76 0.08
C GLU A 46 0.40 5.72 -0.89
N ILE A 47 -0.13 5.69 -2.12
CA ILE A 47 0.33 4.85 -3.23
C ILE A 47 0.49 5.74 -4.46
N ASN A 48 1.69 5.78 -5.05
CA ASN A 48 2.04 6.64 -6.19
C ASN A 48 1.60 8.11 -5.96
N GLY A 49 1.87 8.63 -4.75
CA GLY A 49 1.66 10.03 -4.38
C GLY A 49 0.20 10.40 -4.08
N THR A 50 -0.70 9.41 -4.00
CA THR A 50 -2.14 9.58 -3.73
C THR A 50 -2.55 8.87 -2.45
N ASP A 51 -3.19 9.60 -1.54
CA ASP A 51 -3.61 9.10 -0.22
C ASP A 51 -4.89 8.25 -0.27
N TYR A 52 -4.87 7.10 0.42
CA TYR A 52 -5.97 6.14 0.56
C TYR A 52 -6.20 5.62 2.00
N THR A 53 -5.62 6.29 3.00
CA THR A 53 -5.57 5.88 4.43
C THR A 53 -6.86 5.49 5.15
N ASN A 54 -7.98 6.03 4.69
CA ASN A 54 -9.33 5.80 5.24
C ASN A 54 -10.34 5.32 4.17
N VAL A 55 -9.85 4.76 3.06
CA VAL A 55 -10.67 4.19 1.99
C VAL A 55 -10.24 2.78 1.55
N TRP A 56 -10.92 2.19 0.57
CA TRP A 56 -10.47 0.99 -0.15
C TRP A 56 -10.05 1.41 -1.56
N VAL A 57 -9.07 0.73 -2.14
CA VAL A 57 -8.64 0.89 -3.54
C VAL A 57 -8.17 -0.42 -4.15
N ALA A 58 -8.57 -0.72 -5.39
CA ALA A 58 -8.11 -1.93 -6.09
C ALA A 58 -6.72 -1.74 -6.71
N GLN A 59 -5.88 -2.76 -6.74
CA GLN A 59 -4.54 -2.69 -7.36
C GLN A 59 -4.59 -2.27 -8.84
N HIS A 60 -5.57 -2.79 -9.59
CA HIS A 60 -5.76 -2.45 -11.01
C HIS A 60 -6.31 -1.03 -11.23
N GLN A 61 -6.76 -0.31 -10.19
CA GLN A 61 -7.18 1.09 -10.33
C GLN A 61 -5.99 2.04 -10.44
N ILE A 62 -4.81 1.66 -9.92
CA ILE A 62 -3.65 2.55 -9.77
C ILE A 62 -2.58 2.29 -10.85
N PRO A 63 -2.11 3.31 -11.57
CA PRO A 63 -1.00 3.17 -12.52
C PRO A 63 0.36 2.93 -11.84
N ALA A 64 1.20 2.14 -12.49
CA ALA A 64 2.59 1.89 -12.11
C ALA A 64 3.47 3.14 -12.35
N ALA A 65 4.67 3.13 -11.76
CA ALA A 65 5.73 4.09 -12.06
C ALA A 65 6.29 3.91 -13.47
N SER A 66 7.05 4.89 -13.97
CA SER A 66 7.80 4.75 -15.22
C SER A 66 8.88 3.66 -15.15
N ASP A 67 9.51 3.46 -13.98
CA ASP A 67 10.36 2.31 -13.68
C ASP A 67 9.62 0.96 -13.48
N GLY A 68 8.29 0.98 -13.46
CA GLY A 68 7.44 -0.22 -13.64
C GLY A 68 6.98 -0.91 -12.35
N TYR A 69 7.00 -0.19 -11.22
CA TYR A 69 6.60 -0.67 -9.89
C TYR A 69 5.70 0.34 -9.18
N TRP A 70 5.09 -0.06 -8.05
CA TRP A 70 4.28 0.83 -7.21
C TRP A 70 5.04 1.17 -5.92
N TYR A 71 5.18 2.45 -5.59
CA TYR A 71 5.64 2.93 -4.29
C TYR A 71 4.52 3.08 -3.27
N ILE A 72 4.74 2.60 -2.04
CA ILE A 72 3.74 2.56 -0.96
C ILE A 72 4.35 3.12 0.34
N HIS A 73 3.71 4.14 0.91
CA HIS A 73 4.13 4.86 2.11
C HIS A 73 3.12 4.65 3.23
N TYR A 74 3.59 4.28 4.41
CA TYR A 74 2.77 3.88 5.57
C TYR A 74 3.20 4.74 6.77
N LYS A 75 2.25 5.17 7.60
CA LYS A 75 2.54 5.73 8.93
C LYS A 75 1.51 5.30 9.96
N SER A 76 2.01 4.93 11.13
CA SER A 76 1.23 4.50 12.29
C SER A 76 1.71 5.15 13.59
N GLY A 77 0.81 5.29 14.57
CA GLY A 77 1.05 5.94 15.86
C GLY A 77 0.56 5.15 17.08
N VAL A 78 0.06 3.92 16.86
CA VAL A 78 -0.56 3.06 17.89
C VAL A 78 -0.21 1.59 17.62
N SER A 79 -0.12 0.76 18.66
CA SER A 79 0.25 -0.66 18.50
C SER A 79 -0.81 -1.50 17.77
N TRP A 80 -2.08 -1.03 17.76
CA TRP A 80 -3.18 -1.59 16.96
C TRP A 80 -3.29 -1.05 15.53
N GLY A 81 -2.48 -0.07 15.16
CA GLY A 81 -2.37 0.44 13.80
C GLY A 81 -1.78 -0.61 12.88
N HIS A 82 -2.67 -1.31 12.19
CA HIS A 82 -2.41 -2.46 11.33
C HIS A 82 -2.97 -2.27 9.91
N VAL A 83 -2.41 -2.96 8.92
CA VAL A 83 -2.93 -3.01 7.55
C VAL A 83 -2.63 -4.31 6.81
N GLU A 84 -3.32 -4.53 5.69
CA GLU A 84 -3.16 -5.68 4.80
C GLU A 84 -3.33 -5.28 3.32
N ILE A 85 -2.62 -5.96 2.41
CA ILE A 85 -2.71 -5.76 0.95
C ILE A 85 -2.83 -7.13 0.24
N LYS A 86 -3.73 -7.25 -0.76
CA LYS A 86 -4.05 -8.52 -1.46
C LYS A 86 -3.55 -8.63 -2.90
N SER A 1 11.88 10.65 1.94
CA SER A 1 11.78 9.18 1.96
C SER A 1 11.68 8.63 0.55
N GLY A 2 12.64 7.79 0.14
CA GLY A 2 12.75 7.27 -1.22
C GLY A 2 13.71 6.08 -1.39
N GLU A 3 14.16 5.46 -0.29
CA GLU A 3 15.01 4.26 -0.28
C GLU A 3 14.14 3.02 0.03
N TYR A 4 13.26 2.68 -0.90
CA TYR A 4 12.29 1.60 -0.79
C TYR A 4 12.75 0.18 -1.18
N THR A 5 12.33 -0.80 -0.38
CA THR A 5 12.53 -2.25 -0.60
C THR A 5 11.34 -2.97 -1.24
N GLU A 6 11.60 -4.00 -2.04
CA GLU A 6 10.57 -4.84 -2.64
C GLU A 6 9.90 -5.81 -1.65
N ILE A 7 8.57 -5.68 -1.52
CA ILE A 7 7.70 -6.57 -0.74
C ILE A 7 6.97 -7.58 -1.63
N ALA A 8 6.29 -8.56 -1.02
CA ALA A 8 5.56 -9.64 -1.69
C ALA A 8 4.11 -9.80 -1.16
N LEU A 9 3.18 -10.21 -2.03
CA LEU A 9 1.74 -10.27 -1.75
C LEU A 9 1.28 -11.69 -1.31
N PRO A 10 0.32 -11.81 -0.36
CA PRO A 10 -0.30 -10.74 0.40
C PRO A 10 0.67 -10.12 1.41
N PHE A 11 0.52 -8.82 1.68
CA PHE A 11 1.34 -8.06 2.62
C PHE A 11 0.55 -7.58 3.84
N SER A 12 1.18 -7.53 5.01
CA SER A 12 0.54 -7.14 6.27
C SER A 12 1.52 -6.43 7.21
N TYR A 13 0.98 -5.49 7.99
CA TYR A 13 1.74 -4.60 8.89
C TYR A 13 0.97 -4.19 10.15
N ASP A 14 1.63 -4.11 11.31
CA ASP A 14 1.00 -3.76 12.59
C ASP A 14 1.90 -3.04 13.62
N GLY A 15 1.34 -2.19 14.48
CA GLY A 15 2.08 -1.41 15.47
C GLY A 15 2.53 -0.05 14.91
N ALA A 16 2.66 0.91 15.82
CA ALA A 16 3.12 2.25 15.60
C ALA A 16 4.52 2.25 14.95
N GLY A 17 4.67 3.00 13.87
CA GLY A 17 5.91 3.16 13.12
C GLY A 17 5.69 3.71 11.70
N GLU A 18 6.77 4.07 11.02
CA GLU A 18 6.73 4.71 9.70
C GLU A 18 7.69 4.02 8.72
N TYR A 19 7.18 3.68 7.53
CA TYR A 19 7.85 2.86 6.51
C TYR A 19 7.53 3.22 5.06
N TYR A 20 8.40 2.86 4.11
CA TYR A 20 8.20 3.13 2.68
C TYR A 20 8.75 1.89 1.95
N TRP A 21 7.91 1.26 1.13
CA TRP A 21 8.18 0.03 0.37
C TRP A 21 7.77 0.14 -1.12
N LYS A 22 8.18 -0.82 -1.95
CA LYS A 22 7.74 -0.94 -3.36
C LYS A 22 7.28 -2.35 -3.72
N THR A 23 6.53 -2.45 -4.82
CA THR A 23 6.05 -3.71 -5.40
C THR A 23 5.94 -3.61 -6.91
N ASP A 24 6.07 -4.74 -7.59
CA ASP A 24 5.80 -4.91 -9.01
C ASP A 24 4.79 -6.02 -9.34
N GLN A 25 4.30 -6.69 -8.29
CA GLN A 25 3.35 -7.80 -8.33
C GLN A 25 1.88 -7.39 -8.47
N PHE A 26 1.58 -6.08 -8.34
CA PHE A 26 0.25 -5.51 -8.60
C PHE A 26 -0.42 -5.93 -9.93
N SER A 27 -1.66 -6.39 -9.84
CA SER A 27 -2.51 -6.73 -10.99
C SER A 27 -2.85 -5.50 -11.84
N THR A 28 -3.04 -5.70 -13.15
CA THR A 28 -3.50 -4.69 -14.12
C THR A 28 -4.93 -4.85 -14.64
N ASP A 29 -5.60 -5.96 -14.28
CA ASP A 29 -6.88 -6.39 -14.86
C ASP A 29 -8.16 -5.86 -14.16
N PRO A 30 -9.06 -5.11 -14.84
CA PRO A 30 -10.32 -4.62 -14.27
C PRO A 30 -11.28 -5.65 -13.64
N ASN A 31 -11.04 -6.95 -13.78
CA ASN A 31 -11.75 -7.99 -13.03
C ASN A 31 -11.34 -8.08 -11.54
N ASP A 32 -10.12 -7.66 -11.19
CA ASP A 32 -9.50 -7.85 -9.87
C ASP A 32 -9.95 -6.89 -8.74
N TRP A 33 -11.26 -6.80 -8.47
CA TRP A 33 -11.81 -6.07 -7.30
C TRP A 33 -11.59 -6.81 -5.96
N SER A 34 -11.32 -8.12 -6.00
CA SER A 34 -10.99 -8.95 -4.83
C SER A 34 -9.54 -8.80 -4.34
N ARG A 35 -8.72 -8.00 -5.03
CA ARG A 35 -7.34 -7.67 -4.65
C ARG A 35 -7.18 -6.16 -4.45
N TYR A 36 -6.90 -5.74 -3.22
CA TYR A 36 -6.89 -4.33 -2.85
C TYR A 36 -6.01 -3.98 -1.65
N VAL A 37 -5.68 -2.69 -1.55
CA VAL A 37 -5.25 -2.00 -0.33
C VAL A 37 -6.49 -1.43 0.39
N ASN A 38 -6.56 -1.52 1.71
CA ASN A 38 -7.56 -0.81 2.52
C ASN A 38 -7.05 -0.55 3.94
N SER A 39 -7.39 0.60 4.54
CA SER A 39 -7.01 0.98 5.89
C SER A 39 -8.03 1.86 6.60
N TRP A 40 -7.90 1.91 7.93
CA TRP A 40 -8.80 2.59 8.87
C TRP A 40 -8.02 3.35 9.96
N ASN A 41 -7.23 2.64 10.76
CA ASN A 41 -6.47 3.18 11.89
C ASN A 41 -5.25 4.03 11.49
N LEU A 42 -4.69 3.83 10.29
CA LEU A 42 -3.43 4.43 9.85
C LEU A 42 -3.52 5.97 9.79
N ASP A 43 -2.45 6.63 10.26
CA ASP A 43 -2.26 8.09 10.18
C ASP A 43 -1.88 8.65 8.80
N LEU A 44 -1.32 7.78 7.95
CA LEU A 44 -1.04 7.99 6.54
C LEU A 44 -0.93 6.64 5.82
N LEU A 45 -1.51 6.58 4.62
CA LEU A 45 -1.17 5.62 3.58
C LEU A 45 -1.25 6.32 2.23
N GLU A 46 -0.14 6.41 1.51
CA GLU A 46 -0.07 6.92 0.13
C GLU A 46 0.48 5.87 -0.84
N ILE A 47 -0.07 5.81 -2.06
CA ILE A 47 0.38 4.96 -3.16
C ILE A 47 0.67 5.83 -4.38
N ASN A 48 1.92 5.79 -4.84
CA ASN A 48 2.48 6.67 -5.85
C ASN A 48 2.28 8.17 -5.52
N GLY A 49 2.31 8.52 -4.23
CA GLY A 49 2.15 9.87 -3.69
C GLY A 49 0.72 10.27 -3.32
N THR A 50 -0.28 9.46 -3.67
CA THR A 50 -1.71 9.77 -3.51
C THR A 50 -2.35 9.04 -2.34
N ASP A 51 -3.05 9.78 -1.50
CA ASP A 51 -3.54 9.33 -0.18
C ASP A 51 -4.78 8.40 -0.22
N TYR A 52 -4.76 7.34 0.59
CA TYR A 52 -5.85 6.37 0.76
C TYR A 52 -6.06 5.89 2.22
N THR A 53 -5.48 6.58 3.21
CA THR A 53 -5.43 6.16 4.64
C THR A 53 -6.74 5.73 5.33
N ASN A 54 -7.85 6.34 4.91
CA ASN A 54 -9.19 6.07 5.43
C ASN A 54 -10.12 5.39 4.41
N VAL A 55 -9.60 4.83 3.30
CA VAL A 55 -10.42 4.23 2.22
C VAL A 55 -9.86 2.90 1.67
N TRP A 56 -10.47 2.36 0.61
CA TRP A 56 -9.99 1.21 -0.16
C TRP A 56 -9.55 1.64 -1.58
N VAL A 57 -8.57 0.93 -2.14
CA VAL A 57 -8.11 1.08 -3.55
C VAL A 57 -7.62 -0.24 -4.13
N ALA A 58 -8.07 -0.59 -5.33
CA ALA A 58 -7.74 -1.85 -6.01
C ALA A 58 -6.38 -1.80 -6.71
N GLN A 59 -5.65 -2.92 -6.80
CA GLN A 59 -4.31 -2.93 -7.43
C GLN A 59 -4.40 -2.52 -8.91
N HIS A 60 -5.45 -3.00 -9.59
CA HIS A 60 -5.73 -2.70 -11.00
C HIS A 60 -6.18 -1.25 -11.24
N GLN A 61 -6.56 -0.49 -10.20
CA GLN A 61 -7.02 0.90 -10.34
C GLN A 61 -5.87 1.93 -10.42
N ILE A 62 -4.64 1.50 -10.14
CA ILE A 62 -3.45 2.36 -10.10
C ILE A 62 -2.44 1.94 -11.17
N PRO A 63 -1.98 2.85 -12.05
CA PRO A 63 -0.91 2.57 -13.00
C PRO A 63 0.48 2.61 -12.34
N ALA A 64 1.38 1.72 -12.78
CA ALA A 64 2.79 1.75 -12.37
C ALA A 64 3.52 3.03 -12.84
N ALA A 65 4.70 3.27 -12.28
CA ALA A 65 5.63 4.29 -12.76
C ALA A 65 6.11 4.01 -14.19
N SER A 66 6.67 5.00 -14.89
CA SER A 66 7.36 4.77 -16.17
C SER A 66 8.57 3.82 -16.03
N ASP A 67 9.15 3.74 -14.83
CA ASP A 67 10.11 2.71 -14.41
C ASP A 67 9.53 1.32 -14.05
N GLY A 68 8.20 1.18 -13.95
CA GLY A 68 7.50 -0.12 -14.05
C GLY A 68 7.11 -0.80 -12.73
N TYR A 69 7.03 -0.03 -11.64
CA TYR A 69 6.69 -0.48 -10.30
C TYR A 69 5.79 0.53 -9.58
N TRP A 70 5.25 0.15 -8.42
CA TRP A 70 4.44 0.97 -7.53
C TRP A 70 5.18 1.21 -6.20
N TYR A 71 5.07 2.41 -5.63
CA TYR A 71 5.60 2.80 -4.34
C TYR A 71 4.50 3.04 -3.29
N ILE A 72 4.71 2.56 -2.07
CA ILE A 72 3.73 2.56 -0.98
C ILE A 72 4.37 3.11 0.31
N HIS A 73 3.69 4.05 0.96
CA HIS A 73 4.18 4.86 2.08
C HIS A 73 3.19 4.72 3.25
N TYR A 74 3.66 4.27 4.42
CA TYR A 74 2.83 3.81 5.55
C TYR A 74 3.19 4.59 6.83
N LYS A 75 2.19 4.94 7.65
CA LYS A 75 2.41 5.50 9.00
C LYS A 75 1.34 5.07 9.99
N SER A 76 1.81 4.66 11.17
CA SER A 76 1.00 4.22 12.31
C SER A 76 1.50 4.86 13.60
N GLY A 77 0.60 5.12 14.54
CA GLY A 77 0.86 5.80 15.81
C GLY A 77 0.47 5.03 17.06
N VAL A 78 -0.14 3.84 16.89
CA VAL A 78 -0.85 3.10 17.95
C VAL A 78 -0.55 1.61 17.84
N SER A 79 -0.54 0.90 18.97
CA SER A 79 -0.17 -0.53 19.02
C SER A 79 -1.20 -1.46 18.36
N TRP A 80 -2.46 -1.01 18.24
CA TRP A 80 -3.53 -1.68 17.51
C TRP A 80 -3.53 -1.44 15.99
N GLY A 81 -2.85 -0.39 15.54
CA GLY A 81 -2.87 0.09 14.17
C GLY A 81 -2.23 -0.90 13.21
N HIS A 82 -3.06 -1.50 12.36
CA HIS A 82 -2.69 -2.54 11.41
C HIS A 82 -3.23 -2.28 10.00
N VAL A 83 -2.68 -2.98 9.01
CA VAL A 83 -3.12 -2.97 7.61
C VAL A 83 -2.88 -4.28 6.87
N GLU A 84 -3.56 -4.47 5.74
CA GLU A 84 -3.41 -5.62 4.85
C GLU A 84 -3.55 -5.21 3.38
N ILE A 85 -2.78 -5.87 2.52
CA ILE A 85 -2.79 -5.72 1.06
C ILE A 85 -2.86 -7.12 0.42
N LYS A 86 -3.92 -7.42 -0.34
CA LYS A 86 -4.17 -8.77 -0.91
C LYS A 86 -3.44 -9.06 -2.21
N SER A 1 11.43 8.17 6.26
CA SER A 1 11.82 6.85 5.75
C SER A 1 11.96 6.89 4.23
N GLY A 2 12.82 6.06 3.64
CA GLY A 2 13.14 6.09 2.21
C GLY A 2 14.04 4.94 1.76
N GLU A 3 14.53 4.99 0.51
CA GLU A 3 15.22 3.89 -0.20
C GLU A 3 14.38 2.61 -0.19
N TYR A 4 13.20 2.70 -0.81
CA TYR A 4 12.15 1.67 -0.75
C TYR A 4 12.48 0.26 -1.23
N THR A 5 12.15 -0.75 -0.41
CA THR A 5 12.43 -2.18 -0.62
C THR A 5 11.30 -2.99 -1.25
N GLU A 6 11.63 -3.98 -2.08
CA GLU A 6 10.70 -4.91 -2.72
C GLU A 6 10.04 -5.90 -1.75
N ILE A 7 8.71 -5.88 -1.69
CA ILE A 7 7.88 -6.81 -0.91
C ILE A 7 7.21 -7.86 -1.81
N ALA A 8 6.50 -8.82 -1.23
CA ALA A 8 5.75 -9.89 -1.91
C ALA A 8 4.30 -9.99 -1.39
N LEU A 9 3.35 -10.32 -2.26
CA LEU A 9 1.90 -10.32 -1.96
C LEU A 9 1.37 -11.75 -1.70
N PRO A 10 0.34 -11.95 -0.85
CA PRO A 10 -0.29 -10.94 0.00
C PRO A 10 0.65 -10.46 1.13
N PHE A 11 0.35 -9.29 1.66
CA PHE A 11 1.20 -8.54 2.61
C PHE A 11 0.43 -7.94 3.79
N SER A 12 1.10 -7.68 4.91
CA SER A 12 0.53 -7.01 6.08
C SER A 12 1.58 -6.23 6.89
N TYR A 13 1.10 -5.22 7.61
CA TYR A 13 1.88 -4.38 8.53
C TYR A 13 1.09 -3.96 9.78
N ASP A 14 1.72 -3.89 10.96
CA ASP A 14 1.06 -3.52 12.22
C ASP A 14 1.95 -2.85 13.28
N GLY A 15 1.35 -2.08 14.19
CA GLY A 15 2.03 -1.39 15.29
C GLY A 15 2.44 0.03 14.88
N ALA A 16 2.53 0.93 15.85
CA ALA A 16 3.02 2.28 15.69
C ALA A 16 4.45 2.30 15.13
N GLY A 17 4.65 2.96 14.00
CA GLY A 17 5.93 3.10 13.28
C GLY A 17 5.74 3.66 11.87
N GLU A 18 6.83 3.99 11.18
CA GLU A 18 6.83 4.63 9.85
C GLU A 18 7.73 3.90 8.83
N TYR A 19 7.17 3.49 7.69
CA TYR A 19 7.82 2.61 6.69
C TYR A 19 7.59 3.00 5.21
N TYR A 20 8.44 2.51 4.30
CA TYR A 20 8.32 2.81 2.88
C TYR A 20 8.76 1.54 2.10
N TRP A 21 7.92 1.04 1.19
CA TRP A 21 8.15 -0.18 0.40
C TRP A 21 7.71 -0.06 -1.07
N LYS A 22 8.07 -1.02 -1.93
CA LYS A 22 7.65 -1.09 -3.35
C LYS A 22 7.22 -2.49 -3.77
N THR A 23 6.43 -2.58 -4.84
CA THR A 23 6.04 -3.85 -5.49
C THR A 23 5.73 -3.64 -6.97
N ASP A 24 6.02 -4.64 -7.79
CA ASP A 24 5.67 -4.74 -9.23
C ASP A 24 4.60 -5.84 -9.47
N GLN A 25 4.27 -6.61 -8.44
CA GLN A 25 3.30 -7.72 -8.45
C GLN A 25 1.83 -7.27 -8.36
N PHE A 26 1.64 -5.98 -8.03
CA PHE A 26 0.35 -5.31 -7.85
C PHE A 26 -0.54 -5.63 -9.07
N SER A 27 -1.83 -5.85 -8.82
CA SER A 27 -2.81 -6.20 -9.85
C SER A 27 -3.13 -5.03 -10.77
N THR A 28 -3.38 -5.33 -12.05
CA THR A 28 -3.76 -4.34 -13.07
C THR A 28 -4.84 -4.77 -14.08
N ASP A 29 -5.32 -6.01 -13.98
CA ASP A 29 -6.46 -6.55 -14.74
C ASP A 29 -7.85 -6.10 -14.22
N PRO A 30 -8.72 -5.45 -15.02
CA PRO A 30 -10.06 -5.00 -14.58
C PRO A 30 -11.00 -6.10 -14.03
N ASN A 31 -10.73 -7.39 -14.27
CA ASN A 31 -11.48 -8.49 -13.63
C ASN A 31 -11.13 -8.70 -12.14
N ASP A 32 -9.94 -8.28 -11.73
CA ASP A 32 -9.33 -8.60 -10.43
C ASP A 32 -9.74 -7.74 -9.22
N TRP A 33 -11.05 -7.56 -9.03
CA TRP A 33 -11.65 -6.80 -7.92
C TRP A 33 -11.26 -7.23 -6.50
N SER A 34 -10.91 -8.52 -6.32
CA SER A 34 -10.46 -9.06 -5.03
C SER A 34 -9.06 -8.61 -4.61
N ARG A 35 -8.30 -7.96 -5.50
CA ARG A 35 -6.91 -7.53 -5.25
C ARG A 35 -6.85 -6.06 -4.83
N TYR A 36 -6.88 -5.78 -3.53
CA TYR A 36 -6.93 -4.43 -2.94
C TYR A 36 -5.83 -4.09 -1.91
N VAL A 37 -5.83 -2.85 -1.41
CA VAL A 37 -5.33 -2.45 -0.08
C VAL A 37 -6.53 -2.13 0.83
N ASN A 38 -6.54 -2.58 2.10
CA ASN A 38 -7.56 -2.20 3.08
C ASN A 38 -6.99 -1.41 4.27
N SER A 39 -7.51 -0.21 4.50
CA SER A 39 -6.96 0.84 5.36
C SER A 39 -8.05 1.67 6.06
N TRP A 40 -7.84 2.00 7.33
CA TRP A 40 -8.69 2.89 8.13
C TRP A 40 -8.01 3.53 9.36
N ASN A 41 -7.38 2.71 10.22
CA ASN A 41 -6.71 3.16 11.46
C ASN A 41 -5.43 4.00 11.21
N LEU A 42 -4.86 3.91 10.00
CA LEU A 42 -3.53 4.43 9.68
C LEU A 42 -3.49 5.97 9.76
N ASP A 43 -2.41 6.52 10.34
CA ASP A 43 -2.10 7.96 10.34
C ASP A 43 -1.63 8.53 8.99
N LEU A 44 -1.07 7.67 8.13
CA LEU A 44 -0.77 7.93 6.73
C LEU A 44 -0.72 6.63 5.92
N LEU A 45 -1.30 6.67 4.73
CA LEU A 45 -1.01 5.76 3.64
C LEU A 45 -1.04 6.56 2.34
N GLU A 46 0.06 6.56 1.59
CA GLU A 46 0.09 7.05 0.21
C GLU A 46 0.65 5.99 -0.75
N ILE A 47 0.12 5.94 -1.98
CA ILE A 47 0.62 5.11 -3.09
C ILE A 47 0.92 6.04 -4.26
N ASN A 48 2.17 6.03 -4.72
CA ASN A 48 2.71 6.93 -5.75
C ASN A 48 2.44 8.42 -5.49
N GLY A 49 2.27 8.80 -4.21
CA GLY A 49 2.00 10.17 -3.80
C GLY A 49 0.52 10.58 -3.83
N THR A 50 -0.42 9.63 -3.89
CA THR A 50 -1.86 9.84 -3.64
C THR A 50 -2.24 9.18 -2.32
N ASP A 51 -2.92 9.92 -1.43
CA ASP A 51 -3.35 9.45 -0.11
C ASP A 51 -4.61 8.55 -0.07
N TYR A 52 -4.54 7.45 0.68
CA TYR A 52 -5.59 6.43 0.90
C TYR A 52 -5.71 5.93 2.37
N THR A 53 -5.25 6.75 3.33
CA THR A 53 -5.24 6.39 4.77
C THR A 53 -6.58 6.03 5.40
N ASN A 54 -7.63 6.75 4.99
CA ASN A 54 -8.99 6.62 5.51
C ASN A 54 -9.85 5.57 4.78
N VAL A 55 -9.39 5.05 3.63
CA VAL A 55 -10.25 4.37 2.64
C VAL A 55 -9.50 3.37 1.76
N TRP A 56 -10.08 2.18 1.61
CA TRP A 56 -9.59 1.08 0.78
C TRP A 56 -9.52 1.45 -0.72
N VAL A 57 -8.60 0.81 -1.45
CA VAL A 57 -8.36 1.05 -2.89
C VAL A 57 -8.03 -0.25 -3.64
N ALA A 58 -8.54 -0.39 -4.86
CA ALA A 58 -8.22 -1.53 -5.72
C ALA A 58 -6.82 -1.36 -6.34
N GLN A 59 -6.03 -2.43 -6.44
CA GLN A 59 -4.72 -2.37 -7.11
C GLN A 59 -4.87 -2.00 -8.60
N HIS A 60 -5.89 -2.51 -9.30
CA HIS A 60 -6.20 -2.16 -10.70
C HIS A 60 -6.80 -0.75 -10.90
N GLN A 61 -6.85 0.09 -9.86
CA GLN A 61 -7.22 1.51 -9.98
C GLN A 61 -6.00 2.45 -10.17
N ILE A 62 -4.79 2.03 -9.78
CA ILE A 62 -3.62 2.94 -9.65
C ILE A 62 -2.59 2.72 -10.78
N PRO A 63 -2.15 3.76 -11.51
CA PRO A 63 -1.04 3.67 -12.48
C PRO A 63 0.34 3.55 -11.81
N ALA A 64 1.25 2.82 -12.46
CA ALA A 64 2.59 2.48 -11.96
C ALA A 64 3.68 3.55 -12.26
N ALA A 65 4.90 3.31 -11.77
CA ALA A 65 6.10 4.09 -12.14
C ALA A 65 6.62 3.78 -13.56
N SER A 66 7.66 4.47 -14.02
CA SER A 66 8.29 4.21 -15.33
C SER A 66 8.89 2.80 -15.43
N ASP A 67 9.61 2.36 -14.39
CA ASP A 67 10.10 0.98 -14.25
C ASP A 67 8.97 -0.06 -14.19
N GLY A 68 7.86 0.32 -13.54
CA GLY A 68 6.60 -0.44 -13.56
C GLY A 68 6.09 -0.85 -12.18
N TYR A 69 6.81 -0.48 -11.11
CA TYR A 69 6.37 -0.67 -9.72
C TYR A 69 5.49 0.43 -9.14
N TRP A 70 4.90 0.16 -7.99
CA TRP A 70 4.21 1.13 -7.13
C TRP A 70 5.00 1.35 -5.83
N TYR A 71 5.20 2.61 -5.41
CA TYR A 71 5.79 3.01 -4.13
C TYR A 71 4.76 3.33 -3.04
N ILE A 72 4.81 2.59 -1.94
CA ILE A 72 3.83 2.59 -0.85
C ILE A 72 4.50 3.13 0.43
N HIS A 73 3.85 4.09 1.07
CA HIS A 73 4.34 4.88 2.19
C HIS A 73 3.35 4.77 3.35
N TYR A 74 3.80 4.39 4.53
CA TYR A 74 2.96 3.94 5.65
C TYR A 74 3.37 4.70 6.92
N LYS A 75 2.39 5.14 7.73
CA LYS A 75 2.61 5.59 9.11
C LYS A 75 1.47 5.14 10.03
N SER A 76 1.85 4.67 11.21
CA SER A 76 0.96 4.28 12.31
C SER A 76 1.43 4.92 13.62
N GLY A 77 0.50 5.20 14.53
CA GLY A 77 0.73 5.82 15.85
C GLY A 77 0.19 5.01 17.03
N VAL A 78 -0.38 3.83 16.76
CA VAL A 78 -1.18 3.05 17.71
C VAL A 78 -0.83 1.56 17.59
N SER A 79 -0.83 0.85 18.71
CA SER A 79 -0.56 -0.61 18.79
C SER A 79 -1.61 -1.48 18.05
N TRP A 80 -2.82 -0.95 17.82
CA TRP A 80 -3.87 -1.62 17.04
C TRP A 80 -3.80 -1.34 15.54
N GLY A 81 -3.10 -0.26 15.13
CA GLY A 81 -2.98 0.16 13.74
C GLY A 81 -2.37 -0.91 12.86
N HIS A 82 -3.16 -1.43 11.92
CA HIS A 82 -2.76 -2.44 10.94
C HIS A 82 -3.16 -2.06 9.51
N VAL A 83 -2.54 -2.71 8.53
CA VAL A 83 -2.91 -2.66 7.11
C VAL A 83 -2.66 -3.98 6.38
N GLU A 84 -3.39 -4.24 5.30
CA GLU A 84 -3.28 -5.46 4.50
C GLU A 84 -3.37 -5.17 3.01
N ILE A 85 -2.61 -5.95 2.21
CA ILE A 85 -2.55 -5.85 0.75
C ILE A 85 -2.64 -7.26 0.14
N LYS A 86 -3.47 -7.43 -0.90
CA LYS A 86 -3.84 -8.74 -1.50
C LYS A 86 -2.91 -9.27 -2.58
N SER A 1 11.75 10.82 1.12
CA SER A 1 11.94 10.30 2.50
C SER A 1 12.18 8.80 2.50
N GLY A 2 13.16 8.32 3.27
CA GLY A 2 13.44 6.89 3.46
C GLY A 2 13.96 6.17 2.20
N GLU A 3 13.87 4.84 2.20
CA GLU A 3 14.31 4.00 1.08
C GLU A 3 13.49 2.71 1.04
N TYR A 4 12.95 2.38 -0.14
CA TYR A 4 12.07 1.23 -0.36
C TYR A 4 12.69 -0.13 -0.70
N THR A 5 12.10 -1.20 -0.19
CA THR A 5 12.45 -2.61 -0.49
C THR A 5 11.33 -3.35 -1.21
N GLU A 6 11.66 -4.30 -2.10
CA GLU A 6 10.71 -5.17 -2.79
C GLU A 6 10.00 -6.13 -1.82
N ILE A 7 8.68 -6.01 -1.70
CA ILE A 7 7.84 -6.91 -0.90
C ILE A 7 7.21 -8.02 -1.76
N ALA A 8 6.56 -8.97 -1.10
CA ALA A 8 5.83 -10.09 -1.72
C ALA A 8 4.35 -10.10 -1.29
N LEU A 9 3.43 -10.34 -2.24
CA LEU A 9 1.99 -10.39 -1.97
C LEU A 9 1.50 -11.83 -1.67
N PRO A 10 0.48 -12.03 -0.81
CA PRO A 10 -0.20 -11.02 0.01
C PRO A 10 0.68 -10.49 1.16
N PHE A 11 0.38 -9.27 1.62
CA PHE A 11 1.19 -8.50 2.57
C PHE A 11 0.43 -7.93 3.78
N SER A 12 1.12 -7.67 4.90
CA SER A 12 0.56 -6.98 6.07
C SER A 12 1.61 -6.28 6.94
N TYR A 13 1.15 -5.27 7.67
CA TYR A 13 1.92 -4.41 8.59
C TYR A 13 1.21 -4.07 9.90
N ASP A 14 1.92 -3.98 11.04
CA ASP A 14 1.35 -3.63 12.36
C ASP A 14 2.23 -2.75 13.26
N GLY A 15 1.65 -2.00 14.21
CA GLY A 15 2.37 -1.25 15.23
C GLY A 15 2.79 0.14 14.76
N ALA A 16 2.90 1.05 15.71
CA ALA A 16 3.34 2.41 15.54
C ALA A 16 4.76 2.50 14.92
N GLY A 17 4.86 3.20 13.80
CA GLY A 17 6.08 3.46 13.03
C GLY A 17 5.81 3.97 11.61
N GLU A 18 6.80 4.60 10.98
CA GLU A 18 6.70 5.20 9.64
C GLU A 18 7.65 4.53 8.63
N TYR A 19 7.14 4.13 7.47
CA TYR A 19 7.78 3.22 6.51
C TYR A 19 7.54 3.50 5.01
N TYR A 20 8.45 2.99 4.17
CA TYR A 20 8.29 2.83 2.72
C TYR A 20 8.65 1.43 2.17
N TRP A 21 7.85 0.91 1.23
CA TRP A 21 8.14 -0.33 0.47
C TRP A 21 7.76 -0.22 -1.01
N LYS A 22 8.28 -1.11 -1.89
CA LYS A 22 7.95 -1.16 -3.33
C LYS A 22 7.46 -2.53 -3.79
N THR A 23 6.72 -2.56 -4.90
CA THR A 23 6.35 -3.80 -5.60
C THR A 23 6.03 -3.62 -7.09
N ASP A 24 6.12 -4.72 -7.83
CA ASP A 24 5.75 -4.90 -9.24
C ASP A 24 4.72 -6.02 -9.51
N GLN A 25 4.29 -6.70 -8.43
CA GLN A 25 3.37 -7.86 -8.46
C GLN A 25 1.88 -7.48 -8.54
N PHE A 26 1.53 -6.24 -8.17
CA PHE A 26 0.18 -5.67 -8.34
C PHE A 26 -0.63 -6.13 -9.57
N SER A 27 -1.89 -6.53 -9.36
CA SER A 27 -2.81 -6.91 -10.45
C SER A 27 -3.25 -5.70 -11.29
N THR A 28 -3.36 -5.91 -12.61
CA THR A 28 -3.80 -4.91 -13.61
C THR A 28 -5.15 -5.21 -14.28
N ASP A 29 -5.86 -6.24 -13.82
CA ASP A 29 -7.13 -6.73 -14.33
C ASP A 29 -8.40 -5.96 -13.88
N PRO A 30 -9.20 -5.35 -14.78
CA PRO A 30 -10.44 -4.64 -14.40
C PRO A 30 -11.52 -5.45 -13.66
N ASN A 31 -11.50 -6.79 -13.70
CA ASN A 31 -12.35 -7.67 -12.89
C ASN A 31 -11.87 -7.86 -11.43
N ASP A 32 -10.62 -7.54 -11.12
CA ASP A 32 -9.96 -7.86 -9.84
C ASP A 32 -10.36 -6.98 -8.64
N TRP A 33 -11.64 -7.01 -8.25
CA TRP A 33 -12.14 -6.34 -7.04
C TRP A 33 -11.72 -7.03 -5.74
N SER A 34 -11.29 -8.30 -5.81
CA SER A 34 -10.77 -9.08 -4.67
C SER A 34 -9.28 -8.80 -4.36
N ARG A 35 -8.58 -8.00 -5.18
CA ARG A 35 -7.19 -7.56 -4.97
C ARG A 35 -7.07 -6.05 -4.73
N TYR A 36 -6.59 -5.65 -3.56
CA TYR A 36 -6.70 -4.29 -3.03
C TYR A 36 -5.70 -3.90 -1.93
N VAL A 37 -5.62 -2.59 -1.63
CA VAL A 37 -5.27 -2.05 -0.31
C VAL A 37 -6.53 -1.56 0.43
N ASN A 38 -6.60 -1.70 1.76
CA ASN A 38 -7.70 -1.19 2.59
C ASN A 38 -7.21 -0.75 3.98
N SER A 39 -7.65 0.43 4.46
CA SER A 39 -7.14 1.09 5.67
C SER A 39 -8.19 1.86 6.46
N TRP A 40 -7.99 1.88 7.79
CA TRP A 40 -8.94 2.38 8.80
C TRP A 40 -8.21 3.14 9.92
N ASN A 41 -7.23 2.51 10.57
CA ASN A 41 -6.46 3.05 11.70
C ASN A 41 -5.26 3.93 11.32
N LEU A 42 -4.77 3.85 10.07
CA LEU A 42 -3.51 4.47 9.66
C LEU A 42 -3.56 6.01 9.67
N ASP A 43 -2.49 6.61 10.20
CA ASP A 43 -2.23 8.06 10.17
C ASP A 43 -1.87 8.64 8.79
N LEU A 44 -1.36 7.79 7.90
CA LEU A 44 -1.11 8.04 6.48
C LEU A 44 -0.90 6.72 5.71
N LEU A 45 -1.52 6.61 4.54
CA LEU A 45 -1.22 5.63 3.51
C LEU A 45 -1.26 6.35 2.17
N GLU A 46 -0.16 6.31 1.43
CA GLU A 46 -0.09 6.75 0.03
C GLU A 46 0.47 5.67 -0.90
N ILE A 47 -0.05 5.61 -2.14
CA ILE A 47 0.46 4.77 -3.23
C ILE A 47 0.78 5.67 -4.42
N ASN A 48 2.06 5.74 -4.78
CA ASN A 48 2.67 6.68 -5.72
C ASN A 48 2.29 8.15 -5.40
N GLY A 49 2.22 8.48 -4.11
CA GLY A 49 1.97 9.84 -3.62
C GLY A 49 0.49 10.22 -3.50
N THR A 50 -0.42 9.34 -3.90
CA THR A 50 -1.87 9.55 -3.79
C THR A 50 -2.40 8.84 -2.55
N ASP A 51 -3.09 9.58 -1.69
CA ASP A 51 -3.54 9.10 -0.37
C ASP A 51 -4.79 8.20 -0.35
N TYR A 52 -4.79 7.18 0.51
CA TYR A 52 -5.89 6.22 0.71
C TYR A 52 -6.19 5.83 2.18
N THR A 53 -5.58 6.54 3.14
CA THR A 53 -5.51 6.18 4.57
C THR A 53 -6.77 5.84 5.35
N ASN A 54 -7.92 6.36 4.91
CA ASN A 54 -9.24 6.08 5.51
C ASN A 54 -10.22 5.42 4.50
N VAL A 55 -9.71 4.86 3.40
CA VAL A 55 -10.51 4.17 2.37
C VAL A 55 -9.88 2.85 1.86
N TRP A 56 -10.43 2.28 0.80
CA TRP A 56 -9.87 1.16 0.04
C TRP A 56 -9.58 1.58 -1.40
N VAL A 57 -8.68 0.85 -2.06
CA VAL A 57 -8.32 1.02 -3.48
C VAL A 57 -7.92 -0.30 -4.11
N ALA A 58 -8.37 -0.55 -5.35
CA ALA A 58 -7.99 -1.75 -6.10
C ALA A 58 -6.66 -1.56 -6.85
N GLN A 59 -5.84 -2.61 -6.94
CA GLN A 59 -4.56 -2.54 -7.67
C GLN A 59 -4.77 -2.19 -9.15
N HIS A 60 -5.87 -2.67 -9.75
CA HIS A 60 -6.26 -2.38 -11.14
C HIS A 60 -6.67 -0.92 -11.37
N GLN A 61 -6.73 -0.09 -10.32
CA GLN A 61 -7.05 1.34 -10.40
C GLN A 61 -5.84 2.30 -10.31
N ILE A 62 -4.62 1.80 -10.07
CA ILE A 62 -3.44 2.64 -9.86
C ILE A 62 -2.37 2.44 -10.96
N PRO A 63 -1.92 3.51 -11.63
CA PRO A 63 -0.77 3.47 -12.53
C PRO A 63 0.57 3.20 -11.84
N ALA A 64 1.45 2.42 -12.48
CA ALA A 64 2.84 2.22 -12.06
C ALA A 64 3.72 3.48 -12.27
N ALA A 65 4.96 3.43 -11.78
CA ALA A 65 6.04 4.33 -12.15
C ALA A 65 6.54 4.07 -13.59
N SER A 66 7.26 5.02 -14.18
CA SER A 66 7.90 4.82 -15.49
C SER A 66 9.03 3.78 -15.44
N ASP A 67 9.71 3.62 -14.29
CA ASP A 67 10.67 2.54 -14.02
C ASP A 67 9.94 1.19 -13.77
N GLY A 68 8.63 1.22 -13.55
CA GLY A 68 7.72 0.06 -13.68
C GLY A 68 7.10 -0.50 -12.40
N TYR A 69 7.28 0.16 -11.25
CA TYR A 69 6.82 -0.31 -9.95
C TYR A 69 5.91 0.68 -9.19
N TRP A 70 5.34 0.26 -8.07
CA TRP A 70 4.60 1.11 -7.15
C TRP A 70 5.39 1.39 -5.85
N TYR A 71 5.40 2.64 -5.38
CA TYR A 71 5.95 3.06 -4.09
C TYR A 71 4.82 3.24 -3.07
N ILE A 72 4.84 2.44 -2.00
CA ILE A 72 3.84 2.43 -0.94
C ILE A 72 4.44 3.02 0.35
N HIS A 73 3.71 3.95 0.96
CA HIS A 73 4.10 4.68 2.17
C HIS A 73 3.06 4.47 3.26
N TYR A 74 3.52 4.23 4.49
CA TYR A 74 2.68 3.83 5.62
C TYR A 74 3.14 4.66 6.84
N LYS A 75 2.19 5.10 7.65
CA LYS A 75 2.43 5.78 8.93
C LYS A 75 1.40 5.31 9.96
N SER A 76 1.90 4.89 11.12
CA SER A 76 1.10 4.35 12.22
C SER A 76 1.52 4.94 13.57
N GLY A 77 0.55 5.14 14.46
CA GLY A 77 0.71 5.90 15.72
C GLY A 77 0.18 5.17 16.97
N VAL A 78 -0.11 3.88 16.85
CA VAL A 78 -0.81 3.04 17.84
C VAL A 78 -0.35 1.59 17.67
N SER A 79 -0.32 0.82 18.76
CA SER A 79 -0.03 -0.62 18.72
C SER A 79 -1.16 -1.43 18.04
N TRP A 80 -2.37 -0.86 17.98
CA TRP A 80 -3.56 -1.45 17.32
C TRP A 80 -3.58 -1.17 15.81
N GLY A 81 -2.72 -0.28 15.31
CA GLY A 81 -2.59 0.04 13.89
C GLY A 81 -2.15 -1.17 13.09
N HIS A 82 -2.97 -1.57 12.11
CA HIS A 82 -2.68 -2.65 11.14
C HIS A 82 -3.02 -2.18 9.71
N VAL A 83 -2.44 -2.82 8.69
CA VAL A 83 -2.88 -2.76 7.30
C VAL A 83 -2.64 -4.05 6.51
N GLU A 84 -3.36 -4.25 5.42
CA GLU A 84 -3.32 -5.46 4.58
C GLU A 84 -3.31 -5.09 3.08
N ILE A 85 -2.62 -5.89 2.29
CA ILE A 85 -2.58 -5.79 0.80
C ILE A 85 -2.72 -7.18 0.16
N LYS A 86 -3.51 -7.27 -0.92
CA LYS A 86 -3.84 -8.52 -1.64
C LYS A 86 -3.28 -8.53 -3.08
N SER A 1 11.58 8.93 5.78
CA SER A 1 11.74 7.57 5.23
C SER A 1 11.65 7.58 3.72
N GLY A 2 12.42 6.75 2.99
CA GLY A 2 12.41 6.74 1.52
C GLY A 2 13.34 5.76 0.78
N GLU A 3 14.22 5.02 1.46
CA GLU A 3 15.07 3.98 0.83
C GLU A 3 14.32 2.65 0.78
N TYR A 4 13.44 2.52 -0.22
CA TYR A 4 12.54 1.38 -0.38
C TYR A 4 13.17 0.02 -0.74
N THR A 5 12.57 -1.05 -0.23
CA THR A 5 12.91 -2.46 -0.54
C THR A 5 11.66 -3.17 -1.09
N GLU A 6 11.86 -4.23 -1.87
CA GLU A 6 10.79 -5.05 -2.45
C GLU A 6 10.05 -5.89 -1.38
N ILE A 7 8.72 -5.92 -1.47
CA ILE A 7 7.84 -6.76 -0.61
C ILE A 7 7.20 -7.91 -1.42
N ALA A 8 6.40 -8.76 -0.76
CA ALA A 8 5.75 -9.94 -1.37
C ALA A 8 4.27 -10.07 -0.95
N LEU A 9 3.42 -10.55 -1.85
CA LEU A 9 1.96 -10.64 -1.66
C LEU A 9 1.50 -12.05 -1.21
N PRO A 10 0.47 -12.18 -0.35
CA PRO A 10 -0.21 -11.09 0.37
C PRO A 10 0.70 -10.45 1.42
N PHE A 11 0.54 -9.15 1.61
CA PHE A 11 1.31 -8.31 2.53
C PHE A 11 0.51 -7.84 3.76
N SER A 12 1.19 -7.63 4.90
CA SER A 12 0.58 -7.17 6.14
C SER A 12 1.58 -6.40 7.02
N TYR A 13 1.06 -5.41 7.74
CA TYR A 13 1.80 -4.50 8.62
C TYR A 13 1.06 -4.10 9.92
N ASP A 14 1.76 -3.94 11.04
CA ASP A 14 1.19 -3.58 12.34
C ASP A 14 2.09 -2.76 13.29
N GLY A 15 1.51 -1.98 14.21
CA GLY A 15 2.21 -1.23 15.23
C GLY A 15 2.60 0.18 14.79
N ALA A 16 2.68 1.10 15.75
CA ALA A 16 3.06 2.49 15.58
C ALA A 16 4.51 2.64 15.04
N GLY A 17 4.63 3.21 13.84
CA GLY A 17 5.89 3.46 13.16
C GLY A 17 5.74 3.90 11.69
N GLU A 18 6.82 4.34 11.07
CA GLU A 18 6.86 4.94 9.72
C GLU A 18 7.78 4.16 8.76
N TYR A 19 7.27 3.80 7.58
CA TYR A 19 7.91 2.87 6.63
C TYR A 19 7.64 3.16 5.15
N TYR A 20 8.51 2.70 4.25
CA TYR A 20 8.35 2.88 2.80
C TYR A 20 8.85 1.57 2.13
N TRP A 21 8.06 1.02 1.21
CA TRP A 21 8.36 -0.20 0.44
C TRP A 21 7.95 -0.11 -1.04
N LYS A 22 8.43 -1.03 -1.89
CA LYS A 22 8.02 -1.14 -3.31
C LYS A 22 7.46 -2.52 -3.70
N THR A 23 6.64 -2.54 -4.74
CA THR A 23 6.08 -3.76 -5.35
C THR A 23 5.80 -3.57 -6.84
N ASP A 24 5.83 -4.68 -7.58
CA ASP A 24 5.30 -4.78 -8.96
C ASP A 24 4.37 -6.00 -9.14
N GLN A 25 4.10 -6.72 -8.04
CA GLN A 25 3.27 -7.93 -8.01
C GLN A 25 1.76 -7.63 -8.04
N PHE A 26 1.42 -6.34 -7.89
CA PHE A 26 0.11 -5.78 -8.23
C PHE A 26 -0.58 -6.36 -9.47
N SER A 27 -1.83 -6.79 -9.29
CA SER A 27 -2.75 -7.18 -10.36
C SER A 27 -3.36 -5.97 -11.08
N THR A 28 -3.79 -6.14 -12.35
CA THR A 28 -4.22 -5.04 -13.24
C THR A 28 -5.41 -5.30 -14.14
N ASP A 29 -6.02 -6.49 -14.15
CA ASP A 29 -7.24 -6.78 -14.92
C ASP A 29 -8.50 -6.01 -14.46
N PRO A 30 -9.30 -5.39 -15.37
CA PRO A 30 -10.55 -4.68 -15.03
C PRO A 30 -11.65 -5.47 -14.31
N ASN A 31 -11.47 -6.77 -14.03
CA ASN A 31 -12.40 -7.62 -13.29
C ASN A 31 -11.84 -8.18 -11.96
N ASP A 32 -10.53 -8.16 -11.76
CA ASP A 32 -9.80 -8.64 -10.57
C ASP A 32 -9.97 -7.85 -9.24
N TRP A 33 -11.12 -7.18 -9.05
CA TRP A 33 -11.45 -6.31 -7.89
C TRP A 33 -11.45 -6.97 -6.49
N SER A 34 -11.28 -8.29 -6.44
CA SER A 34 -11.06 -9.09 -5.24
C SER A 34 -9.71 -8.80 -4.55
N ARG A 35 -8.71 -8.25 -5.27
CA ARG A 35 -7.43 -7.78 -4.72
C ARG A 35 -7.38 -6.26 -4.57
N TYR A 36 -6.89 -5.79 -3.43
CA TYR A 36 -6.90 -4.39 -2.99
C TYR A 36 -5.90 -4.03 -1.88
N VAL A 37 -5.76 -2.73 -1.59
CA VAL A 37 -5.43 -2.21 -0.25
C VAL A 37 -6.70 -1.71 0.47
N ASN A 38 -6.76 -1.88 1.79
CA ASN A 38 -7.73 -1.17 2.63
C ASN A 38 -7.16 -0.81 4.00
N SER A 39 -7.37 0.43 4.42
CA SER A 39 -6.80 1.03 5.63
C SER A 39 -7.84 1.90 6.36
N TRP A 40 -7.79 1.87 7.69
CA TRP A 40 -8.74 2.58 8.56
C TRP A 40 -8.06 3.38 9.67
N ASN A 41 -7.23 2.71 10.48
CA ASN A 41 -6.48 3.30 11.60
C ASN A 41 -5.33 4.24 11.20
N LEU A 42 -4.74 4.03 10.01
CA LEU A 42 -3.43 4.57 9.65
C LEU A 42 -3.39 6.12 9.62
N ASP A 43 -2.29 6.68 10.13
CA ASP A 43 -1.96 8.12 9.98
C ASP A 43 -1.67 8.49 8.53
N LEU A 44 -1.07 7.55 7.78
CA LEU A 44 -0.78 7.68 6.36
C LEU A 44 -0.78 6.30 5.67
N LEU A 45 -1.46 6.26 4.53
CA LEU A 45 -1.13 5.36 3.43
C LEU A 45 -1.20 6.17 2.14
N GLU A 46 -0.08 6.29 1.43
CA GLU A 46 -0.02 6.84 0.08
C GLU A 46 0.68 5.88 -0.88
N ILE A 47 0.12 5.76 -2.08
CA ILE A 47 0.66 4.96 -3.17
C ILE A 47 0.93 5.88 -4.35
N ASN A 48 2.21 6.05 -4.67
CA ASN A 48 2.71 7.06 -5.59
C ASN A 48 2.21 8.47 -5.21
N GLY A 49 2.20 8.77 -3.90
CA GLY A 49 1.73 10.03 -3.32
C GLY A 49 0.20 10.10 -3.16
N THR A 50 -0.53 9.13 -3.71
CA THR A 50 -1.98 9.05 -3.68
C THR A 50 -2.56 8.55 -2.36
N ASP A 51 -3.14 9.44 -1.57
CA ASP A 51 -3.63 9.16 -0.21
C ASP A 51 -4.93 8.35 -0.10
N TYR A 52 -4.85 7.22 0.62
CA TYR A 52 -5.92 6.22 0.81
C TYR A 52 -6.12 5.75 2.27
N THR A 53 -5.47 6.42 3.22
CA THR A 53 -5.31 6.04 4.65
C THR A 53 -6.53 5.57 5.46
N ASN A 54 -7.71 6.06 5.08
CA ASN A 54 -8.99 5.77 5.73
C ASN A 54 -10.06 5.23 4.74
N VAL A 55 -9.63 4.71 3.58
CA VAL A 55 -10.52 4.11 2.57
C VAL A 55 -10.00 2.77 1.98
N TRP A 56 -10.65 2.25 0.94
CA TRP A 56 -10.19 1.12 0.13
C TRP A 56 -9.77 1.60 -1.27
N VAL A 57 -8.86 0.86 -1.91
CA VAL A 57 -8.41 1.07 -3.29
C VAL A 57 -7.94 -0.23 -3.93
N ALA A 58 -8.31 -0.48 -5.19
CA ALA A 58 -7.88 -1.65 -5.95
C ALA A 58 -6.50 -1.47 -6.59
N GLN A 59 -5.79 -2.57 -6.82
CA GLN A 59 -4.46 -2.58 -7.45
C GLN A 59 -4.51 -2.02 -8.89
N HIS A 60 -5.59 -2.32 -9.63
CA HIS A 60 -5.93 -1.72 -10.93
C HIS A 60 -6.22 -0.19 -10.87
N GLN A 61 -6.56 0.38 -9.72
CA GLN A 61 -6.91 1.81 -9.57
C GLN A 61 -5.72 2.78 -9.49
N ILE A 62 -4.47 2.29 -9.53
CA ILE A 62 -3.27 3.11 -9.28
C ILE A 62 -2.21 2.93 -10.38
N PRO A 63 -1.64 4.01 -10.96
CA PRO A 63 -0.60 3.92 -11.98
C PRO A 63 0.73 3.38 -11.45
N ALA A 64 1.45 2.64 -12.30
CA ALA A 64 2.85 2.29 -12.06
C ALA A 64 3.79 3.50 -12.29
N ALA A 65 5.01 3.44 -11.75
CA ALA A 65 6.09 4.32 -12.17
C ALA A 65 6.44 4.09 -13.64
N SER A 66 7.07 5.08 -14.29
CA SER A 66 7.62 4.90 -15.64
C SER A 66 8.70 3.79 -15.69
N ASP A 67 9.39 3.56 -14.56
CA ASP A 67 10.35 2.48 -14.35
C ASP A 67 9.67 1.11 -14.03
N GLY A 68 8.36 1.09 -13.73
CA GLY A 68 7.49 -0.10 -13.78
C GLY A 68 7.09 -0.75 -12.44
N TYR A 69 7.15 -0.02 -11.34
CA TYR A 69 6.71 -0.45 -9.99
C TYR A 69 5.90 0.61 -9.23
N TRP A 70 5.30 0.23 -8.10
CA TRP A 70 4.58 1.14 -7.19
C TRP A 70 5.41 1.45 -5.93
N TYR A 71 5.36 2.70 -5.46
CA TYR A 71 6.01 3.14 -4.21
C TYR A 71 4.88 3.27 -3.16
N ILE A 72 4.95 2.51 -2.07
CA ILE A 72 3.96 2.52 -0.98
C ILE A 72 4.59 3.08 0.30
N HIS A 73 3.95 4.12 0.86
CA HIS A 73 4.36 4.86 2.06
C HIS A 73 3.33 4.60 3.15
N TYR A 74 3.79 4.18 4.33
CA TYR A 74 2.97 3.76 5.46
C TYR A 74 3.36 4.60 6.69
N LYS A 75 2.37 5.01 7.48
CA LYS A 75 2.59 5.51 8.84
C LYS A 75 1.47 5.12 9.78
N SER A 76 1.86 4.69 10.96
CA SER A 76 0.99 4.27 12.06
C SER A 76 1.40 4.95 13.37
N GLY A 77 0.44 5.15 14.27
CA GLY A 77 0.62 5.94 15.50
C GLY A 77 -0.05 5.35 16.75
N VAL A 78 -0.42 4.06 16.69
CA VAL A 78 -1.16 3.31 17.73
C VAL A 78 -0.70 1.85 17.70
N SER A 79 -0.73 1.17 18.85
CA SER A 79 -0.34 -0.24 19.00
C SER A 79 -1.30 -1.23 18.30
N TRP A 80 -2.52 -0.80 17.98
CA TRP A 80 -3.57 -1.59 17.33
C TRP A 80 -3.69 -1.25 15.83
N GLY A 81 -2.87 -0.34 15.32
CA GLY A 81 -2.82 0.05 13.90
C GLY A 81 -2.32 -1.09 13.03
N HIS A 82 -3.14 -1.54 12.07
CA HIS A 82 -2.80 -2.59 11.10
C HIS A 82 -3.21 -2.21 9.67
N VAL A 83 -2.56 -2.84 8.69
CA VAL A 83 -2.95 -2.81 7.26
C VAL A 83 -2.63 -4.09 6.50
N GLU A 84 -3.31 -4.31 5.38
CA GLU A 84 -3.30 -5.56 4.61
C GLU A 84 -3.47 -5.31 3.10
N ILE A 85 -2.68 -6.01 2.27
CA ILE A 85 -2.66 -5.86 0.80
C ILE A 85 -2.62 -7.24 0.11
N LYS A 86 -3.36 -7.41 -1.00
CA LYS A 86 -3.56 -8.71 -1.70
C LYS A 86 -2.97 -8.79 -3.11
N SER A 1 15.72 11.76 -0.75
CA SER A 1 14.47 11.53 -0.02
C SER A 1 13.86 10.19 -0.42
N GLY A 2 13.70 9.30 0.56
CA GLY A 2 13.12 7.97 0.39
C GLY A 2 14.07 6.93 -0.23
N GLU A 3 14.04 5.69 0.28
CA GLU A 3 14.79 4.54 -0.25
C GLU A 3 14.13 3.20 0.10
N TYR A 4 13.10 2.82 -0.67
CA TYR A 4 12.26 1.63 -0.48
C TYR A 4 12.86 0.23 -0.66
N THR A 5 12.42 -0.70 0.20
CA THR A 5 12.60 -2.16 0.07
C THR A 5 11.51 -2.88 -0.74
N GLU A 6 11.88 -3.92 -1.49
CA GLU A 6 10.92 -4.81 -2.16
C GLU A 6 10.12 -5.69 -1.18
N ILE A 7 8.79 -5.78 -1.40
CA ILE A 7 7.86 -6.66 -0.67
C ILE A 7 7.18 -7.67 -1.62
N ALA A 8 6.37 -8.58 -1.08
CA ALA A 8 5.62 -9.63 -1.79
C ALA A 8 4.14 -9.66 -1.38
N LEU A 9 3.23 -10.18 -2.22
CA LEU A 9 1.79 -10.26 -1.94
C LEU A 9 1.36 -11.67 -1.45
N PRO A 10 0.26 -11.79 -0.69
CA PRO A 10 -0.39 -10.72 0.06
C PRO A 10 0.52 -10.22 1.19
N PHE A 11 0.36 -8.95 1.56
CA PHE A 11 1.18 -8.24 2.53
C PHE A 11 0.43 -7.77 3.79
N SER A 12 1.10 -7.67 4.94
CA SER A 12 0.54 -7.05 6.14
C SER A 12 1.59 -6.32 6.97
N TYR A 13 1.14 -5.27 7.66
CA TYR A 13 1.93 -4.37 8.52
C TYR A 13 1.25 -4.03 9.84
N ASP A 14 2.01 -3.75 10.89
CA ASP A 14 1.54 -3.27 12.18
C ASP A 14 2.55 -2.51 13.07
N GLY A 15 2.05 -1.79 14.09
CA GLY A 15 2.85 -1.09 15.10
C GLY A 15 3.09 0.39 14.77
N ALA A 16 3.03 1.25 15.79
CA ALA A 16 3.25 2.69 15.70
C ALA A 16 4.66 3.03 15.18
N GLY A 17 4.78 3.36 13.89
CA GLY A 17 6.02 3.60 13.16
C GLY A 17 5.75 3.98 11.70
N GLU A 18 6.80 4.23 10.92
CA GLU A 18 6.72 4.81 9.57
C GLU A 18 7.62 4.05 8.58
N TYR A 19 7.11 3.73 7.39
CA TYR A 19 7.80 2.93 6.37
C TYR A 19 7.52 3.31 4.90
N TYR A 20 8.44 2.98 4.00
CA TYR A 20 8.29 3.15 2.55
C TYR A 20 8.79 1.84 1.90
N TRP A 21 7.97 1.24 1.04
CA TRP A 21 8.17 -0.07 0.41
C TRP A 21 7.73 -0.09 -1.07
N LYS A 22 8.23 -1.04 -1.88
CA LYS A 22 7.88 -1.18 -3.30
C LYS A 22 7.50 -2.60 -3.72
N THR A 23 6.77 -2.72 -4.83
CA THR A 23 6.29 -3.99 -5.41
C THR A 23 6.12 -3.88 -6.92
N ASP A 24 6.24 -5.01 -7.63
CA ASP A 24 5.89 -5.14 -9.06
C ASP A 24 4.92 -6.31 -9.33
N GLN A 25 4.43 -6.94 -8.26
CA GLN A 25 3.51 -8.09 -8.28
C GLN A 25 2.03 -7.68 -8.40
N PHE A 26 1.73 -6.38 -8.30
CA PHE A 26 0.40 -5.79 -8.54
C PHE A 26 -0.34 -6.20 -9.83
N SER A 27 -1.67 -6.29 -9.73
CA SER A 27 -2.59 -6.43 -10.87
C SER A 27 -2.80 -5.12 -11.65
N THR A 28 -3.13 -5.25 -12.93
CA THR A 28 -3.59 -4.19 -13.85
C THR A 28 -4.91 -4.46 -14.59
N ASP A 29 -5.53 -5.63 -14.34
CA ASP A 29 -6.74 -6.12 -14.97
C ASP A 29 -8.10 -5.60 -14.43
N PRO A 30 -9.01 -5.03 -15.26
CA PRO A 30 -10.36 -4.58 -14.85
C PRO A 30 -11.32 -5.64 -14.27
N ASN A 31 -10.88 -6.89 -14.19
CA ASN A 31 -11.57 -7.99 -13.51
C ASN A 31 -11.30 -7.98 -11.98
N ASP A 32 -10.14 -7.48 -11.57
CA ASP A 32 -9.58 -7.66 -10.22
C ASP A 32 -10.04 -6.65 -9.16
N TRP A 33 -11.34 -6.57 -8.93
CA TRP A 33 -11.94 -5.73 -7.86
C TRP A 33 -11.79 -6.31 -6.46
N SER A 34 -11.65 -7.64 -6.36
CA SER A 34 -11.46 -8.39 -5.10
C SER A 34 -10.02 -8.37 -4.55
N ARG A 35 -9.05 -7.80 -5.28
CA ARG A 35 -7.68 -7.58 -4.80
C ARG A 35 -7.47 -6.08 -4.49
N TYR A 36 -7.20 -5.74 -3.23
CA TYR A 36 -7.26 -4.37 -2.70
C TYR A 36 -6.17 -3.96 -1.70
N VAL A 37 -6.02 -2.65 -1.52
CA VAL A 37 -5.53 -2.00 -0.31
C VAL A 37 -6.76 -1.51 0.48
N ASN A 38 -6.78 -1.67 1.81
CA ASN A 38 -7.82 -1.09 2.68
C ASN A 38 -7.27 -0.79 4.08
N SER A 39 -7.62 0.37 4.66
CA SER A 39 -7.19 0.79 6.00
C SER A 39 -8.26 1.57 6.76
N TRP A 40 -8.08 1.60 8.08
CA TRP A 40 -9.07 2.09 9.07
C TRP A 40 -8.41 2.81 10.26
N ASN A 41 -7.30 2.30 10.79
CA ASN A 41 -6.55 2.90 11.91
C ASN A 41 -5.40 3.85 11.50
N LEU A 42 -4.89 3.72 10.26
CA LEU A 42 -3.64 4.34 9.83
C LEU A 42 -3.72 5.88 9.78
N ASP A 43 -2.68 6.52 10.31
CA ASP A 43 -2.47 7.97 10.19
C ASP A 43 -2.11 8.42 8.76
N LEU A 44 -1.47 7.53 7.99
CA LEU A 44 -1.17 7.71 6.57
C LEU A 44 -0.99 6.38 5.85
N LEU A 45 -1.56 6.30 4.65
CA LEU A 45 -1.22 5.35 3.60
C LEU A 45 -1.37 6.03 2.24
N GLU A 46 -0.27 6.08 1.50
CA GLU A 46 -0.20 6.64 0.15
C GLU A 46 0.45 5.66 -0.83
N ILE A 47 0.00 5.68 -2.09
CA ILE A 47 0.55 4.89 -3.20
C ILE A 47 0.85 5.85 -4.35
N ASN A 48 2.11 5.92 -4.76
CA ASN A 48 2.65 6.97 -5.64
C ASN A 48 2.40 8.41 -5.12
N GLY A 49 2.31 8.60 -3.80
CA GLY A 49 1.94 9.85 -3.15
C GLY A 49 0.41 10.10 -3.09
N THR A 50 -0.39 9.16 -3.61
CA THR A 50 -1.85 9.20 -3.63
C THR A 50 -2.49 8.59 -2.39
N ASP A 51 -3.10 9.42 -1.55
CA ASP A 51 -3.65 9.01 -0.25
C ASP A 51 -4.95 8.17 -0.27
N TYR A 52 -4.93 7.05 0.46
CA TYR A 52 -6.04 6.11 0.65
C TYR A 52 -6.28 5.66 2.09
N THR A 53 -5.62 6.31 3.06
CA THR A 53 -5.59 5.93 4.49
C THR A 53 -6.92 5.69 5.19
N ASN A 54 -7.95 6.43 4.77
CA ASN A 54 -9.30 6.36 5.33
C ASN A 54 -10.27 5.47 4.53
N VAL A 55 -9.82 4.80 3.47
CA VAL A 55 -10.69 4.12 2.48
C VAL A 55 -10.15 2.76 1.99
N TRP A 56 -10.65 2.27 0.86
CA TRP A 56 -10.08 1.17 0.08
C TRP A 56 -9.89 1.57 -1.38
N VAL A 57 -8.98 0.86 -2.06
CA VAL A 57 -8.64 1.02 -3.49
C VAL A 57 -8.23 -0.34 -4.08
N ALA A 58 -8.59 -0.63 -5.33
CA ALA A 58 -8.18 -1.87 -6.01
C ALA A 58 -6.80 -1.73 -6.69
N GLN A 59 -5.99 -2.79 -6.73
CA GLN A 59 -4.61 -2.68 -7.26
C GLN A 59 -4.61 -2.26 -8.74
N HIS A 60 -5.57 -2.79 -9.51
CA HIS A 60 -5.72 -2.49 -10.93
C HIS A 60 -6.14 -1.03 -11.20
N GLN A 61 -6.64 -0.32 -10.18
CA GLN A 61 -7.02 1.09 -10.31
C GLN A 61 -5.82 2.05 -10.20
N ILE A 62 -4.64 1.56 -9.79
CA ILE A 62 -3.43 2.38 -9.58
C ILE A 62 -2.35 2.09 -10.64
N PRO A 63 -1.83 3.11 -11.33
CA PRO A 63 -0.66 3.00 -12.22
C PRO A 63 0.66 2.62 -11.52
N ALA A 64 1.56 1.98 -12.26
CA ALA A 64 2.96 1.83 -11.87
C ALA A 64 3.79 3.11 -12.16
N ALA A 65 5.01 3.16 -11.65
CA ALA A 65 6.04 4.11 -12.08
C ALA A 65 6.47 3.86 -13.54
N SER A 66 7.12 4.85 -14.18
CA SER A 66 7.70 4.69 -15.52
C SER A 66 8.77 3.59 -15.60
N ASP A 67 9.49 3.33 -14.50
CA ASP A 67 10.47 2.23 -14.38
C ASP A 67 9.77 0.90 -13.97
N GLY A 68 8.46 0.89 -13.72
CA GLY A 68 7.62 -0.32 -13.83
C GLY A 68 7.15 -0.97 -12.53
N TYR A 69 7.21 -0.25 -11.41
CA TYR A 69 6.85 -0.75 -10.06
C TYR A 69 6.06 0.32 -9.28
N TRP A 70 5.37 -0.07 -8.21
CA TRP A 70 4.57 0.82 -7.35
C TRP A 70 5.33 1.25 -6.10
N TYR A 71 5.19 2.51 -5.65
CA TYR A 71 5.77 2.99 -4.39
C TYR A 71 4.60 3.02 -3.38
N ILE A 72 4.82 2.56 -2.14
CA ILE A 72 3.82 2.57 -1.06
C ILE A 72 4.44 3.13 0.24
N HIS A 73 3.78 4.09 0.89
CA HIS A 73 4.23 4.76 2.12
C HIS A 73 3.16 4.63 3.21
N TYR A 74 3.60 4.36 4.44
CA TYR A 74 2.76 4.00 5.59
C TYR A 74 3.18 4.82 6.82
N LYS A 75 2.22 5.17 7.69
CA LYS A 75 2.47 5.66 9.06
C LYS A 75 1.38 5.19 10.01
N SER A 76 1.82 4.78 11.20
CA SER A 76 0.97 4.38 12.33
C SER A 76 1.38 5.11 13.60
N GLY A 77 0.44 5.23 14.54
CA GLY A 77 0.54 6.04 15.76
C GLY A 77 -0.02 5.33 17.01
N VAL A 78 -0.26 4.02 16.92
CA VAL A 78 -0.91 3.18 17.94
C VAL A 78 -0.38 1.74 17.80
N SER A 79 -0.22 1.04 18.92
CA SER A 79 0.27 -0.35 18.99
C SER A 79 -0.72 -1.40 18.45
N TRP A 80 -1.96 -1.00 18.19
CA TRP A 80 -2.97 -1.77 17.46
C TRP A 80 -2.98 -1.54 15.95
N GLY A 81 -2.48 -0.39 15.50
CA GLY A 81 -2.52 0.07 14.12
C GLY A 81 -1.88 -0.90 13.15
N HIS A 82 -2.69 -1.46 12.25
CA HIS A 82 -2.33 -2.48 11.27
C HIS A 82 -2.92 -2.20 9.88
N VAL A 83 -2.44 -2.93 8.88
CA VAL A 83 -3.00 -2.96 7.51
C VAL A 83 -2.76 -4.28 6.76
N GLU A 84 -3.53 -4.50 5.69
CA GLU A 84 -3.39 -5.63 4.75
C GLU A 84 -3.46 -5.11 3.31
N ILE A 85 -2.72 -5.79 2.41
CA ILE A 85 -2.76 -5.61 0.95
C ILE A 85 -2.87 -6.98 0.30
N LYS A 86 -3.87 -7.18 -0.57
CA LYS A 86 -4.12 -8.46 -1.26
C LYS A 86 -3.23 -8.66 -2.50
N SER A 1 10.13 10.87 3.37
CA SER A 1 10.07 9.69 2.48
C SER A 1 11.00 8.59 2.96
N GLY A 2 11.07 7.45 2.24
CA GLY A 2 11.93 6.30 2.55
C GLY A 2 12.48 5.62 1.29
N GLU A 3 13.64 4.97 1.43
CA GLU A 3 14.39 4.37 0.33
C GLU A 3 14.01 2.89 0.19
N TYR A 4 13.06 2.60 -0.70
CA TYR A 4 12.24 1.39 -0.67
C TYR A 4 12.86 0.03 -1.03
N THR A 5 12.29 -1.02 -0.44
CA THR A 5 12.58 -2.45 -0.67
C THR A 5 11.34 -3.18 -1.21
N GLU A 6 11.50 -4.27 -1.96
CA GLU A 6 10.40 -5.07 -2.54
C GLU A 6 9.62 -5.89 -1.49
N ILE A 7 8.29 -5.92 -1.64
CA ILE A 7 7.37 -6.84 -0.96
C ILE A 7 6.54 -7.65 -1.97
N ALA A 8 5.86 -8.69 -1.47
CA ALA A 8 5.08 -9.65 -2.26
C ALA A 8 3.73 -10.00 -1.58
N LEU A 9 2.71 -10.32 -2.40
CA LEU A 9 1.32 -10.37 -1.93
C LEU A 9 0.87 -11.82 -1.64
N PRO A 10 0.00 -12.07 -0.65
CA PRO A 10 -0.51 -11.10 0.33
C PRO A 10 0.57 -10.62 1.32
N PHE A 11 0.37 -9.42 1.88
CA PHE A 11 1.27 -8.73 2.80
C PHE A 11 0.54 -8.13 4.01
N SER A 12 1.25 -7.80 5.09
CA SER A 12 0.72 -7.02 6.22
C SER A 12 1.80 -6.20 6.93
N TYR A 13 1.35 -5.17 7.66
CA TYR A 13 2.15 -4.27 8.50
C TYR A 13 1.42 -3.83 9.77
N ASP A 14 2.10 -3.73 10.92
CA ASP A 14 1.50 -3.30 12.20
C ASP A 14 2.45 -2.68 13.23
N GLY A 15 1.94 -1.87 14.17
CA GLY A 15 2.70 -1.13 15.16
C GLY A 15 2.98 0.31 14.71
N ALA A 16 3.13 1.21 15.68
CA ALA A 16 3.48 2.60 15.51
C ALA A 16 4.86 2.77 14.85
N GLY A 17 4.89 3.38 13.66
CA GLY A 17 6.08 3.66 12.86
C GLY A 17 5.74 4.19 11.47
N GLU A 18 6.76 4.61 10.71
CA GLU A 18 6.62 5.22 9.38
C GLU A 18 7.60 4.58 8.37
N TYR A 19 7.07 4.12 7.23
CA TYR A 19 7.79 3.29 6.25
C TYR A 19 7.52 3.61 4.76
N TYR A 20 8.48 3.23 3.91
CA TYR A 20 8.28 2.97 2.48
C TYR A 20 8.67 1.56 2.01
N TRP A 21 7.84 0.94 1.15
CA TRP A 21 8.13 -0.30 0.41
C TRP A 21 7.72 -0.18 -1.06
N LYS A 22 8.16 -1.09 -1.94
CA LYS A 22 7.68 -1.19 -3.33
C LYS A 22 7.14 -2.58 -3.67
N THR A 23 6.38 -2.68 -4.75
CA THR A 23 6.03 -3.96 -5.38
C THR A 23 5.80 -3.90 -6.89
N ASP A 24 6.08 -5.01 -7.58
CA ASP A 24 6.04 -5.17 -9.04
C ASP A 24 4.98 -6.25 -9.39
N GLN A 25 4.23 -6.76 -8.40
CA GLN A 25 3.29 -7.88 -8.53
C GLN A 25 1.81 -7.47 -8.50
N PHE A 26 1.50 -6.22 -8.13
CA PHE A 26 0.15 -5.63 -8.25
C PHE A 26 -0.68 -6.05 -9.47
N SER A 27 -1.96 -6.38 -9.25
CA SER A 27 -2.90 -6.67 -10.34
C SER A 27 -3.13 -5.48 -11.27
N THR A 28 -3.18 -5.75 -12.57
CA THR A 28 -3.37 -4.77 -13.66
C THR A 28 -4.52 -5.06 -14.64
N ASP A 29 -5.13 -6.24 -14.52
CA ASP A 29 -6.46 -6.56 -15.02
C ASP A 29 -7.59 -5.70 -14.43
N PRO A 30 -8.59 -5.26 -15.22
CA PRO A 30 -9.69 -4.40 -14.75
C PRO A 30 -10.67 -5.09 -13.78
N ASN A 31 -10.55 -6.41 -13.61
CA ASN A 31 -11.47 -7.26 -12.85
C ASN A 31 -11.05 -7.54 -11.40
N ASP A 32 -9.81 -7.28 -11.05
CA ASP A 32 -9.15 -7.71 -9.80
C ASP A 32 -9.60 -7.03 -8.48
N TRP A 33 -10.88 -6.71 -8.34
CA TRP A 33 -11.48 -5.95 -7.23
C TRP A 33 -11.28 -6.55 -5.83
N SER A 34 -11.03 -7.86 -5.74
CA SER A 34 -10.69 -8.56 -4.49
C SER A 34 -9.20 -8.46 -4.13
N ARG A 35 -8.33 -7.97 -5.04
CA ARG A 35 -6.91 -7.68 -4.80
C ARG A 35 -6.73 -6.18 -4.58
N TYR A 36 -7.11 -5.75 -3.38
CA TYR A 36 -7.15 -4.35 -2.94
C TYR A 36 -5.97 -3.89 -2.08
N VAL A 37 -5.95 -2.59 -1.77
CA VAL A 37 -5.44 -2.01 -0.53
C VAL A 37 -6.57 -1.37 0.28
N ASN A 38 -6.57 -1.52 1.61
CA ASN A 38 -7.61 -0.92 2.47
C ASN A 38 -7.17 -0.77 3.95
N SER A 39 -7.49 0.37 4.56
CA SER A 39 -7.09 0.73 5.93
C SER A 39 -8.14 1.57 6.67
N TRP A 40 -7.98 1.62 7.99
CA TRP A 40 -8.96 2.14 8.95
C TRP A 40 -8.28 2.92 10.10
N ASN A 41 -7.28 2.32 10.77
CA ASN A 41 -6.47 2.97 11.82
C ASN A 41 -5.39 3.94 11.28
N LEU A 42 -4.85 3.69 10.08
CA LEU A 42 -3.61 4.31 9.61
C LEU A 42 -3.68 5.84 9.54
N ASP A 43 -2.65 6.48 10.08
CA ASP A 43 -2.46 7.94 10.01
C ASP A 43 -2.12 8.45 8.61
N LEU A 44 -1.53 7.58 7.77
CA LEU A 44 -1.34 7.80 6.34
C LEU A 44 -1.09 6.48 5.61
N LEU A 45 -1.70 6.34 4.43
CA LEU A 45 -1.38 5.36 3.41
C LEU A 45 -1.44 6.07 2.07
N GLU A 46 -0.30 6.16 1.38
CA GLU A 46 -0.19 6.69 0.01
C GLU A 46 0.42 5.67 -0.95
N ILE A 47 -0.07 5.63 -2.18
CA ILE A 47 0.45 4.79 -3.26
C ILE A 47 0.76 5.67 -4.48
N ASN A 48 2.04 5.73 -4.83
CA ASN A 48 2.63 6.71 -5.76
C ASN A 48 2.25 8.17 -5.41
N GLY A 49 2.27 8.49 -4.11
CA GLY A 49 2.05 9.82 -3.55
C GLY A 49 0.58 10.16 -3.29
N THR A 50 -0.36 9.33 -3.76
CA THR A 50 -1.80 9.57 -3.65
C THR A 50 -2.43 8.83 -2.48
N ASP A 51 -3.10 9.56 -1.60
CA ASP A 51 -3.61 9.05 -0.32
C ASP A 51 -4.91 8.21 -0.39
N TYR A 52 -4.93 7.09 0.33
CA TYR A 52 -6.03 6.12 0.46
C TYR A 52 -6.28 5.63 1.91
N THR A 53 -5.72 6.33 2.92
CA THR A 53 -5.70 5.93 4.34
C THR A 53 -6.99 5.54 5.06
N ASN A 54 -8.11 6.07 4.59
CA ASN A 54 -9.46 5.77 5.12
C ASN A 54 -10.46 5.39 4.01
N VAL A 55 -9.95 4.79 2.93
CA VAL A 55 -10.78 4.18 1.87
C VAL A 55 -10.28 2.80 1.39
N TRP A 56 -11.05 2.12 0.55
CA TRP A 56 -10.59 0.96 -0.22
C TRP A 56 -10.19 1.42 -1.63
N VAL A 57 -9.18 0.75 -2.20
CA VAL A 57 -8.70 0.95 -3.58
C VAL A 57 -8.26 -0.38 -4.19
N ALA A 58 -8.57 -0.64 -5.46
CA ALA A 58 -8.07 -1.83 -6.15
C ALA A 58 -6.64 -1.62 -6.67
N GLN A 59 -5.80 -2.66 -6.68
CA GLN A 59 -4.43 -2.58 -7.24
C GLN A 59 -4.42 -2.10 -8.71
N HIS A 60 -5.44 -2.44 -9.49
CA HIS A 60 -5.61 -2.00 -10.88
C HIS A 60 -6.10 -0.55 -11.04
N GLN A 61 -6.39 0.19 -9.95
CA GLN A 61 -6.82 1.61 -10.00
C GLN A 61 -5.68 2.64 -9.87
N ILE A 62 -4.41 2.23 -9.75
CA ILE A 62 -3.32 3.13 -9.35
C ILE A 62 -2.17 3.16 -10.38
N PRO A 63 -1.65 4.33 -10.80
CA PRO A 63 -0.54 4.43 -11.75
C PRO A 63 0.81 3.96 -11.17
N ALA A 64 1.51 3.11 -11.93
CA ALA A 64 2.87 2.65 -11.64
C ALA A 64 3.95 3.75 -11.81
N ALA A 65 5.19 3.43 -11.45
CA ALA A 65 6.37 4.26 -11.64
C ALA A 65 7.00 4.12 -13.04
N SER A 66 8.03 4.91 -13.34
CA SER A 66 8.73 4.94 -14.63
C SER A 66 9.54 3.67 -14.97
N ASP A 67 9.93 2.85 -13.98
CA ASP A 67 10.44 1.48 -14.21
C ASP A 67 9.31 0.43 -14.22
N GLY A 68 8.13 0.74 -13.66
CA GLY A 68 6.90 -0.05 -13.82
C GLY A 68 6.35 -0.71 -12.54
N TYR A 69 6.97 -0.46 -11.38
CA TYR A 69 6.51 -0.87 -10.05
C TYR A 69 5.72 0.20 -9.30
N TRP A 70 5.13 -0.13 -8.15
CA TRP A 70 4.43 0.83 -7.27
C TRP A 70 5.23 1.12 -6.01
N TYR A 71 5.32 2.40 -5.61
CA TYR A 71 5.83 2.78 -4.27
C TYR A 71 4.59 2.77 -3.36
N ILE A 72 4.74 2.29 -2.12
CA ILE A 72 3.71 2.29 -1.07
C ILE A 72 4.31 2.89 0.21
N HIS A 73 3.59 3.82 0.82
CA HIS A 73 3.95 4.55 2.03
C HIS A 73 2.92 4.31 3.12
N TYR A 74 3.39 4.12 4.34
CA TYR A 74 2.58 3.76 5.51
C TYR A 74 3.04 4.64 6.69
N LYS A 75 2.09 5.12 7.49
CA LYS A 75 2.36 5.67 8.82
C LYS A 75 1.31 5.22 9.84
N SER A 76 1.80 4.88 11.03
CA SER A 76 1.01 4.48 12.19
C SER A 76 1.56 5.12 13.47
N GLY A 77 0.69 5.28 14.48
CA GLY A 77 0.98 5.99 15.74
C GLY A 77 0.53 5.24 17.00
N VAL A 78 0.08 3.99 16.85
CA VAL A 78 -0.54 3.16 17.89
C VAL A 78 -0.09 1.70 17.70
N SER A 79 0.02 0.95 18.79
CA SER A 79 0.37 -0.48 18.79
C SER A 79 -0.69 -1.37 18.13
N TRP A 80 -1.93 -0.88 18.07
CA TRP A 80 -3.08 -1.58 17.47
C TRP A 80 -3.19 -1.34 15.95
N GLY A 81 -2.50 -0.30 15.46
CA GLY A 81 -2.47 0.12 14.07
C GLY A 81 -1.89 -0.94 13.15
N HIS A 82 -2.72 -1.49 12.27
CA HIS A 82 -2.37 -2.54 11.32
C HIS A 82 -2.90 -2.23 9.90
N VAL A 83 -2.37 -2.93 8.90
CA VAL A 83 -2.90 -3.00 7.53
C VAL A 83 -2.60 -4.32 6.83
N GLU A 84 -3.37 -4.64 5.80
CA GLU A 84 -3.19 -5.81 4.94
C GLU A 84 -3.34 -5.45 3.45
N ILE A 85 -2.63 -6.18 2.59
CA ILE A 85 -2.70 -6.05 1.12
C ILE A 85 -2.86 -7.44 0.51
N LYS A 86 -3.80 -7.62 -0.44
CA LYS A 86 -4.22 -8.94 -0.94
C LYS A 86 -3.52 -9.45 -2.20
#